data_397D
# 
_entry.id   397D 
# 
_audit_conform.dict_name       mmcif_pdbx.dic 
_audit_conform.dict_version    5.387 
_audit_conform.dict_location   http://mmcif.pdb.org/dictionaries/ascii/mmcif_pdbx.dic 
# 
loop_
_database_2.database_id 
_database_2.database_code 
_database_2.pdbx_database_accession 
_database_2.pdbx_DOI 
PDB   397D         pdb_0000397d 10.2210/pdb397d/pdb 
RCSB  URX075       ?            ?                   
WWPDB D_1000178861 ?            ?                   
# 
loop_
_pdbx_audit_revision_history.ordinal 
_pdbx_audit_revision_history.data_content_type 
_pdbx_audit_revision_history.major_revision 
_pdbx_audit_revision_history.minor_revision 
_pdbx_audit_revision_history.revision_date 
1 'Structure model' 1 0 1998-09-11 
2 'Structure model' 1 1 2008-05-22 
3 'Structure model' 1 2 2011-07-13 
4 'Structure model' 1 3 2024-02-21 
# 
_pdbx_audit_revision_details.ordinal             1 
_pdbx_audit_revision_details.revision_ordinal    1 
_pdbx_audit_revision_details.data_content_type   'Structure model' 
_pdbx_audit_revision_details.provider            repository 
_pdbx_audit_revision_details.type                'Initial release' 
_pdbx_audit_revision_details.description         ? 
_pdbx_audit_revision_details.details             ? 
# 
loop_
_pdbx_audit_revision_group.ordinal 
_pdbx_audit_revision_group.revision_ordinal 
_pdbx_audit_revision_group.data_content_type 
_pdbx_audit_revision_group.group 
1 2 'Structure model' 'Version format compliance' 
2 3 'Structure model' 'Version format compliance' 
3 4 'Structure model' 'Data collection'           
4 4 'Structure model' 'Database references'       
5 4 'Structure model' 'Derived calculations'      
# 
loop_
_pdbx_audit_revision_category.ordinal 
_pdbx_audit_revision_category.revision_ordinal 
_pdbx_audit_revision_category.data_content_type 
_pdbx_audit_revision_category.category 
1 4 'Structure model' chem_comp_atom         
2 4 'Structure model' chem_comp_bond         
3 4 'Structure model' database_2             
4 4 'Structure model' pdbx_struct_conn_angle 
5 4 'Structure model' struct_conn            
6 4 'Structure model' struct_site            
# 
loop_
_pdbx_audit_revision_item.ordinal 
_pdbx_audit_revision_item.revision_ordinal 
_pdbx_audit_revision_item.data_content_type 
_pdbx_audit_revision_item.item 
1  4 'Structure model' '_database_2.pdbx_DOI'                        
2  4 'Structure model' '_database_2.pdbx_database_accession'         
3  4 'Structure model' '_pdbx_struct_conn_angle.ptnr1_auth_asym_id'  
4  4 'Structure model' '_pdbx_struct_conn_angle.ptnr1_auth_comp_id'  
5  4 'Structure model' '_pdbx_struct_conn_angle.ptnr1_auth_seq_id'   
6  4 'Structure model' '_pdbx_struct_conn_angle.ptnr1_label_asym_id' 
7  4 'Structure model' '_pdbx_struct_conn_angle.ptnr1_label_atom_id' 
8  4 'Structure model' '_pdbx_struct_conn_angle.ptnr1_label_comp_id' 
9  4 'Structure model' '_pdbx_struct_conn_angle.ptnr1_label_seq_id'  
10 4 'Structure model' '_pdbx_struct_conn_angle.ptnr3_auth_asym_id'  
11 4 'Structure model' '_pdbx_struct_conn_angle.ptnr3_auth_comp_id'  
12 4 'Structure model' '_pdbx_struct_conn_angle.ptnr3_auth_seq_id'   
13 4 'Structure model' '_pdbx_struct_conn_angle.ptnr3_label_asym_id' 
14 4 'Structure model' '_pdbx_struct_conn_angle.ptnr3_label_atom_id' 
15 4 'Structure model' '_pdbx_struct_conn_angle.ptnr3_label_comp_id' 
16 4 'Structure model' '_pdbx_struct_conn_angle.ptnr3_label_seq_id'  
17 4 'Structure model' '_pdbx_struct_conn_angle.value'               
18 4 'Structure model' '_struct_conn.pdbx_dist_value'                
19 4 'Structure model' '_struct_conn.ptnr1_auth_comp_id'             
20 4 'Structure model' '_struct_conn.ptnr1_auth_seq_id'              
21 4 'Structure model' '_struct_conn.ptnr1_label_asym_id'            
22 4 'Structure model' '_struct_conn.ptnr1_label_atom_id'            
23 4 'Structure model' '_struct_conn.ptnr1_label_comp_id'            
24 4 'Structure model' '_struct_conn.ptnr1_label_seq_id'             
25 4 'Structure model' '_struct_conn.ptnr2_auth_asym_id'             
26 4 'Structure model' '_struct_conn.ptnr2_auth_comp_id'             
27 4 'Structure model' '_struct_conn.ptnr2_auth_seq_id'              
28 4 'Structure model' '_struct_conn.ptnr2_label_asym_id'            
29 4 'Structure model' '_struct_conn.ptnr2_label_atom_id'            
30 4 'Structure model' '_struct_conn.ptnr2_label_comp_id'            
31 4 'Structure model' '_struct_conn.ptnr2_label_seq_id'             
32 4 'Structure model' '_struct_site.pdbx_auth_asym_id'              
33 4 'Structure model' '_struct_site.pdbx_auth_comp_id'              
34 4 'Structure model' '_struct_site.pdbx_auth_seq_id'               
# 
_pdbx_database_status.status_code                     REL 
_pdbx_database_status.entry_id                        397D 
_pdbx_database_status.recvd_initial_deposition_date   1998-04-30 
_pdbx_database_status.deposit_site                    NDB 
_pdbx_database_status.process_site                    NDB 
_pdbx_database_status.status_code_sf                  REL 
_pdbx_database_status.status_code_mr                  ? 
_pdbx_database_status.SG_entry                        ? 
_pdbx_database_status.pdb_format_compatible           Y 
_pdbx_database_status.status_code_cs                  ? 
_pdbx_database_status.status_code_nmr_data            ? 
_pdbx_database_status.methods_development_category    ? 
# 
loop_
_audit_author.name 
_audit_author.pdbx_ordinal 
'Ippolito, J.A.' 1 
'Steitz, T.A.'   2 
# 
_citation.id                        primary 
_citation.title                     
;A 1.3-A resolution crystal structure of the HIV-1 trans-activation response region RNA stem reveals a metal ion-dependent bulge conformation.
;
_citation.journal_abbrev            Proc.Natl.Acad.Sci.USA 
_citation.journal_volume            95 
_citation.page_first                9819 
_citation.page_last                 9824 
_citation.year                      1998 
_citation.journal_id_ASTM           PNASA6 
_citation.country                   US 
_citation.journal_id_ISSN           0027-8424 
_citation.journal_id_CSD            0040 
_citation.book_publisher            ? 
_citation.pdbx_database_id_PubMed   9707559 
_citation.pdbx_database_id_DOI      10.1073/pnas.95.17.9819 
# 
loop_
_citation_author.citation_id 
_citation_author.name 
_citation_author.ordinal 
_citation_author.identifier_ORCID 
primary 'Ippolito, J.A.' 1 ? 
primary 'Steitz, T.A.'   2 ? 
# 
loop_
_entity.id 
_entity.type 
_entity.src_method 
_entity.pdbx_description 
_entity.formula_weight 
_entity.pdbx_number_of_molecules 
_entity.pdbx_ec 
_entity.pdbx_mutation 
_entity.pdbx_fragment 
_entity.details 
1 polymer     syn 
;RNA (5'-R(*GP*GP*CP*CP*AP*GP*AP*UP*CP*UP*GP*AP*GP*CP*G)-3')
;
4846.954 1   ? ? ? ? 
2 polymer     syn 
;RNA (5'-R(*GP*CP*UP*CP*UP*CP*UP*GP*GP*CP*CP*C)-3')
;
3740.248 1   ? ? ? ? 
3 non-polymer syn 'CALCIUM ION'                                                 40.078   4   ? ? ? ? 
4 water       nat water                                                         18.015   178 ? ? ? ? 
# 
loop_
_entity_poly.entity_id 
_entity_poly.type 
_entity_poly.nstd_linkage 
_entity_poly.nstd_monomer 
_entity_poly.pdbx_seq_one_letter_code 
_entity_poly.pdbx_seq_one_letter_code_can 
_entity_poly.pdbx_strand_id 
_entity_poly.pdbx_target_identifier 
1 polyribonucleotide no no GGCCAGAUCUGAGCG GGCCAGAUCUGAGCG A ? 
2 polyribonucleotide no no GCUCUCUGGCCC    GCUCUCUGGCCC    B ? 
# 
loop_
_pdbx_entity_nonpoly.entity_id 
_pdbx_entity_nonpoly.name 
_pdbx_entity_nonpoly.comp_id 
3 'CALCIUM ION' CA  
4 water         HOH 
# 
loop_
_entity_poly_seq.entity_id 
_entity_poly_seq.num 
_entity_poly_seq.mon_id 
_entity_poly_seq.hetero 
1 1  G n 
1 2  G n 
1 3  C n 
1 4  C n 
1 5  A n 
1 6  G n 
1 7  A n 
1 8  U n 
1 9  C n 
1 10 U n 
1 11 G n 
1 12 A n 
1 13 G n 
1 14 C n 
1 15 G n 
2 1  G n 
2 2  C n 
2 3  U n 
2 4  C n 
2 5  U n 
2 6  C n 
2 7  U n 
2 8  G n 
2 9  G n 
2 10 C n 
2 11 C n 
2 12 C n 
# 
loop_
_chem_comp.id 
_chem_comp.type 
_chem_comp.mon_nstd_flag 
_chem_comp.name 
_chem_comp.pdbx_synonyms 
_chem_comp.formula 
_chem_comp.formula_weight 
A   'RNA linking' y "ADENOSINE-5'-MONOPHOSPHATE" ? 'C10 H14 N5 O7 P' 347.221 
C   'RNA linking' y "CYTIDINE-5'-MONOPHOSPHATE"  ? 'C9 H14 N3 O8 P'  323.197 
CA  non-polymer   . 'CALCIUM ION'                ? 'Ca 2'            40.078  
G   'RNA linking' y "GUANOSINE-5'-MONOPHOSPHATE" ? 'C10 H14 N5 O8 P' 363.221 
HOH non-polymer   . WATER                        ? 'H2 O'            18.015  
U   'RNA linking' y "URIDINE-5'-MONOPHOSPHATE"   ? 'C9 H13 N2 O9 P'  324.181 
# 
loop_
_pdbx_poly_seq_scheme.asym_id 
_pdbx_poly_seq_scheme.entity_id 
_pdbx_poly_seq_scheme.seq_id 
_pdbx_poly_seq_scheme.mon_id 
_pdbx_poly_seq_scheme.ndb_seq_num 
_pdbx_poly_seq_scheme.pdb_seq_num 
_pdbx_poly_seq_scheme.auth_seq_num 
_pdbx_poly_seq_scheme.pdb_mon_id 
_pdbx_poly_seq_scheme.auth_mon_id 
_pdbx_poly_seq_scheme.pdb_strand_id 
_pdbx_poly_seq_scheme.pdb_ins_code 
_pdbx_poly_seq_scheme.hetero 
A 1 1  G 1  16 16 G G A . n 
A 1 2  G 2  17 17 G G A . n 
A 1 3  C 3  18 18 C C A . n 
A 1 4  C 4  19 19 C C A . n 
A 1 5  A 5  20 20 A A A . n 
A 1 6  G 6  21 21 G G A . n 
A 1 7  A 7  22 22 A A A . n 
A 1 8  U 8  23 23 U U A . n 
A 1 9  C 9  24 24 C C A . n 
A 1 10 U 10 25 25 U U A . n 
A 1 11 G 11 26 26 G G A . n 
A 1 12 A 12 27 27 A A A . n 
A 1 13 G 13 28 28 G G A . n 
A 1 14 C 14 29 29 C C A . n 
A 1 15 G 15 30 30 G G A . n 
B 2 1  G 1  36 36 G G B . n 
B 2 2  C 2  37 37 C C B . n 
B 2 3  U 3  38 38 U U B . n 
B 2 4  C 4  39 39 C C B . n 
B 2 5  U 5  40 40 U U B . n 
B 2 6  C 6  41 41 C C B . n 
B 2 7  U 7  42 42 U U B . n 
B 2 8  G 8  43 43 G G B . n 
B 2 9  G 9  44 44 G G B . n 
B 2 10 C 10 45 45 C C B . n 
B 2 11 C 11 46 46 C C B . n 
B 2 12 C 12 47 47 C C B . n 
# 
loop_
_pdbx_nonpoly_scheme.asym_id 
_pdbx_nonpoly_scheme.entity_id 
_pdbx_nonpoly_scheme.mon_id 
_pdbx_nonpoly_scheme.ndb_seq_num 
_pdbx_nonpoly_scheme.pdb_seq_num 
_pdbx_nonpoly_scheme.auth_seq_num 
_pdbx_nonpoly_scheme.pdb_mon_id 
_pdbx_nonpoly_scheme.auth_mon_id 
_pdbx_nonpoly_scheme.pdb_strand_id 
_pdbx_nonpoly_scheme.pdb_ins_code 
C 3 CA  1   48  48  CA  CA  A . 
D 3 CA  1   49  49  CA  CA  A . 
E 3 CA  1   51  51  CA  CA  A . 
F 3 CA  1   50  50  CA  CA  A . 
G 4 HOH 1   52  52  HOH HOH A . 
G 4 HOH 2   53  53  HOH HOH A . 
G 4 HOH 3   54  54  HOH HOH A . 
G 4 HOH 4   55  55  HOH HOH A . 
G 4 HOH 5   56  56  HOH HOH A . 
G 4 HOH 6   57  57  HOH HOH A . 
G 4 HOH 7   58  58  HOH HOH A . 
G 4 HOH 8   59  59  HOH HOH A . 
G 4 HOH 9   60  60  HOH HOH A . 
G 4 HOH 10  61  61  HOH HOH A . 
G 4 HOH 11  62  62  HOH HOH A . 
G 4 HOH 12  63  63  HOH HOH A . 
G 4 HOH 13  64  64  HOH HOH A . 
G 4 HOH 14  65  65  HOH HOH A . 
G 4 HOH 15  66  66  HOH HOH A . 
G 4 HOH 16  67  67  HOH HOH A . 
G 4 HOH 17  68  68  HOH HOH A . 
G 4 HOH 18  69  69  HOH HOH A . 
G 4 HOH 19  70  70  HOH HOH A . 
G 4 HOH 20  71  71  HOH HOH A . 
G 4 HOH 21  72  72  HOH HOH A . 
G 4 HOH 22  73  73  HOH HOH A . 
G 4 HOH 23  74  74  HOH HOH A . 
G 4 HOH 24  76  76  HOH HOH A . 
G 4 HOH 25  77  77  HOH HOH A . 
G 4 HOH 26  81  81  HOH HOH A . 
G 4 HOH 27  82  82  HOH HOH A . 
G 4 HOH 28  83  83  HOH HOH A . 
G 4 HOH 29  84  84  HOH HOH A . 
G 4 HOH 30  85  85  HOH HOH A . 
G 4 HOH 31  86  86  HOH HOH A . 
G 4 HOH 32  91  91  HOH HOH A . 
G 4 HOH 33  92  92  HOH HOH A . 
G 4 HOH 34  93  93  HOH HOH A . 
G 4 HOH 35  94  94  HOH HOH A . 
G 4 HOH 36  96  96  HOH HOH A . 
G 4 HOH 37  97  97  HOH HOH A . 
G 4 HOH 38  98  98  HOH HOH A . 
G 4 HOH 39  99  99  HOH HOH A . 
G 4 HOH 40  100 100 HOH HOH A . 
G 4 HOH 41  101 101 HOH HOH A . 
G 4 HOH 42  104 104 HOH HOH A . 
G 4 HOH 43  105 105 HOH HOH A . 
G 4 HOH 44  106 106 HOH HOH A . 
G 4 HOH 45  107 107 HOH HOH A . 
G 4 HOH 46  110 110 HOH HOH A . 
G 4 HOH 47  111 111 HOH HOH A . 
G 4 HOH 48  112 112 HOH HOH A . 
G 4 HOH 49  113 113 HOH HOH A . 
G 4 HOH 50  115 115 HOH HOH A . 
G 4 HOH 51  116 116 HOH HOH A . 
G 4 HOH 52  122 122 HOH HOH A . 
G 4 HOH 53  123 123 HOH HOH A . 
G 4 HOH 54  124 124 HOH HOH A . 
G 4 HOH 55  127 127 HOH HOH A . 
G 4 HOH 56  128 128 HOH HOH A . 
G 4 HOH 57  129 129 HOH HOH A . 
G 4 HOH 58  131 131 HOH HOH A . 
G 4 HOH 59  135 135 HOH HOH A . 
G 4 HOH 60  136 136 HOH HOH A . 
G 4 HOH 61  140 140 HOH HOH A . 
G 4 HOH 62  141 141 HOH HOH A . 
G 4 HOH 63  142 142 HOH HOH A . 
G 4 HOH 64  144 144 HOH HOH A . 
G 4 HOH 65  145 145 HOH HOH A . 
G 4 HOH 66  148 148 HOH HOH A . 
G 4 HOH 67  149 149 HOH HOH A . 
G 4 HOH 68  153 153 HOH HOH A . 
G 4 HOH 69  154 154 HOH HOH A . 
G 4 HOH 70  155 155 HOH HOH A . 
G 4 HOH 71  156 156 HOH HOH A . 
G 4 HOH 72  157 157 HOH HOH A . 
G 4 HOH 73  158 158 HOH HOH A . 
G 4 HOH 74  159 159 HOH HOH A . 
G 4 HOH 75  164 164 HOH HOH A . 
G 4 HOH 76  165 165 HOH HOH A . 
G 4 HOH 77  166 166 HOH HOH A . 
G 4 HOH 78  167 167 HOH HOH A . 
G 4 HOH 79  168 168 HOH HOH A . 
G 4 HOH 80  169 169 HOH HOH A . 
G 4 HOH 81  170 170 HOH HOH A . 
G 4 HOH 82  172 172 HOH HOH A . 
G 4 HOH 83  173 173 HOH HOH A . 
G 4 HOH 84  176 176 HOH HOH A . 
G 4 HOH 85  178 178 HOH HOH A . 
G 4 HOH 86  179 179 HOH HOH A . 
G 4 HOH 87  181 181 HOH HOH A . 
G 4 HOH 88  182 182 HOH HOH A . 
G 4 HOH 89  183 183 HOH HOH A . 
G 4 HOH 90  189 189 HOH HOH A . 
G 4 HOH 91  193 193 HOH HOH A . 
G 4 HOH 92  195 195 HOH HOH A . 
G 4 HOH 93  196 196 HOH HOH A . 
G 4 HOH 94  201 201 HOH HOH A . 
G 4 HOH 95  203 203 HOH HOH A . 
G 4 HOH 96  205 205 HOH HOH A . 
G 4 HOH 97  206 206 HOH HOH A . 
G 4 HOH 98  207 207 HOH HOH A . 
G 4 HOH 99  208 208 HOH HOH A . 
G 4 HOH 100 209 209 HOH HOH A . 
G 4 HOH 101 210 210 HOH HOH A . 
G 4 HOH 102 214 214 HOH HOH A . 
G 4 HOH 103 215 215 HOH HOH A . 
G 4 HOH 104 216 216 HOH HOH A . 
G 4 HOH 105 217 217 HOH HOH A . 
G 4 HOH 106 218 218 HOH HOH A . 
G 4 HOH 107 223 223 HOH HOH A . 
G 4 HOH 108 224 224 HOH HOH A . 
G 4 HOH 109 225 225 HOH HOH A . 
G 4 HOH 110 226 226 HOH HOH A . 
H 4 HOH 1   75  75  HOH HOH B . 
H 4 HOH 2   78  78  HOH HOH B . 
H 4 HOH 3   79  79  HOH HOH B . 
H 4 HOH 4   80  80  HOH HOH B . 
H 4 HOH 5   87  87  HOH HOH B . 
H 4 HOH 6   88  88  HOH HOH B . 
H 4 HOH 7   89  89  HOH HOH B . 
H 4 HOH 8   90  90  HOH HOH B . 
H 4 HOH 9   95  95  HOH HOH B . 
H 4 HOH 10  102 102 HOH HOH B . 
H 4 HOH 11  103 103 HOH HOH B . 
H 4 HOH 12  108 108 HOH HOH B . 
H 4 HOH 13  109 109 HOH HOH B . 
H 4 HOH 14  114 114 HOH HOH B . 
H 4 HOH 15  117 117 HOH HOH B . 
H 4 HOH 16  118 118 HOH HOH B . 
H 4 HOH 17  119 119 HOH HOH B . 
H 4 HOH 18  120 120 HOH HOH B . 
H 4 HOH 19  121 121 HOH HOH B . 
H 4 HOH 20  125 125 HOH HOH B . 
H 4 HOH 21  126 126 HOH HOH B . 
H 4 HOH 22  130 130 HOH HOH B . 
H 4 HOH 23  132 132 HOH HOH B . 
H 4 HOH 24  133 133 HOH HOH B . 
H 4 HOH 25  134 134 HOH HOH B . 
H 4 HOH 26  137 137 HOH HOH B . 
H 4 HOH 27  138 138 HOH HOH B . 
H 4 HOH 28  139 139 HOH HOH B . 
H 4 HOH 29  143 143 HOH HOH B . 
H 4 HOH 30  146 146 HOH HOH B . 
H 4 HOH 31  147 147 HOH HOH B . 
H 4 HOH 32  150 150 HOH HOH B . 
H 4 HOH 33  151 151 HOH HOH B . 
H 4 HOH 34  152 152 HOH HOH B . 
H 4 HOH 35  160 160 HOH HOH B . 
H 4 HOH 36  161 161 HOH HOH B . 
H 4 HOH 37  162 162 HOH HOH B . 
H 4 HOH 38  163 163 HOH HOH B . 
H 4 HOH 39  171 171 HOH HOH B . 
H 4 HOH 40  174 174 HOH HOH B . 
H 4 HOH 41  175 175 HOH HOH B . 
H 4 HOH 42  177 177 HOH HOH B . 
H 4 HOH 43  180 180 HOH HOH B . 
H 4 HOH 44  184 184 HOH HOH B . 
H 4 HOH 45  185 185 HOH HOH B . 
H 4 HOH 46  186 186 HOH HOH B . 
H 4 HOH 47  187 187 HOH HOH B . 
H 4 HOH 48  188 188 HOH HOH B . 
H 4 HOH 49  190 190 HOH HOH B . 
H 4 HOH 50  191 191 HOH HOH B . 
H 4 HOH 51  192 192 HOH HOH B . 
H 4 HOH 52  194 194 HOH HOH B . 
H 4 HOH 53  197 197 HOH HOH B . 
H 4 HOH 54  198 198 HOH HOH B . 
H 4 HOH 55  199 199 HOH HOH B . 
H 4 HOH 56  200 200 HOH HOH B . 
H 4 HOH 57  202 202 HOH HOH B . 
H 4 HOH 58  204 204 HOH HOH B . 
H 4 HOH 59  211 211 HOH HOH B . 
H 4 HOH 60  212 212 HOH HOH B . 
H 4 HOH 61  213 213 HOH HOH B . 
H 4 HOH 62  219 219 HOH HOH B . 
H 4 HOH 63  220 220 HOH HOH B . 
H 4 HOH 64  221 221 HOH HOH B . 
H 4 HOH 65  222 222 HOH HOH B . 
H 4 HOH 66  227 227 HOH HOH B . 
H 4 HOH 67  228 228 HOH HOH B . 
H 4 HOH 68  229 229 HOH HOH B . 
# 
loop_
_software.name 
_software.classification 
_software.version 
_software.citation_id 
_software.pdbx_ordinal 
SHELXL-97 refinement       . ? 1 
DENZO     'data reduction' . ? 2 
SCALEPACK 'data scaling'   . ? 3 
# 
_cell.entry_id           397D 
_cell.length_a           27.100 
_cell.length_b           27.100 
_cell.length_c           31.600 
_cell.angle_alpha        69.20 
_cell.angle_beta         77.50 
_cell.angle_gamma        63.00 
_cell.Z_PDB              1 
_cell.pdbx_unique_axis   ? 
# 
_symmetry.entry_id                         397D 
_symmetry.space_group_name_H-M             'P 1' 
_symmetry.pdbx_full_space_group_name_H-M   ? 
_symmetry.cell_setting                     ? 
_symmetry.Int_Tables_number                1 
# 
_exptl.entry_id          397D 
_exptl.method            'X-RAY DIFFRACTION' 
_exptl.crystals_number   2 
# 
_exptl_crystal.id                    1 
_exptl_crystal.density_meas          ? 
_exptl_crystal.density_Matthews      2.25 
_exptl_crystal.density_percent_sol   45.24 
_exptl_crystal.description           ? 
# 
_exptl_crystal_grow.crystal_id      1 
_exptl_crystal_grow.method          'VAPOR DIFFUSION, HANGING DROP' 
_exptl_crystal_grow.temp            292.00 
_exptl_crystal_grow.temp_details    ? 
_exptl_crystal_grow.pH              6.00 
_exptl_crystal_grow.pdbx_details    'pH 6.00, VAPOR DIFFUSION, HANGING DROP, temperature 292.00K' 
_exptl_crystal_grow.pdbx_pH_range   ? 
# 
loop_
_exptl_crystal_grow_comp.crystal_id 
_exptl_crystal_grow_comp.id 
_exptl_crystal_grow_comp.sol_id 
_exptl_crystal_grow_comp.name 
_exptl_crystal_grow_comp.volume 
_exptl_crystal_grow_comp.conc 
_exptl_crystal_grow_comp.details 
1 1  1 WATER                  ? ? ? 
1 2  1 MGCL2                  ? ? ? 
1 3  1 NA-CACODYLATE          ? ? ? 
1 4  1 NH4CL                  ? ? ? 
1 5  1 CACL2                  ? ? ? 
1 6  2 WATER                  ? ? ? 
1 7  2 NH4CL                  ? ? ? 
1 8  2 CACL2                  ? ? ? 
1 9  2 'PRECIPITATING BUFFER' ? ? ? 
1 10 3 'ETHYLENE GLYCOL'      ? ? ? 
# 
loop_
_diffrn.id 
_diffrn.ambient_temp 
_diffrn.ambient_temp_details 
_diffrn.crystal_id 
1 100.00 ? 1 
2 ?      ? 1 
# 
loop_
_diffrn_detector.diffrn_id 
_diffrn_detector.detector 
_diffrn_detector.type 
_diffrn_detector.pdbx_collection_date 
_diffrn_detector.details 
1 CCD           'PRINCETON 2K'    1997-05-01 ? 
2 'IMAGE PLATE' 'RIGAKU RAXIS IV' ?          ? 
# 
loop_
_diffrn_radiation.diffrn_id 
_diffrn_radiation.wavelength_id 
_diffrn_radiation.pdbx_monochromatic_or_laue_m_l 
_diffrn_radiation.monochromator 
_diffrn_radiation.pdbx_diffrn_protocol 
_diffrn_radiation.pdbx_scattering_type 
1 1 ? ? ? x-ray 
2 2 ? ? ? x-ray 
# 
loop_
_diffrn_radiation_wavelength.id 
_diffrn_radiation_wavelength.wavelength 
_diffrn_radiation_wavelength.wt 
1 . 1.0 
2 . 1.0 
# 
loop_
_diffrn_source.diffrn_id 
_diffrn_source.source 
_diffrn_source.type 
_diffrn_source.pdbx_synchrotron_site 
_diffrn_source.pdbx_synchrotron_beamline 
_diffrn_source.pdbx_wavelength 
_diffrn_source.pdbx_wavelength_list 
1 SYNCHROTRON      'CHESS BEAMLINE A1' CHESS A1 ? ? 
2 'ROTATING ANODE' 'RIGAKU RU300'      ?     ?  ? ? 
# 
_reflns.entry_id                     397D 
_reflns.observed_criterion_sigma_I   -3.000 
_reflns.observed_criterion_sigma_F   ? 
_reflns.d_resolution_low             20.000 
_reflns.d_resolution_high            1.300 
_reflns.number_obs                   17465 
_reflns.number_all                   ? 
_reflns.percent_possible_obs         95.000 
_reflns.pdbx_Rmerge_I_obs            0.0600000 
_reflns.pdbx_Rsym_value              ? 
_reflns.pdbx_netI_over_sigmaI        ? 
_reflns.B_iso_Wilson_estimate        ? 
_reflns.pdbx_redundancy              4.800 
_reflns.pdbx_diffrn_id               1,2 
_reflns.pdbx_ordinal                 1 
# 
_refine.entry_id                                 397D 
_refine.ls_number_reflns_obs                     ? 
_refine.ls_number_reflns_all                     17465 
_refine.pdbx_ls_sigma_I                          ? 
_refine.pdbx_ls_sigma_F                          0.000 
_refine.pdbx_data_cutoff_high_absF               20.000 
_refine.pdbx_data_cutoff_low_absF                15734.0 
_refine.pdbx_data_cutoff_high_rms_absF           ? 
_refine.ls_d_res_low                             20.000 
_refine.ls_d_res_high                            1.300 
_refine.ls_percent_reflns_obs                    85.000 
_refine.ls_R_factor_obs                          0.1260000 
_refine.ls_R_factor_all                          0.1310000 
_refine.ls_R_factor_R_work                       ? 
_refine.ls_R_factor_R_free                       0.1770000 
_refine.ls_R_factor_R_free_error                 ? 
_refine.ls_R_factor_R_free_error_details         ? 
_refine.ls_percent_reflns_R_free                 0.099 
_refine.ls_number_reflns_R_free                  1731 
_refine.ls_number_parameters                     ? 
_refine.ls_number_restraints                     ? 
_refine.occupancy_min                            ? 
_refine.occupancy_max                            ? 
_refine.B_iso_mean                               ? 
_refine.aniso_B[1][1]                            ? 
_refine.aniso_B[2][2]                            ? 
_refine.aniso_B[3][3]                            ? 
_refine.aniso_B[1][2]                            ? 
_refine.aniso_B[1][3]                            ? 
_refine.aniso_B[2][3]                            ? 
_refine.solvent_model_details                    ? 
_refine.solvent_model_param_ksol                 ? 
_refine.solvent_model_param_bsol                 ? 
_refine.pdbx_ls_cross_valid_method               'R FREE' 
_refine.details                                  ? 
_refine.pdbx_starting_model                      ? 
_refine.pdbx_method_to_determine_struct          ? 
_refine.pdbx_isotropic_thermal_model             ? 
_refine.pdbx_stereochemistry_target_values       ? 
_refine.pdbx_stereochem_target_val_spec_case     ? 
_refine.pdbx_R_Free_selection_details            RANDOM 
_refine.pdbx_overall_ESU_R                       ? 
_refine.pdbx_overall_ESU_R_Free                  ? 
_refine.overall_SU_ML                            ? 
_refine.overall_SU_B                             ? 
_refine.pdbx_refine_id                           'X-RAY DIFFRACTION' 
_refine.pdbx_diffrn_id                           1 
_refine.pdbx_TLS_residual_ADP_flag               ? 
_refine.correlation_coeff_Fo_to_Fc               ? 
_refine.correlation_coeff_Fo_to_Fc_free          ? 
_refine.pdbx_solvent_vdw_probe_radii             ? 
_refine.pdbx_solvent_ion_probe_radii             ? 
_refine.pdbx_solvent_shrinkage_radii             ? 
_refine.pdbx_overall_phase_error                 ? 
_refine.overall_SU_R_Cruickshank_DPI             ? 
_refine.pdbx_overall_SU_R_free_Cruickshank_DPI   ? 
_refine.pdbx_overall_SU_R_Blow_DPI               ? 
_refine.pdbx_overall_SU_R_free_Blow_DPI          ? 
# 
_refine_hist.pdbx_refine_id                   'X-RAY DIFFRACTION' 
_refine_hist.cycle_id                         LAST 
_refine_hist.pdbx_number_atoms_protein        0 
_refine_hist.pdbx_number_atoms_nucleic_acid   567 
_refine_hist.pdbx_number_atoms_ligand         4 
_refine_hist.number_atoms_solvent             178 
_refine_hist.number_atoms_total               749 
_refine_hist.d_res_high                       1.300 
_refine_hist.d_res_low                        20.000 
# 
loop_
_refine_ls_restr.type 
_refine_ls_restr.dev_ideal 
_refine_ls_restr.dev_ideal_target 
_refine_ls_restr.weight 
_refine_ls_restr.number 
_refine_ls_restr.pdbx_refine_id 
_refine_ls_restr.pdbx_restraint_function 
s_bond_d               0.009 ? ? ? 'X-RAY DIFFRACTION' ? 
s_angle_d              0.025 ? ? ? 'X-RAY DIFFRACTION' ? 
s_similar_dist         ?     ? ? ? 'X-RAY DIFFRACTION' ? 
s_from_restr_planes    ?     ? ? ? 'X-RAY DIFFRACTION' ? 
s_zero_chiral_vol      ?     ? ? ? 'X-RAY DIFFRACTION' ? 
s_non_zero_chiral_vol  ?     ? ? ? 'X-RAY DIFFRACTION' ? 
s_anti_bump_dis_restr  ?     ? ? ? 'X-RAY DIFFRACTION' ? 
s_rigid_bond_adp_cmpnt ?     ? ? ? 'X-RAY DIFFRACTION' ? 
s_similar_adp_cmpnt    ?     ? ? ? 'X-RAY DIFFRACTION' ? 
s_approx_iso_adps      ?     ? ? ? 'X-RAY DIFFRACTION' ? 
# 
_struct.entry_id                  397D 
_struct.title                     
;A 1.3 A RESOLUTION CRYSTAL STRUCTURE OF THE HIV-1 TRANS-ACTIVATION RESPONSE REGION RNA STEM REVEALS A METAL ION-DEPENDENT BULGE CONFORMATION
;
_struct.pdbx_model_details        ? 
_struct.pdbx_CASP_flag            ? 
_struct.pdbx_model_type_details   ? 
# 
_struct_keywords.entry_id        397D 
_struct_keywords.pdbx_keywords   RNA 
_struct_keywords.text            'DOUBLE HELIX, OVERHANGING BASES, RNA' 
# 
loop_
_struct_asym.id 
_struct_asym.pdbx_blank_PDB_chainid_flag 
_struct_asym.pdbx_modified 
_struct_asym.entity_id 
_struct_asym.details 
A N N 1 ? 
B N N 2 ? 
C N N 3 ? 
D N N 3 ? 
E N N 3 ? 
F N N 3 ? 
G N N 4 ? 
H N N 4 ? 
# 
loop_
_struct_ref.id 
_struct_ref.entity_id 
_struct_ref.db_name 
_struct_ref.db_code 
_struct_ref.pdbx_db_accession 
_struct_ref.pdbx_db_isoform 
_struct_ref.pdbx_seq_one_letter_code 
_struct_ref.pdbx_align_begin 
1 1 PDB 397D 397D ? ? ? 
2 2 PDB 397D 397D ? ? ? 
# 
loop_
_struct_ref_seq.align_id 
_struct_ref_seq.ref_id 
_struct_ref_seq.pdbx_PDB_id_code 
_struct_ref_seq.pdbx_strand_id 
_struct_ref_seq.seq_align_beg 
_struct_ref_seq.pdbx_seq_align_beg_ins_code 
_struct_ref_seq.seq_align_end 
_struct_ref_seq.pdbx_seq_align_end_ins_code 
_struct_ref_seq.pdbx_db_accession 
_struct_ref_seq.db_align_beg 
_struct_ref_seq.pdbx_db_align_beg_ins_code 
_struct_ref_seq.db_align_end 
_struct_ref_seq.pdbx_db_align_end_ins_code 
_struct_ref_seq.pdbx_auth_seq_align_beg 
_struct_ref_seq.pdbx_auth_seq_align_end 
1 1 397D A 1 ? 15 ? 397D 16 ? 30 ? 16 30 
2 2 397D B 1 ? 12 ? 397D 36 ? 47 ? 36 47 
# 
_pdbx_struct_assembly.id                   1 
_pdbx_struct_assembly.details              author_defined_assembly 
_pdbx_struct_assembly.method_details       ? 
_pdbx_struct_assembly.oligomeric_details   dimeric 
_pdbx_struct_assembly.oligomeric_count     2 
# 
_pdbx_struct_assembly_gen.assembly_id       1 
_pdbx_struct_assembly_gen.oper_expression   1 
_pdbx_struct_assembly_gen.asym_id_list      A,B,C,D,E,F,G,H 
# 
_pdbx_struct_oper_list.id                   1 
_pdbx_struct_oper_list.type                 'identity operation' 
_pdbx_struct_oper_list.name                 1_555 
_pdbx_struct_oper_list.symmetry_operation   x,y,z 
_pdbx_struct_oper_list.matrix[1][1]         1.0000000000 
_pdbx_struct_oper_list.matrix[1][2]         0.0000000000 
_pdbx_struct_oper_list.matrix[1][3]         0.0000000000 
_pdbx_struct_oper_list.vector[1]            0.0000000000 
_pdbx_struct_oper_list.matrix[2][1]         0.0000000000 
_pdbx_struct_oper_list.matrix[2][2]         1.0000000000 
_pdbx_struct_oper_list.matrix[2][3]         0.0000000000 
_pdbx_struct_oper_list.vector[2]            0.0000000000 
_pdbx_struct_oper_list.matrix[3][1]         0.0000000000 
_pdbx_struct_oper_list.matrix[3][2]         0.0000000000 
_pdbx_struct_oper_list.matrix[3][3]         1.0000000000 
_pdbx_struct_oper_list.vector[3]            0.0000000000 
# 
_struct_biol.id   1 
# 
loop_
_struct_conn.id 
_struct_conn.conn_type_id 
_struct_conn.pdbx_leaving_atom_flag 
_struct_conn.pdbx_PDB_id 
_struct_conn.ptnr1_label_asym_id 
_struct_conn.ptnr1_label_comp_id 
_struct_conn.ptnr1_label_seq_id 
_struct_conn.ptnr1_label_atom_id 
_struct_conn.pdbx_ptnr1_label_alt_id 
_struct_conn.pdbx_ptnr1_PDB_ins_code 
_struct_conn.pdbx_ptnr1_standard_comp_id 
_struct_conn.ptnr1_symmetry 
_struct_conn.ptnr2_label_asym_id 
_struct_conn.ptnr2_label_comp_id 
_struct_conn.ptnr2_label_seq_id 
_struct_conn.ptnr2_label_atom_id 
_struct_conn.pdbx_ptnr2_label_alt_id 
_struct_conn.pdbx_ptnr2_PDB_ins_code 
_struct_conn.ptnr1_auth_asym_id 
_struct_conn.ptnr1_auth_comp_id 
_struct_conn.ptnr1_auth_seq_id 
_struct_conn.ptnr2_auth_asym_id 
_struct_conn.ptnr2_auth_comp_id 
_struct_conn.ptnr2_auth_seq_id 
_struct_conn.ptnr2_symmetry 
_struct_conn.pdbx_ptnr3_label_atom_id 
_struct_conn.pdbx_ptnr3_label_seq_id 
_struct_conn.pdbx_ptnr3_label_comp_id 
_struct_conn.pdbx_ptnr3_label_asym_id 
_struct_conn.pdbx_ptnr3_label_alt_id 
_struct_conn.pdbx_ptnr3_PDB_ins_code 
_struct_conn.details 
_struct_conn.pdbx_dist_value 
_struct_conn.pdbx_value_order 
_struct_conn.pdbx_role 
metalc1  metalc ? ? A U  8  OP1 ? ? ? 1_555 C CA  .  CA ? ? A U  23 A CA  48  1_555 ? ? ? ? ? ? ?            2.278 ? ? 
metalc2  metalc ? ? A C  9  OP2 ? ? ? 1_555 C CA  .  CA ? ? A C  24 A CA  48  1_555 ? ? ? ? ? ? ?            2.316 ? ? 
metalc3  metalc ? ? A G  11 OP2 ? ? ? 1_555 C CA  .  CA ? ? A G  26 A CA  48  1_555 ? ? ? ? ? ? ?            2.318 ? ? 
metalc4  metalc ? ? A G  11 OP1 ? ? ? 1_555 D CA  .  CA ? ? A G  26 A CA  49  1_555 ? ? ? ? ? ? ?            2.356 ? ? 
metalc5  metalc ? ? A A  12 OP1 ? ? ? 1_555 F CA  .  CA ? ? A A  27 A CA  50  1_555 ? ? ? ? ? ? ?            2.317 ? ? 
metalc6  metalc ? ? C CA .  CA  ? ? ? 1_555 G HOH .  O  ? ? A CA 48 A HOH 52  1_555 ? ? ? ? ? ? ?            2.419 ? ? 
metalc7  metalc ? ? C CA .  CA  ? ? ? 1_555 G HOH .  O  ? ? A CA 48 A HOH 53  1_555 ? ? ? ? ? ? ?            2.373 ? ? 
metalc8  metalc ? ? C CA .  CA  ? ? ? 1_555 G HOH .  O  ? ? A CA 48 A HOH 54  1_555 ? ? ? ? ? ? ?            2.363 ? ? 
metalc9  metalc ? ? D CA .  CA  ? ? ? 1_555 G HOH .  O  ? ? A CA 49 A HOH 55  1_555 ? ? ? ? ? ? ?            2.416 ? ? 
metalc10 metalc ? ? D CA .  CA  ? ? ? 1_555 G HOH .  O  ? ? A CA 49 A HOH 56  1_555 ? ? ? ? ? ? ?            2.406 ? ? 
metalc11 metalc ? ? D CA .  CA  ? ? ? 1_555 G HOH .  O  ? ? A CA 49 A HOH 58  1_555 ? ? ? ? ? ? ?            2.361 ? ? 
metalc12 metalc ? ? D CA .  CA  ? ? ? 1_555 G HOH .  O  ? ? A CA 49 A HOH 59  1_555 ? ? ? ? ? ? ?            2.478 ? ? 
metalc13 metalc ? ? D CA .  CA  ? ? ? 1_555 G HOH .  O  ? ? A CA 49 A HOH 60  1_555 ? ? ? ? ? ? ?            2.463 ? ? 
metalc14 metalc ? ? D CA .  CA  ? ? ? 1_555 G HOH .  O  ? ? A CA 49 A HOH 136 1_555 ? ? ? ? ? ? ?            2.328 ? ? 
metalc15 metalc ? ? F CA .  CA  ? ? ? 1_555 G HOH .  O  ? ? A CA 50 A HOH 61  1_555 ? ? ? ? ? ? ?            2.342 ? ? 
metalc16 metalc ? ? F CA .  CA  ? ? ? 1_555 G HOH .  O  ? ? A CA 50 A HOH 62  1_555 ? ? ? ? ? ? ?            2.368 ? ? 
metalc17 metalc ? ? F CA .  CA  ? ? ? 1_555 G HOH .  O  ? ? A CA 50 A HOH 63  1_555 ? ? ? ? ? ? ?            2.439 ? ? 
metalc18 metalc ? ? F CA .  CA  ? ? ? 1_555 G HOH .  O  ? ? A CA 50 A HOH 64  1_555 ? ? ? ? ? ? ?            2.376 ? ? 
metalc19 metalc ? ? F CA .  CA  ? ? ? 1_555 G HOH .  O  ? ? A CA 50 A HOH 65  1_555 ? ? ? ? ? ? ?            2.488 ? ? 
metalc20 metalc ? ? F CA .  CA  ? ? ? 1_555 G HOH .  O  ? ? A CA 50 A HOH 66  1_555 ? ? ? ? ? ? ?            2.438 ? ? 
metalc21 metalc ? ? E CA .  CA  ? ? ? 1_555 G HOH .  O  ? ? A CA 51 A HOH 67  1_555 ? ? ? ? ? ? ?            2.417 ? ? 
metalc22 metalc ? ? E CA .  CA  ? ? ? 1_555 G HOH .  O  ? ? A CA 51 A HOH 68  1_555 ? ? ? ? ? ? ?            2.414 ? ? 
metalc23 metalc ? ? E CA .  CA  ? ? ? 1_555 G HOH .  O  ? ? A CA 51 A HOH 69  1_555 ? ? ? ? ? ? ?            2.419 ? ? 
metalc24 metalc ? ? E CA .  CA  ? ? ? 1_555 G HOH .  O  ? ? A CA 51 A HOH 70  1_555 ? ? ? ? ? ? ?            2.510 ? ? 
metalc25 metalc ? ? E CA .  CA  ? ? ? 1_555 G HOH .  O  ? ? A CA 51 A HOH 71  1_555 ? ? ? ? ? ? ?            2.473 ? ? 
metalc26 metalc ? ? E CA .  CA  ? ? ? 1_555 G HOH .  O  ? ? A CA 51 A HOH 189 1_555 ? ? ? ? ? ? ?            2.473 ? ? 
metalc27 metalc ? ? E CA .  CA  ? ? ? 1_555 G HOH .  O  ? ? A CA 51 A HOH 210 1_555 ? ? ? ? ? ? ?            2.174 ? ? 
metalc28 metalc ? ? E CA .  CA  ? ? ? 1_555 H HOH .  O  ? ? A CA 51 B HOH 162 1_555 ? ? ? ? ? ? ?            2.659 ? ? 
hydrog1  hydrog ? ? A G  1  N1  ? ? ? 1_555 B C   11 N3 ? ? A G  16 B C   46  1_555 ? ? ? ? ? ? WATSON-CRICK ?     ? ? 
hydrog2  hydrog ? ? A G  1  N2  ? ? ? 1_555 B C   11 O2 ? ? A G  16 B C   46  1_555 ? ? ? ? ? ? WATSON-CRICK ?     ? ? 
hydrog3  hydrog ? ? A G  1  O6  ? ? ? 1_555 B C   11 N4 ? ? A G  16 B C   46  1_555 ? ? ? ? ? ? WATSON-CRICK ?     ? ? 
hydrog4  hydrog ? ? A G  2  N1  ? ? ? 1_555 B C   10 N3 ? ? A G  17 B C   45  1_555 ? ? ? ? ? ? WATSON-CRICK ?     ? ? 
hydrog5  hydrog ? ? A G  2  N2  ? ? ? 1_555 B C   10 O2 ? ? A G  17 B C   45  1_555 ? ? ? ? ? ? WATSON-CRICK ?     ? ? 
hydrog6  hydrog ? ? A G  2  O6  ? ? ? 1_555 B C   10 N4 ? ? A G  17 B C   45  1_555 ? ? ? ? ? ? WATSON-CRICK ?     ? ? 
hydrog7  hydrog ? ? A C  3  N3  ? ? ? 1_555 B G   9  N1 ? ? A C  18 B G   44  1_555 ? ? ? ? ? ? WATSON-CRICK ?     ? ? 
hydrog8  hydrog ? ? A C  3  N4  ? ? ? 1_555 B G   9  O6 ? ? A C  18 B G   44  1_555 ? ? ? ? ? ? WATSON-CRICK ?     ? ? 
hydrog9  hydrog ? ? A C  3  O2  ? ? ? 1_555 B G   9  N2 ? ? A C  18 B G   44  1_555 ? ? ? ? ? ? WATSON-CRICK ?     ? ? 
hydrog10 hydrog ? ? A C  4  N3  ? ? ? 1_555 B G   8  N1 ? ? A C  19 B G   43  1_555 ? ? ? ? ? ? WATSON-CRICK ?     ? ? 
hydrog11 hydrog ? ? A C  4  N4  ? ? ? 1_555 B G   8  O6 ? ? A C  19 B G   43  1_555 ? ? ? ? ? ? WATSON-CRICK ?     ? ? 
hydrog12 hydrog ? ? A C  4  O2  ? ? ? 1_555 B G   8  N2 ? ? A C  19 B G   43  1_555 ? ? ? ? ? ? WATSON-CRICK ?     ? ? 
hydrog13 hydrog ? ? A A  5  N1  ? ? ? 1_555 B U   7  N3 ? ? A A  20 B U   42  1_555 ? ? ? ? ? ? WATSON-CRICK ?     ? ? 
hydrog14 hydrog ? ? A A  5  N6  ? ? ? 1_555 B U   7  O4 ? ? A A  20 B U   42  1_555 ? ? ? ? ? ? WATSON-CRICK ?     ? ? 
hydrog15 hydrog ? ? A G  6  N1  ? ? ? 1_555 B C   6  N3 ? ? A G  21 B C   41  1_555 ? ? ? ? ? ? WATSON-CRICK ?     ? ? 
hydrog16 hydrog ? ? A G  6  N2  ? ? ? 1_555 B C   6  O2 ? ? A G  21 B C   41  1_555 ? ? ? ? ? ? WATSON-CRICK ?     ? ? 
hydrog17 hydrog ? ? A G  6  O6  ? ? ? 1_555 B C   6  N4 ? ? A G  21 B C   41  1_555 ? ? ? ? ? ? WATSON-CRICK ?     ? ? 
hydrog18 hydrog ? ? A A  7  N1  ? ? ? 1_555 B U   5  N3 ? ? A A  22 B U   40  1_555 ? ? ? ? ? ? WATSON-CRICK ?     ? ? 
hydrog19 hydrog ? ? A A  7  N6  ? ? ? 1_555 B U   5  O4 ? ? A A  22 B U   40  1_555 ? ? ? ? ? ? WATSON-CRICK ?     ? ? 
hydrog20 hydrog ? ? A G  11 N1  ? ? ? 1_555 B C   4  N3 ? ? A G  26 B C   39  1_555 ? ? ? ? ? ? WATSON-CRICK ?     ? ? 
hydrog21 hydrog ? ? A G  11 N2  ? ? ? 1_555 B C   4  O2 ? ? A G  26 B C   39  1_555 ? ? ? ? ? ? WATSON-CRICK ?     ? ? 
hydrog22 hydrog ? ? A G  11 O6  ? ? ? 1_555 B C   4  N4 ? ? A G  26 B C   39  1_555 ? ? ? ? ? ? WATSON-CRICK ?     ? ? 
hydrog23 hydrog ? ? A A  12 N1  ? ? ? 1_555 B U   3  N3 ? ? A A  27 B U   38  1_555 ? ? ? ? ? ? WATSON-CRICK ?     ? ? 
hydrog24 hydrog ? ? A A  12 N6  ? ? ? 1_555 B U   3  O4 ? ? A A  27 B U   38  1_555 ? ? ? ? ? ? WATSON-CRICK ?     ? ? 
hydrog25 hydrog ? ? A G  13 N1  ? ? ? 1_555 B C   2  N3 ? ? A G  28 B C   37  1_555 ? ? ? ? ? ? WATSON-CRICK ?     ? ? 
hydrog26 hydrog ? ? A G  13 N2  ? ? ? 1_555 B C   2  O2 ? ? A G  28 B C   37  1_555 ? ? ? ? ? ? WATSON-CRICK ?     ? ? 
hydrog27 hydrog ? ? A G  13 O6  ? ? ? 1_555 B C   2  N4 ? ? A G  28 B C   37  1_555 ? ? ? ? ? ? WATSON-CRICK ?     ? ? 
hydrog28 hydrog ? ? A C  14 N3  ? ? ? 1_555 B G   1  N1 ? ? A C  29 B G   36  1_555 ? ? ? ? ? ? WATSON-CRICK ?     ? ? 
hydrog29 hydrog ? ? A C  14 N4  ? ? ? 1_555 B G   1  O6 ? ? A C  29 B G   36  1_555 ? ? ? ? ? ? WATSON-CRICK ?     ? ? 
hydrog30 hydrog ? ? A C  14 O2  ? ? ? 1_555 B G   1  N2 ? ? A C  29 B G   36  1_555 ? ? ? ? ? ? WATSON-CRICK ?     ? ? 
# 
loop_
_struct_conn_type.id 
_struct_conn_type.criteria 
_struct_conn_type.reference 
metalc ? ? 
hydrog ? ? 
# 
loop_
_pdbx_struct_conn_angle.id 
_pdbx_struct_conn_angle.ptnr1_label_atom_id 
_pdbx_struct_conn_angle.ptnr1_label_alt_id 
_pdbx_struct_conn_angle.ptnr1_label_asym_id 
_pdbx_struct_conn_angle.ptnr1_label_comp_id 
_pdbx_struct_conn_angle.ptnr1_label_seq_id 
_pdbx_struct_conn_angle.ptnr1_auth_atom_id 
_pdbx_struct_conn_angle.ptnr1_auth_asym_id 
_pdbx_struct_conn_angle.ptnr1_auth_comp_id 
_pdbx_struct_conn_angle.ptnr1_auth_seq_id 
_pdbx_struct_conn_angle.ptnr1_PDB_ins_code 
_pdbx_struct_conn_angle.ptnr1_symmetry 
_pdbx_struct_conn_angle.ptnr2_label_atom_id 
_pdbx_struct_conn_angle.ptnr2_label_alt_id 
_pdbx_struct_conn_angle.ptnr2_label_asym_id 
_pdbx_struct_conn_angle.ptnr2_label_comp_id 
_pdbx_struct_conn_angle.ptnr2_label_seq_id 
_pdbx_struct_conn_angle.ptnr2_auth_atom_id 
_pdbx_struct_conn_angle.ptnr2_auth_asym_id 
_pdbx_struct_conn_angle.ptnr2_auth_comp_id 
_pdbx_struct_conn_angle.ptnr2_auth_seq_id 
_pdbx_struct_conn_angle.ptnr2_PDB_ins_code 
_pdbx_struct_conn_angle.ptnr2_symmetry 
_pdbx_struct_conn_angle.ptnr3_label_atom_id 
_pdbx_struct_conn_angle.ptnr3_label_alt_id 
_pdbx_struct_conn_angle.ptnr3_label_asym_id 
_pdbx_struct_conn_angle.ptnr3_label_comp_id 
_pdbx_struct_conn_angle.ptnr3_label_seq_id 
_pdbx_struct_conn_angle.ptnr3_auth_atom_id 
_pdbx_struct_conn_angle.ptnr3_auth_asym_id 
_pdbx_struct_conn_angle.ptnr3_auth_comp_id 
_pdbx_struct_conn_angle.ptnr3_auth_seq_id 
_pdbx_struct_conn_angle.ptnr3_PDB_ins_code 
_pdbx_struct_conn_angle.ptnr3_symmetry 
_pdbx_struct_conn_angle.value 
_pdbx_struct_conn_angle.value_esd 
1  OP1 ? A U   8  ? A U   23  ? 1_555 CA ? C CA . ? A CA 48 ? 1_555 OP2 ? A C   9  ? A C   24  ? 1_555 89.3  ? 
2  OP1 ? A U   8  ? A U   23  ? 1_555 CA ? C CA . ? A CA 48 ? 1_555 OP2 ? A G   11 ? A G   26  ? 1_555 94.0  ? 
3  OP2 ? A C   9  ? A C   24  ? 1_555 CA ? C CA . ? A CA 48 ? 1_555 OP2 ? A G   11 ? A G   26  ? 1_555 107.3 ? 
4  OP1 ? A U   8  ? A U   23  ? 1_555 CA ? C CA . ? A CA 48 ? 1_555 O   ? G HOH .  ? A HOH 52  ? 1_555 177.1 ? 
5  OP2 ? A C   9  ? A C   24  ? 1_555 CA ? C CA . ? A CA 48 ? 1_555 O   ? G HOH .  ? A HOH 52  ? 1_555 89.7  ? 
6  OP2 ? A G   11 ? A G   26  ? 1_555 CA ? C CA . ? A CA 48 ? 1_555 O   ? G HOH .  ? A HOH 52  ? 1_555 83.7  ? 
7  OP1 ? A U   8  ? A U   23  ? 1_555 CA ? C CA . ? A CA 48 ? 1_555 O   ? G HOH .  ? A HOH 53  ? 1_555 93.3  ? 
8  OP2 ? A C   9  ? A C   24  ? 1_555 CA ? C CA . ? A CA 48 ? 1_555 O   ? G HOH .  ? A HOH 53  ? 1_555 84.1  ? 
9  OP2 ? A G   11 ? A G   26  ? 1_555 CA ? C CA . ? A CA 48 ? 1_555 O   ? G HOH .  ? A HOH 53  ? 1_555 166.5 ? 
10 O   ? G HOH .  ? A HOH 52  ? 1_555 CA ? C CA . ? A CA 48 ? 1_555 O   ? G HOH .  ? A HOH 53  ? 1_555 89.3  ? 
11 OP1 ? A U   8  ? A U   23  ? 1_555 CA ? C CA . ? A CA 48 ? 1_555 O   ? G HOH .  ? A HOH 54  ? 1_555 92.6  ? 
12 OP2 ? A C   9  ? A C   24  ? 1_555 CA ? C CA . ? A CA 48 ? 1_555 O   ? G HOH .  ? A HOH 54  ? 1_555 170.0 ? 
13 OP2 ? A G   11 ? A G   26  ? 1_555 CA ? C CA . ? A CA 48 ? 1_555 O   ? G HOH .  ? A HOH 54  ? 1_555 82.4  ? 
14 O   ? G HOH .  ? A HOH 52  ? 1_555 CA ? C CA . ? A CA 48 ? 1_555 O   ? G HOH .  ? A HOH 54  ? 1_555 88.8  ? 
15 O   ? G HOH .  ? A HOH 53  ? 1_555 CA ? C CA . ? A CA 48 ? 1_555 O   ? G HOH .  ? A HOH 54  ? 1_555 86.0  ? 
16 OP1 ? A G   11 ? A G   26  ? 1_555 CA ? D CA . ? A CA 49 ? 1_555 O   ? G HOH .  ? A HOH 55  ? 1_555 72.7  ? 
17 OP1 ? A G   11 ? A G   26  ? 1_555 CA ? D CA . ? A CA 49 ? 1_555 O   ? G HOH .  ? A HOH 56  ? 1_555 139.4 ? 
18 O   ? G HOH .  ? A HOH 55  ? 1_555 CA ? D CA . ? A CA 49 ? 1_555 O   ? G HOH .  ? A HOH 56  ? 1_555 69.3  ? 
19 OP1 ? A G   11 ? A G   26  ? 1_555 CA ? D CA . ? A CA 49 ? 1_555 O   ? G HOH .  ? A HOH 58  ? 1_555 84.6  ? 
20 O   ? G HOH .  ? A HOH 55  ? 1_555 CA ? D CA . ? A CA 49 ? 1_555 O   ? G HOH .  ? A HOH 58  ? 1_555 99.7  ? 
21 O   ? G HOH .  ? A HOH 56  ? 1_555 CA ? D CA . ? A CA 49 ? 1_555 O   ? G HOH .  ? A HOH 58  ? 1_555 88.0  ? 
22 OP1 ? A G   11 ? A G   26  ? 1_555 CA ? D CA . ? A CA 49 ? 1_555 O   ? G HOH .  ? A HOH 59  ? 1_555 86.7  ? 
23 O   ? G HOH .  ? A HOH 55  ? 1_555 CA ? D CA . ? A CA 49 ? 1_555 O   ? G HOH .  ? A HOH 59  ? 1_555 157.0 ? 
24 O   ? G HOH .  ? A HOH 56  ? 1_555 CA ? D CA . ? A CA 49 ? 1_555 O   ? G HOH .  ? A HOH 59  ? 1_555 133.0 ? 
25 O   ? G HOH .  ? A HOH 58  ? 1_555 CA ? D CA . ? A CA 49 ? 1_555 O   ? G HOH .  ? A HOH 59  ? 1_555 88.2  ? 
26 OP1 ? A G   11 ? A G   26  ? 1_555 CA ? D CA . ? A CA 49 ? 1_555 O   ? G HOH .  ? A HOH 60  ? 1_555 150.9 ? 
27 O   ? G HOH .  ? A HOH 55  ? 1_555 CA ? D CA . ? A CA 49 ? 1_555 O   ? G HOH .  ? A HOH 60  ? 1_555 135.3 ? 
28 O   ? G HOH .  ? A HOH 56  ? 1_555 CA ? D CA . ? A CA 49 ? 1_555 O   ? G HOH .  ? A HOH 60  ? 1_555 69.5  ? 
29 O   ? G HOH .  ? A HOH 58  ? 1_555 CA ? D CA . ? A CA 49 ? 1_555 O   ? G HOH .  ? A HOH 60  ? 1_555 95.5  ? 
30 O   ? G HOH .  ? A HOH 59  ? 1_555 CA ? D CA . ? A CA 49 ? 1_555 O   ? G HOH .  ? A HOH 60  ? 1_555 64.3  ? 
31 OP1 ? A G   11 ? A G   26  ? 1_555 CA ? D CA . ? A CA 49 ? 1_555 O   ? G HOH .  ? A HOH 136 ? 1_555 97.1  ? 
32 O   ? G HOH .  ? A HOH 55  ? 1_555 CA ? D CA . ? A CA 49 ? 1_555 O   ? G HOH .  ? A HOH 136 ? 1_555 83.2  ? 
33 O   ? G HOH .  ? A HOH 56  ? 1_555 CA ? D CA . ? A CA 49 ? 1_555 O   ? G HOH .  ? A HOH 136 ? 1_555 92.3  ? 
34 O   ? G HOH .  ? A HOH 58  ? 1_555 CA ? D CA . ? A CA 49 ? 1_555 O   ? G HOH .  ? A HOH 136 ? 1_555 177.0 ? 
35 O   ? G HOH .  ? A HOH 59  ? 1_555 CA ? D CA . ? A CA 49 ? 1_555 O   ? G HOH .  ? A HOH 136 ? 1_555 89.4  ? 
36 O   ? G HOH .  ? A HOH 60  ? 1_555 CA ? D CA . ? A CA 49 ? 1_555 O   ? G HOH .  ? A HOH 136 ? 1_555 81.8  ? 
37 OP1 ? A A   12 ? A A   27  ? 1_555 CA ? F CA . ? A CA 50 ? 1_555 O   ? G HOH .  ? A HOH 61  ? 1_555 165.0 ? 
38 OP1 ? A A   12 ? A A   27  ? 1_555 CA ? F CA . ? A CA 50 ? 1_555 O   ? G HOH .  ? A HOH 62  ? 1_555 101.2 ? 
39 O   ? G HOH .  ? A HOH 61  ? 1_555 CA ? F CA . ? A CA 50 ? 1_555 O   ? G HOH .  ? A HOH 62  ? 1_555 88.9  ? 
40 OP1 ? A A   12 ? A A   27  ? 1_555 CA ? F CA . ? A CA 50 ? 1_555 O   ? G HOH .  ? A HOH 63  ? 1_555 87.1  ? 
41 O   ? G HOH .  ? A HOH 61  ? 1_555 CA ? F CA . ? A CA 50 ? 1_555 O   ? G HOH .  ? A HOH 63  ? 1_555 84.2  ? 
42 O   ? G HOH .  ? A HOH 62  ? 1_555 CA ? F CA . ? A CA 50 ? 1_555 O   ? G HOH .  ? A HOH 63  ? 1_555 78.3  ? 
43 OP1 ? A A   12 ? A A   27  ? 1_555 CA ? F CA . ? A CA 50 ? 1_555 O   ? G HOH .  ? A HOH 64  ? 1_555 90.3  ? 
44 O   ? G HOH .  ? A HOH 61  ? 1_555 CA ? F CA . ? A CA 50 ? 1_555 O   ? G HOH .  ? A HOH 64  ? 1_555 75.6  ? 
45 O   ? G HOH .  ? A HOH 62  ? 1_555 CA ? F CA . ? A CA 50 ? 1_555 O   ? G HOH .  ? A HOH 64  ? 1_555 149.1 ? 
46 O   ? G HOH .  ? A HOH 63  ? 1_555 CA ? F CA . ? A CA 50 ? 1_555 O   ? G HOH .  ? A HOH 64  ? 1_555 73.7  ? 
47 OP1 ? A A   12 ? A A   27  ? 1_555 CA ? F CA . ? A CA 50 ? 1_555 O   ? G HOH .  ? A HOH 65  ? 1_555 113.5 ? 
48 O   ? G HOH .  ? A HOH 61  ? 1_555 CA ? F CA . ? A CA 50 ? 1_555 O   ? G HOH .  ? A HOH 65  ? 1_555 79.6  ? 
49 O   ? G HOH .  ? A HOH 62  ? 1_555 CA ? F CA . ? A CA 50 ? 1_555 O   ? G HOH .  ? A HOH 65  ? 1_555 75.4  ? 
50 O   ? G HOH .  ? A HOH 63  ? 1_555 CA ? F CA . ? A CA 50 ? 1_555 O   ? G HOH .  ? A HOH 65  ? 1_555 149.2 ? 
51 O   ? G HOH .  ? A HOH 64  ? 1_555 CA ? F CA . ? A CA 50 ? 1_555 O   ? G HOH .  ? A HOH 65  ? 1_555 126.1 ? 
52 OP1 ? A A   12 ? A A   27  ? 1_555 CA ? F CA . ? A CA 50 ? 1_555 O   ? G HOH .  ? A HOH 66  ? 1_555 76.1  ? 
53 O   ? G HOH .  ? A HOH 61  ? 1_555 CA ? F CA . ? A CA 50 ? 1_555 O   ? G HOH .  ? A HOH 66  ? 1_555 104.9 ? 
54 O   ? G HOH .  ? A HOH 62  ? 1_555 CA ? F CA . ? A CA 50 ? 1_555 O   ? G HOH .  ? A HOH 66  ? 1_555 133.4 ? 
55 O   ? G HOH .  ? A HOH 63  ? 1_555 CA ? F CA . ? A CA 50 ? 1_555 O   ? G HOH .  ? A HOH 66  ? 1_555 146.0 ? 
56 O   ? G HOH .  ? A HOH 64  ? 1_555 CA ? F CA . ? A CA 50 ? 1_555 O   ? G HOH .  ? A HOH 66  ? 1_555 77.1  ? 
57 O   ? G HOH .  ? A HOH 65  ? 1_555 CA ? F CA . ? A CA 50 ? 1_555 O   ? G HOH .  ? A HOH 66  ? 1_555 64.3  ? 
58 O   ? G HOH .  ? A HOH 67  ? 1_555 CA ? E CA . ? A CA 51 ? 1_555 O   ? G HOH .  ? A HOH 68  ? 1_555 66.0  ? 
59 O   ? G HOH .  ? A HOH 67  ? 1_555 CA ? E CA . ? A CA 51 ? 1_555 O   ? G HOH .  ? A HOH 69  ? 1_555 93.5  ? 
60 O   ? G HOH .  ? A HOH 68  ? 1_555 CA ? E CA . ? A CA 51 ? 1_555 O   ? G HOH .  ? A HOH 69  ? 1_555 73.5  ? 
61 O   ? G HOH .  ? A HOH 67  ? 1_555 CA ? E CA . ? A CA 51 ? 1_555 O   ? G HOH .  ? A HOH 70  ? 1_555 79.4  ? 
62 O   ? G HOH .  ? A HOH 68  ? 1_555 CA ? E CA . ? A CA 51 ? 1_555 O   ? G HOH .  ? A HOH 70  ? 1_555 128.6 ? 
63 O   ? G HOH .  ? A HOH 69  ? 1_555 CA ? E CA . ? A CA 51 ? 1_555 O   ? G HOH .  ? A HOH 70  ? 1_555 71.9  ? 
64 O   ? G HOH .  ? A HOH 67  ? 1_555 CA ? E CA . ? A CA 51 ? 1_555 O   ? G HOH .  ? A HOH 71  ? 1_555 144.9 ? 
65 O   ? G HOH .  ? A HOH 68  ? 1_555 CA ? E CA . ? A CA 51 ? 1_555 O   ? G HOH .  ? A HOH 71  ? 1_555 148.5 ? 
66 O   ? G HOH .  ? A HOH 69  ? 1_555 CA ? E CA . ? A CA 51 ? 1_555 O   ? G HOH .  ? A HOH 71  ? 1_555 102.6 ? 
67 O   ? G HOH .  ? A HOH 70  ? 1_555 CA ? E CA . ? A CA 51 ? 1_555 O   ? G HOH .  ? A HOH 71  ? 1_555 76.4  ? 
68 O   ? G HOH .  ? A HOH 67  ? 1_555 CA ? E CA . ? A CA 51 ? 1_555 O   ? G HOH .  ? A HOH 189 ? 1_555 81.5  ? 
69 O   ? G HOH .  ? A HOH 68  ? 1_555 CA ? E CA . ? A CA 51 ? 1_555 O   ? G HOH .  ? A HOH 189 ? 1_555 132.9 ? 
70 O   ? G HOH .  ? A HOH 69  ? 1_555 CA ? E CA . ? A CA 51 ? 1_555 O   ? G HOH .  ? A HOH 189 ? 1_555 144.6 ? 
71 O   ? G HOH .  ? A HOH 70  ? 1_555 CA ? E CA . ? A CA 51 ? 1_555 O   ? G HOH .  ? A HOH 189 ? 1_555 72.7  ? 
72 O   ? G HOH .  ? A HOH 71  ? 1_555 CA ? E CA . ? A CA 51 ? 1_555 O   ? G HOH .  ? A HOH 189 ? 1_555 67.3  ? 
73 O   ? G HOH .  ? A HOH 67  ? 1_555 CA ? E CA . ? A CA 51 ? 1_555 O   ? G HOH .  ? A HOH 210 ? 1_555 97.2  ? 
74 O   ? G HOH .  ? A HOH 68  ? 1_555 CA ? E CA . ? A CA 51 ? 1_555 O   ? G HOH .  ? A HOH 210 ? 1_555 88.2  ? 
75 O   ? G HOH .  ? A HOH 69  ? 1_555 CA ? E CA . ? A CA 51 ? 1_555 O   ? G HOH .  ? A HOH 210 ? 1_555 152.8 ? 
76 O   ? G HOH .  ? A HOH 70  ? 1_555 CA ? E CA . ? A CA 51 ? 1_555 O   ? G HOH .  ? A HOH 210 ? 1_555 134.6 ? 
77 O   ? G HOH .  ? A HOH 71  ? 1_555 CA ? E CA . ? A CA 51 ? 1_555 O   ? G HOH .  ? A HOH 210 ? 1_555 82.5  ? 
78 O   ? G HOH .  ? A HOH 189 ? 1_555 CA ? E CA . ? A CA 51 ? 1_555 O   ? G HOH .  ? A HOH 210 ? 1_555 62.2  ? 
79 O   ? G HOH .  ? A HOH 67  ? 1_555 CA ? E CA . ? A CA 51 ? 1_555 O   ? H HOH .  ? B HOH 162 ? 1_555 146.4 ? 
80 O   ? G HOH .  ? A HOH 68  ? 1_555 CA ? E CA . ? A CA 51 ? 1_555 O   ? H HOH .  ? B HOH 162 ? 1_555 81.5  ? 
81 O   ? G HOH .  ? A HOH 69  ? 1_555 CA ? E CA . ? A CA 51 ? 1_555 O   ? H HOH .  ? B HOH 162 ? 1_555 84.9  ? 
82 O   ? G HOH .  ? A HOH 70  ? 1_555 CA ? E CA . ? A CA 51 ? 1_555 O   ? H HOH .  ? B HOH 162 ? 1_555 130.8 ? 
83 O   ? G HOH .  ? A HOH 71  ? 1_555 CA ? E CA . ? A CA 51 ? 1_555 O   ? H HOH .  ? B HOH 162 ? 1_555 67.0  ? 
84 O   ? G HOH .  ? A HOH 189 ? 1_555 CA ? E CA . ? A CA 51 ? 1_555 O   ? H HOH .  ? B HOH 162 ? 1_555 118.0 ? 
85 O   ? G HOH .  ? A HOH 210 ? 1_555 CA ? E CA . ? A CA 51 ? 1_555 O   ? H HOH .  ? B HOH 162 ? 1_555 72.4  ? 
# 
loop_
_struct_site.id 
_struct_site.pdbx_evidence_code 
_struct_site.pdbx_auth_asym_id 
_struct_site.pdbx_auth_comp_id 
_struct_site.pdbx_auth_seq_id 
_struct_site.pdbx_auth_ins_code 
_struct_site.pdbx_num_residues 
_struct_site.details 
AC1 Software A CA 48 ? 6 'BINDING SITE FOR RESIDUE CA A 48' 
AC2 Software A CA 49 ? 7 'BINDING SITE FOR RESIDUE CA A 49' 
AC3 Software A CA 51 ? 8 'BINDING SITE FOR RESIDUE CA A 51' 
AC4 Software A CA 50 ? 7 'BINDING SITE FOR RESIDUE CA A 50' 
# 
loop_
_struct_site_gen.id 
_struct_site_gen.site_id 
_struct_site_gen.pdbx_num_res 
_struct_site_gen.label_comp_id 
_struct_site_gen.label_asym_id 
_struct_site_gen.label_seq_id 
_struct_site_gen.pdbx_auth_ins_code 
_struct_site_gen.auth_comp_id 
_struct_site_gen.auth_asym_id 
_struct_site_gen.auth_seq_id 
_struct_site_gen.label_atom_id 
_struct_site_gen.label_alt_id 
_struct_site_gen.symmetry 
_struct_site_gen.details 
1  AC1 6 U   A 8  ? U   A 23  . ? 1_555 ? 
2  AC1 6 C   A 9  ? C   A 24  . ? 1_555 ? 
3  AC1 6 G   A 11 ? G   A 26  . ? 1_555 ? 
4  AC1 6 HOH G .  ? HOH A 52  . ? 1_555 ? 
5  AC1 6 HOH G .  ? HOH A 53  . ? 1_555 ? 
6  AC1 6 HOH G .  ? HOH A 54  . ? 1_555 ? 
7  AC2 7 G   A 11 ? G   A 26  . ? 1_555 ? 
8  AC2 7 HOH G .  ? HOH A 55  . ? 1_555 ? 
9  AC2 7 HOH G .  ? HOH A 56  . ? 1_555 ? 
10 AC2 7 HOH G .  ? HOH A 58  . ? 1_555 ? 
11 AC2 7 HOH G .  ? HOH A 59  . ? 1_555 ? 
12 AC2 7 HOH G .  ? HOH A 60  . ? 1_555 ? 
13 AC2 7 HOH G .  ? HOH A 136 . ? 1_555 ? 
14 AC3 8 HOH G .  ? HOH A 67  . ? 1_555 ? 
15 AC3 8 HOH G .  ? HOH A 68  . ? 1_555 ? 
16 AC3 8 HOH G .  ? HOH A 69  . ? 1_555 ? 
17 AC3 8 HOH G .  ? HOH A 70  . ? 1_555 ? 
18 AC3 8 HOH G .  ? HOH A 71  . ? 1_555 ? 
19 AC3 8 HOH G .  ? HOH A 189 . ? 1_555 ? 
20 AC3 8 HOH G .  ? HOH A 210 . ? 1_555 ? 
21 AC3 8 HOH H .  ? HOH B 162 . ? 1_555 ? 
22 AC4 7 A   A 12 ? A   A 27  . ? 1_555 ? 
23 AC4 7 HOH G .  ? HOH A 61  . ? 1_555 ? 
24 AC4 7 HOH G .  ? HOH A 62  . ? 1_555 ? 
25 AC4 7 HOH G .  ? HOH A 63  . ? 1_555 ? 
26 AC4 7 HOH G .  ? HOH A 64  . ? 1_555 ? 
27 AC4 7 HOH G .  ? HOH A 65  . ? 1_555 ? 
28 AC4 7 HOH G .  ? HOH A 66  . ? 1_555 ? 
# 
loop_
_pdbx_validate_rmsd_angle.id 
_pdbx_validate_rmsd_angle.PDB_model_num 
_pdbx_validate_rmsd_angle.auth_atom_id_1 
_pdbx_validate_rmsd_angle.auth_asym_id_1 
_pdbx_validate_rmsd_angle.auth_comp_id_1 
_pdbx_validate_rmsd_angle.auth_seq_id_1 
_pdbx_validate_rmsd_angle.PDB_ins_code_1 
_pdbx_validate_rmsd_angle.label_alt_id_1 
_pdbx_validate_rmsd_angle.auth_atom_id_2 
_pdbx_validate_rmsd_angle.auth_asym_id_2 
_pdbx_validate_rmsd_angle.auth_comp_id_2 
_pdbx_validate_rmsd_angle.auth_seq_id_2 
_pdbx_validate_rmsd_angle.PDB_ins_code_2 
_pdbx_validate_rmsd_angle.label_alt_id_2 
_pdbx_validate_rmsd_angle.auth_atom_id_3 
_pdbx_validate_rmsd_angle.auth_asym_id_3 
_pdbx_validate_rmsd_angle.auth_comp_id_3 
_pdbx_validate_rmsd_angle.auth_seq_id_3 
_pdbx_validate_rmsd_angle.PDB_ins_code_3 
_pdbx_validate_rmsd_angle.label_alt_id_3 
_pdbx_validate_rmsd_angle.angle_value 
_pdbx_validate_rmsd_angle.angle_target_value 
_pdbx_validate_rmsd_angle.angle_deviation 
_pdbx_validate_rmsd_angle.angle_standard_deviation 
_pdbx_validate_rmsd_angle.linker_flag 
1 1 "C3'" A G 21 ? ? "C2'" A G 21 ? ? "C1'" A G 21 ? ? 96.87  101.30 -4.43 0.70 N 
2 1 N9    A G 30 ? ? "C1'" A G 30 ? ? "C2'" A G 30 ? ? 104.40 112.00 -7.60 1.10 N 
3 1 "O4'" A G 30 ? ? "C1'" A G 30 ? ? N9    A G 30 ? ? 123.41 108.50 14.91 0.70 N 
4 1 N3    B C 37 ? ? C4    B C 37 ? ? C5    B C 37 ? ? 119.40 121.90 -2.50 0.40 N 
# 
loop_
_chem_comp_atom.comp_id 
_chem_comp_atom.atom_id 
_chem_comp_atom.type_symbol 
_chem_comp_atom.pdbx_aromatic_flag 
_chem_comp_atom.pdbx_stereo_config 
_chem_comp_atom.pdbx_ordinal 
A   OP3    O  N N 1   
A   P      P  N N 2   
A   OP1    O  N N 3   
A   OP2    O  N N 4   
A   "O5'"  O  N N 5   
A   "C5'"  C  N N 6   
A   "C4'"  C  N R 7   
A   "O4'"  O  N N 8   
A   "C3'"  C  N S 9   
A   "O3'"  O  N N 10  
A   "C2'"  C  N R 11  
A   "O2'"  O  N N 12  
A   "C1'"  C  N R 13  
A   N9     N  Y N 14  
A   C8     C  Y N 15  
A   N7     N  Y N 16  
A   C5     C  Y N 17  
A   C6     C  Y N 18  
A   N6     N  N N 19  
A   N1     N  Y N 20  
A   C2     C  Y N 21  
A   N3     N  Y N 22  
A   C4     C  Y N 23  
A   HOP3   H  N N 24  
A   HOP2   H  N N 25  
A   "H5'"  H  N N 26  
A   "H5''" H  N N 27  
A   "H4'"  H  N N 28  
A   "H3'"  H  N N 29  
A   "HO3'" H  N N 30  
A   "H2'"  H  N N 31  
A   "HO2'" H  N N 32  
A   "H1'"  H  N N 33  
A   H8     H  N N 34  
A   H61    H  N N 35  
A   H62    H  N N 36  
A   H2     H  N N 37  
C   OP3    O  N N 38  
C   P      P  N N 39  
C   OP1    O  N N 40  
C   OP2    O  N N 41  
C   "O5'"  O  N N 42  
C   "C5'"  C  N N 43  
C   "C4'"  C  N R 44  
C   "O4'"  O  N N 45  
C   "C3'"  C  N S 46  
C   "O3'"  O  N N 47  
C   "C2'"  C  N R 48  
C   "O2'"  O  N N 49  
C   "C1'"  C  N R 50  
C   N1     N  N N 51  
C   C2     C  N N 52  
C   O2     O  N N 53  
C   N3     N  N N 54  
C   C4     C  N N 55  
C   N4     N  N N 56  
C   C5     C  N N 57  
C   C6     C  N N 58  
C   HOP3   H  N N 59  
C   HOP2   H  N N 60  
C   "H5'"  H  N N 61  
C   "H5''" H  N N 62  
C   "H4'"  H  N N 63  
C   "H3'"  H  N N 64  
C   "HO3'" H  N N 65  
C   "H2'"  H  N N 66  
C   "HO2'" H  N N 67  
C   "H1'"  H  N N 68  
C   H41    H  N N 69  
C   H42    H  N N 70  
C   H5     H  N N 71  
C   H6     H  N N 72  
CA  CA     CA N N 73  
G   OP3    O  N N 74  
G   P      P  N N 75  
G   OP1    O  N N 76  
G   OP2    O  N N 77  
G   "O5'"  O  N N 78  
G   "C5'"  C  N N 79  
G   "C4'"  C  N R 80  
G   "O4'"  O  N N 81  
G   "C3'"  C  N S 82  
G   "O3'"  O  N N 83  
G   "C2'"  C  N R 84  
G   "O2'"  O  N N 85  
G   "C1'"  C  N R 86  
G   N9     N  Y N 87  
G   C8     C  Y N 88  
G   N7     N  Y N 89  
G   C5     C  Y N 90  
G   C6     C  N N 91  
G   O6     O  N N 92  
G   N1     N  N N 93  
G   C2     C  N N 94  
G   N2     N  N N 95  
G   N3     N  N N 96  
G   C4     C  Y N 97  
G   HOP3   H  N N 98  
G   HOP2   H  N N 99  
G   "H5'"  H  N N 100 
G   "H5''" H  N N 101 
G   "H4'"  H  N N 102 
G   "H3'"  H  N N 103 
G   "HO3'" H  N N 104 
G   "H2'"  H  N N 105 
G   "HO2'" H  N N 106 
G   "H1'"  H  N N 107 
G   H8     H  N N 108 
G   H1     H  N N 109 
G   H21    H  N N 110 
G   H22    H  N N 111 
HOH O      O  N N 112 
HOH H1     H  N N 113 
HOH H2     H  N N 114 
U   OP3    O  N N 115 
U   P      P  N N 116 
U   OP1    O  N N 117 
U   OP2    O  N N 118 
U   "O5'"  O  N N 119 
U   "C5'"  C  N N 120 
U   "C4'"  C  N R 121 
U   "O4'"  O  N N 122 
U   "C3'"  C  N S 123 
U   "O3'"  O  N N 124 
U   "C2'"  C  N R 125 
U   "O2'"  O  N N 126 
U   "C1'"  C  N R 127 
U   N1     N  N N 128 
U   C2     C  N N 129 
U   O2     O  N N 130 
U   N3     N  N N 131 
U   C4     C  N N 132 
U   O4     O  N N 133 
U   C5     C  N N 134 
U   C6     C  N N 135 
U   HOP3   H  N N 136 
U   HOP2   H  N N 137 
U   "H5'"  H  N N 138 
U   "H5''" H  N N 139 
U   "H4'"  H  N N 140 
U   "H3'"  H  N N 141 
U   "HO3'" H  N N 142 
U   "H2'"  H  N N 143 
U   "HO2'" H  N N 144 
U   "H1'"  H  N N 145 
U   H3     H  N N 146 
U   H5     H  N N 147 
U   H6     H  N N 148 
# 
loop_
_chem_comp_bond.comp_id 
_chem_comp_bond.atom_id_1 
_chem_comp_bond.atom_id_2 
_chem_comp_bond.value_order 
_chem_comp_bond.pdbx_aromatic_flag 
_chem_comp_bond.pdbx_stereo_config 
_chem_comp_bond.pdbx_ordinal 
A   OP3   P      sing N N 1   
A   OP3   HOP3   sing N N 2   
A   P     OP1    doub N N 3   
A   P     OP2    sing N N 4   
A   P     "O5'"  sing N N 5   
A   OP2   HOP2   sing N N 6   
A   "O5'" "C5'"  sing N N 7   
A   "C5'" "C4'"  sing N N 8   
A   "C5'" "H5'"  sing N N 9   
A   "C5'" "H5''" sing N N 10  
A   "C4'" "O4'"  sing N N 11  
A   "C4'" "C3'"  sing N N 12  
A   "C4'" "H4'"  sing N N 13  
A   "O4'" "C1'"  sing N N 14  
A   "C3'" "O3'"  sing N N 15  
A   "C3'" "C2'"  sing N N 16  
A   "C3'" "H3'"  sing N N 17  
A   "O3'" "HO3'" sing N N 18  
A   "C2'" "O2'"  sing N N 19  
A   "C2'" "C1'"  sing N N 20  
A   "C2'" "H2'"  sing N N 21  
A   "O2'" "HO2'" sing N N 22  
A   "C1'" N9     sing N N 23  
A   "C1'" "H1'"  sing N N 24  
A   N9    C8     sing Y N 25  
A   N9    C4     sing Y N 26  
A   C8    N7     doub Y N 27  
A   C8    H8     sing N N 28  
A   N7    C5     sing Y N 29  
A   C5    C6     sing Y N 30  
A   C5    C4     doub Y N 31  
A   C6    N6     sing N N 32  
A   C6    N1     doub Y N 33  
A   N6    H61    sing N N 34  
A   N6    H62    sing N N 35  
A   N1    C2     sing Y N 36  
A   C2    N3     doub Y N 37  
A   C2    H2     sing N N 38  
A   N3    C4     sing Y N 39  
C   OP3   P      sing N N 40  
C   OP3   HOP3   sing N N 41  
C   P     OP1    doub N N 42  
C   P     OP2    sing N N 43  
C   P     "O5'"  sing N N 44  
C   OP2   HOP2   sing N N 45  
C   "O5'" "C5'"  sing N N 46  
C   "C5'" "C4'"  sing N N 47  
C   "C5'" "H5'"  sing N N 48  
C   "C5'" "H5''" sing N N 49  
C   "C4'" "O4'"  sing N N 50  
C   "C4'" "C3'"  sing N N 51  
C   "C4'" "H4'"  sing N N 52  
C   "O4'" "C1'"  sing N N 53  
C   "C3'" "O3'"  sing N N 54  
C   "C3'" "C2'"  sing N N 55  
C   "C3'" "H3'"  sing N N 56  
C   "O3'" "HO3'" sing N N 57  
C   "C2'" "O2'"  sing N N 58  
C   "C2'" "C1'"  sing N N 59  
C   "C2'" "H2'"  sing N N 60  
C   "O2'" "HO2'" sing N N 61  
C   "C1'" N1     sing N N 62  
C   "C1'" "H1'"  sing N N 63  
C   N1    C2     sing N N 64  
C   N1    C6     sing N N 65  
C   C2    O2     doub N N 66  
C   C2    N3     sing N N 67  
C   N3    C4     doub N N 68  
C   C4    N4     sing N N 69  
C   C4    C5     sing N N 70  
C   N4    H41    sing N N 71  
C   N4    H42    sing N N 72  
C   C5    C6     doub N N 73  
C   C5    H5     sing N N 74  
C   C6    H6     sing N N 75  
G   OP3   P      sing N N 76  
G   OP3   HOP3   sing N N 77  
G   P     OP1    doub N N 78  
G   P     OP2    sing N N 79  
G   P     "O5'"  sing N N 80  
G   OP2   HOP2   sing N N 81  
G   "O5'" "C5'"  sing N N 82  
G   "C5'" "C4'"  sing N N 83  
G   "C5'" "H5'"  sing N N 84  
G   "C5'" "H5''" sing N N 85  
G   "C4'" "O4'"  sing N N 86  
G   "C4'" "C3'"  sing N N 87  
G   "C4'" "H4'"  sing N N 88  
G   "O4'" "C1'"  sing N N 89  
G   "C3'" "O3'"  sing N N 90  
G   "C3'" "C2'"  sing N N 91  
G   "C3'" "H3'"  sing N N 92  
G   "O3'" "HO3'" sing N N 93  
G   "C2'" "O2'"  sing N N 94  
G   "C2'" "C1'"  sing N N 95  
G   "C2'" "H2'"  sing N N 96  
G   "O2'" "HO2'" sing N N 97  
G   "C1'" N9     sing N N 98  
G   "C1'" "H1'"  sing N N 99  
G   N9    C8     sing Y N 100 
G   N9    C4     sing Y N 101 
G   C8    N7     doub Y N 102 
G   C8    H8     sing N N 103 
G   N7    C5     sing Y N 104 
G   C5    C6     sing N N 105 
G   C5    C4     doub Y N 106 
G   C6    O6     doub N N 107 
G   C6    N1     sing N N 108 
G   N1    C2     sing N N 109 
G   N1    H1     sing N N 110 
G   C2    N2     sing N N 111 
G   C2    N3     doub N N 112 
G   N2    H21    sing N N 113 
G   N2    H22    sing N N 114 
G   N3    C4     sing N N 115 
HOH O     H1     sing N N 116 
HOH O     H2     sing N N 117 
U   OP3   P      sing N N 118 
U   OP3   HOP3   sing N N 119 
U   P     OP1    doub N N 120 
U   P     OP2    sing N N 121 
U   P     "O5'"  sing N N 122 
U   OP2   HOP2   sing N N 123 
U   "O5'" "C5'"  sing N N 124 
U   "C5'" "C4'"  sing N N 125 
U   "C5'" "H5'"  sing N N 126 
U   "C5'" "H5''" sing N N 127 
U   "C4'" "O4'"  sing N N 128 
U   "C4'" "C3'"  sing N N 129 
U   "C4'" "H4'"  sing N N 130 
U   "O4'" "C1'"  sing N N 131 
U   "C3'" "O3'"  sing N N 132 
U   "C3'" "C2'"  sing N N 133 
U   "C3'" "H3'"  sing N N 134 
U   "O3'" "HO3'" sing N N 135 
U   "C2'" "O2'"  sing N N 136 
U   "C2'" "C1'"  sing N N 137 
U   "C2'" "H2'"  sing N N 138 
U   "O2'" "HO2'" sing N N 139 
U   "C1'" N1     sing N N 140 
U   "C1'" "H1'"  sing N N 141 
U   N1    C2     sing N N 142 
U   N1    C6     sing N N 143 
U   C2    O2     doub N N 144 
U   C2    N3     sing N N 145 
U   N3    C4     sing N N 146 
U   N3    H3     sing N N 147 
U   C4    O4     doub N N 148 
U   C4    C5     sing N N 149 
U   C5    C6     doub N N 150 
U   C5    H5     sing N N 151 
U   C6    H6     sing N N 152 
# 
loop_
_ndb_struct_conf_na.entry_id 
_ndb_struct_conf_na.feature 
397D 'double helix'        
397D 'a-form double helix' 
397D 'bulge loop'          
# 
loop_
_ndb_struct_na_base_pair.model_number 
_ndb_struct_na_base_pair.i_label_asym_id 
_ndb_struct_na_base_pair.i_label_comp_id 
_ndb_struct_na_base_pair.i_label_seq_id 
_ndb_struct_na_base_pair.i_symmetry 
_ndb_struct_na_base_pair.j_label_asym_id 
_ndb_struct_na_base_pair.j_label_comp_id 
_ndb_struct_na_base_pair.j_label_seq_id 
_ndb_struct_na_base_pair.j_symmetry 
_ndb_struct_na_base_pair.shear 
_ndb_struct_na_base_pair.stretch 
_ndb_struct_na_base_pair.stagger 
_ndb_struct_na_base_pair.buckle 
_ndb_struct_na_base_pair.propeller 
_ndb_struct_na_base_pair.opening 
_ndb_struct_na_base_pair.pair_number 
_ndb_struct_na_base_pair.pair_name 
_ndb_struct_na_base_pair.i_auth_asym_id 
_ndb_struct_na_base_pair.i_auth_seq_id 
_ndb_struct_na_base_pair.i_PDB_ins_code 
_ndb_struct_na_base_pair.j_auth_asym_id 
_ndb_struct_na_base_pair.j_auth_seq_id 
_ndb_struct_na_base_pair.j_PDB_ins_code 
_ndb_struct_na_base_pair.hbond_type_28 
_ndb_struct_na_base_pair.hbond_type_12 
1 A G 1  1_555 B C 11 1_555 -0.313 -0.160 -0.112 -8.186  -15.194 1.719  1  A_G16:C46_B A 16 ? B 46 ? 19 1 
1 A G 2  1_555 B C 10 1_555 -0.299 -0.142 -0.280 -15.749 -14.052 -4.600 2  A_G17:C45_B A 17 ? B 45 ? 19 1 
1 A C 3  1_555 B G 9  1_555 0.262  -0.116 0.203  -3.701  -7.444  2.023  3  A_C18:G44_B A 18 ? B 44 ? 19 1 
1 A C 4  1_555 B G 8  1_555 0.187  -0.136 0.016  2.187   -8.849  -0.781 4  A_C19:G43_B A 19 ? B 43 ? 19 1 
1 A A 5  1_555 B U 7  1_555 0.153  -0.078 0.114  0.895   -9.999  2.180  5  A_A20:U42_B A 20 ? B 42 ? 20 1 
1 A G 6  1_555 B C 6  1_555 -0.239 -0.107 0.042  -6.202  -16.935 1.599  6  A_G21:C41_B A 21 ? B 41 ? 19 1 
1 A A 7  1_555 B U 5  1_555 0.045  -0.060 0.008  -2.095  -11.198 0.212  7  A_A22:U40_B A 22 ? B 40 ? 20 1 
1 A G 11 1_555 B C 4  1_555 -0.216 -0.166 0.104  -1.060  -13.544 -0.791 8  A_G26:C39_B A 26 ? B 39 ? 19 1 
1 A A 12 1_555 B U 3  1_555 0.024  -0.094 -0.067 -3.199  -10.734 -0.726 9  A_A27:U38_B A 27 ? B 38 ? 20 1 
1 A G 13 1_555 B C 2  1_555 -0.033 -0.105 -0.090 -7.158  -16.715 -0.327 10 A_G28:C37_B A 28 ? B 37 ? 19 1 
1 A C 14 1_555 B G 1  1_555 0.048  -0.144 0.410  -9.146  -9.290  -2.897 11 A_C29:G36_B A 29 ? B 36 ? 19 1 
# 
loop_
_ndb_struct_na_base_pair_step.model_number 
_ndb_struct_na_base_pair_step.i_label_asym_id_1 
_ndb_struct_na_base_pair_step.i_label_comp_id_1 
_ndb_struct_na_base_pair_step.i_label_seq_id_1 
_ndb_struct_na_base_pair_step.i_symmetry_1 
_ndb_struct_na_base_pair_step.j_label_asym_id_1 
_ndb_struct_na_base_pair_step.j_label_comp_id_1 
_ndb_struct_na_base_pair_step.j_label_seq_id_1 
_ndb_struct_na_base_pair_step.j_symmetry_1 
_ndb_struct_na_base_pair_step.i_label_asym_id_2 
_ndb_struct_na_base_pair_step.i_label_comp_id_2 
_ndb_struct_na_base_pair_step.i_label_seq_id_2 
_ndb_struct_na_base_pair_step.i_symmetry_2 
_ndb_struct_na_base_pair_step.j_label_asym_id_2 
_ndb_struct_na_base_pair_step.j_label_comp_id_2 
_ndb_struct_na_base_pair_step.j_label_seq_id_2 
_ndb_struct_na_base_pair_step.j_symmetry_2 
_ndb_struct_na_base_pair_step.shift 
_ndb_struct_na_base_pair_step.slide 
_ndb_struct_na_base_pair_step.rise 
_ndb_struct_na_base_pair_step.tilt 
_ndb_struct_na_base_pair_step.roll 
_ndb_struct_na_base_pair_step.twist 
_ndb_struct_na_base_pair_step.x_displacement 
_ndb_struct_na_base_pair_step.y_displacement 
_ndb_struct_na_base_pair_step.helical_rise 
_ndb_struct_na_base_pair_step.inclination 
_ndb_struct_na_base_pair_step.tip 
_ndb_struct_na_base_pair_step.helical_twist 
_ndb_struct_na_base_pair_step.step_number 
_ndb_struct_na_base_pair_step.step_name 
_ndb_struct_na_base_pair_step.i_auth_asym_id_1 
_ndb_struct_na_base_pair_step.i_auth_seq_id_1 
_ndb_struct_na_base_pair_step.i_PDB_ins_code_1 
_ndb_struct_na_base_pair_step.j_auth_asym_id_1 
_ndb_struct_na_base_pair_step.j_auth_seq_id_1 
_ndb_struct_na_base_pair_step.j_PDB_ins_code_1 
_ndb_struct_na_base_pair_step.i_auth_asym_id_2 
_ndb_struct_na_base_pair_step.i_auth_seq_id_2 
_ndb_struct_na_base_pair_step.i_PDB_ins_code_2 
_ndb_struct_na_base_pair_step.j_auth_asym_id_2 
_ndb_struct_na_base_pair_step.j_auth_seq_id_2 
_ndb_struct_na_base_pair_step.j_PDB_ins_code_2 
1 A G 1  1_555 B C 11 1_555 A G 2  1_555 B C 10 1_555 -0.749 -1.962 3.446 0.827  8.436  32.960 -4.675 1.411  2.853 14.570 -1.429 
34.003 1  AA_G16G17:C45C46_BB A 16 ? B 46 ? A 17 ? B 45 ? 
1 A G 2  1_555 B C 10 1_555 A C 3  1_555 B G 9  1_555 0.948  -1.063 2.985 -2.039 7.891  31.466 -3.098 -2.005 2.584 14.252 3.682  
32.478 2  AA_G17C18:G44C45_BB A 17 ? B 45 ? A 18 ? B 44 ? 
1 A C 3  1_555 B G 9  1_555 A C 4  1_555 B G 8  1_555 -0.013 -1.951 3.079 3.164  4.182  28.872 -4.663 0.639  2.758 8.300  -6.280 
29.335 3  AA_C18C19:G43G44_BB A 18 ? B 44 ? A 19 ? B 43 ? 
1 A C 4  1_555 B G 8  1_555 A A 5  1_555 B U 7  1_555 0.154  -1.588 3.222 0.093  6.031  30.045 -4.124 -0.275 2.857 11.487 -0.178 
30.631 4  AA_C19A20:U42G43_BB A 19 ? B 43 ? A 20 ? B 42 ? 
1 A A 5  1_555 B U 7  1_555 A G 6  1_555 B C 6  1_555 0.263  -1.683 3.371 1.932  7.067  30.493 -4.416 -0.132 2.927 13.198 -3.608 
31.341 5  AA_A20G21:C41U42_BB A 20 ? B 42 ? A 21 ? B 41 ? 
1 A G 6  1_555 B C 6  1_555 A A 7  1_555 B U 5  1_555 -0.465 -1.205 3.108 0.568  4.860  35.781 -2.581 0.824  2.917 7.864  -0.919 
36.103 6  AA_G21A22:U40C41_BB A 21 ? B 41 ? A 22 ? B 40 ? 
1 A A 7  1_555 B U 5  1_555 A G 11 1_555 B C 4  1_555 1.363  -2.130 3.161 2.711  9.145  21.675 -7.820 -2.547 2.240 22.940 -6.800 
23.658 7  AA_A22G26:C39U40_BB A 22 ? B 40 ? A 26 ? B 39 ? 
1 A G 11 1_555 B C 4  1_555 A A 12 1_555 B U 3  1_555 -0.738 -1.176 3.235 -0.895 4.722  37.671 -2.392 1.024  3.087 7.277  1.379  
37.965 8  AA_G26A27:U38C39_BB A 26 ? B 39 ? A 27 ? B 38 ? 
1 A A 12 1_555 B U 3  1_555 A G 13 1_555 B C 2  1_555 0.631  -1.710 3.317 3.012  10.200 29.495 -4.977 -0.634 2.644 19.263 -5.688 
31.314 9  AA_A27G28:C37U38_BB A 27 ? B 38 ? A 28 ? B 37 ? 
1 A G 13 1_555 B C 2  1_555 A C 14 1_555 B G 1  1_555 0.319  -2.012 3.280 -0.154 2.337  34.995 -3.683 -0.552 3.142 3.880  0.256  
35.071 10 AA_G28C29:G36C37_BB A 28 ? B 37 ? A 29 ? B 36 ? 
# 
_atom_sites.entry_id                    397D 
_atom_sites.fract_transf_matrix[1][1]   -0.00029745 
_atom_sites.fract_transf_matrix[1][2]   -0.02538915 
_atom_sites.fract_transf_matrix[1][3]   0.03283293 
_atom_sites.fract_transf_matrix[2][1]   0.03587204 
_atom_sites.fract_transf_matrix[2][2]   -0.00244692 
_atom_sites.fract_transf_matrix[2][3]   -0.02421040 
_atom_sites.fract_transf_matrix[3][1]   0.00255513 
_atom_sites.fract_transf_matrix[3][2]   0.02806829 
_atom_sites.fract_transf_matrix[3][3]   0.01888427 
_atom_sites.fract_transf_vector[1]      0.300203 
_atom_sites.fract_transf_vector[2]      0.129736 
_atom_sites.fract_transf_vector[3]      -0.537198 
# 
loop_
_atom_type.symbol 
C  
CA 
N  
O  
P  
# 
loop_
_atom_site.group_PDB 
_atom_site.id 
_atom_site.type_symbol 
_atom_site.label_atom_id 
_atom_site.label_alt_id 
_atom_site.label_comp_id 
_atom_site.label_asym_id 
_atom_site.label_entity_id 
_atom_site.label_seq_id 
_atom_site.pdbx_PDB_ins_code 
_atom_site.Cartn_x 
_atom_site.Cartn_y 
_atom_site.Cartn_z 
_atom_site.occupancy 
_atom_site.B_iso_or_equiv 
_atom_site.pdbx_formal_charge 
_atom_site.auth_seq_id 
_atom_site.auth_comp_id 
_atom_site.auth_asym_id 
_atom_site.auth_atom_id 
_atom_site.pdbx_PDB_model_num 
ATOM   1   O  "O5'" . G   A 1 1  ? 3.830   -3.789  -15.266 1.00 28.33 ? 16  G   A "O5'" 1 
ATOM   2   C  "C5'" . G   A 1 1  ? 3.432   -3.515  -16.623 1.00 27.46 ? 16  G   A "C5'" 1 
ATOM   3   C  "C4'" . G   A 1 1  ? 2.283   -4.405  -17.036 1.00 23.74 ? 16  G   A "C4'" 1 
ATOM   4   O  "O4'" . G   A 1 1  ? 2.786   -5.774  -17.159 1.00 23.68 ? 16  G   A "O4'" 1 
ATOM   5   C  "C3'" . G   A 1 1  ? 1.130   -4.527  -16.039 1.00 20.79 ? 16  G   A "C3'" 1 
ATOM   6   O  "O3'" . G   A 1 1  ? 0.216   -3.458  -16.217 1.00 21.08 ? 16  G   A "O3'" 1 
ATOM   7   C  "C2'" . G   A 1 1  ? 0.512   -5.857  -16.481 1.00 20.34 ? 16  G   A "C2'" 1 
ATOM   8   O  "O2'" . G   A 1 1  ? -0.219  -5.717  -17.676 1.00 21.89 ? 16  G   A "O2'" 1 
ATOM   9   C  "C1'" . G   A 1 1  ? 1.779   -6.679  -16.743 1.00 20.48 ? 16  G   A "C1'" 1 
ATOM   10  N  N9    . G   A 1 1  ? 2.234   -7.357  -15.528 1.00 19.17 ? 16  G   A N9    1 
ATOM   11  C  C8    . G   A 1 1  ? 3.363   -7.100  -14.787 1.00 19.74 ? 16  G   A C8    1 
ATOM   12  N  N7    . G   A 1 1  ? 3.479   -7.880  -13.744 1.00 18.19 ? 16  G   A N7    1 
ATOM   13  C  C5    . G   A 1 1  ? 2.364   -8.703  -13.807 1.00 17.83 ? 16  G   A C5    1 
ATOM   14  C  C6    . G   A 1 1  ? 1.942   -9.750  -12.959 1.00 16.50 ? 16  G   A C6    1 
ATOM   15  O  O6    . G   A 1 1  ? 2.515   -10.200 -11.911 1.00 16.71 ? 16  G   A O6    1 
ATOM   16  N  N1    . G   A 1 1  ? 0.746   -10.316 -13.398 1.00 16.21 ? 16  G   A N1    1 
ATOM   17  C  C2    . G   A 1 1  ? 0.031   -9.937  -14.507 1.00 16.33 ? 16  G   A C2    1 
ATOM   18  N  N2    . G   A 1 1  ? -1.103  -10.602 -14.763 1.00 17.84 ? 16  G   A N2    1 
ATOM   19  N  N3    . G   A 1 1  ? 0.422   -8.955  -15.312 1.00 17.55 ? 16  G   A N3    1 
ATOM   20  C  C4    . G   A 1 1  ? 1.573   -8.391  -14.898 1.00 18.28 ? 16  G   A C4    1 
ATOM   21  P  P     . G   A 1 2  ? -0.694  -2.972  -14.989 1.00 19.22 ? 17  G   A P     1 
ATOM   22  O  OP1   . G   A 1 2  ? -1.462  -1.802  -15.460 1.00 21.02 ? 17  G   A OP1   1 
ATOM   23  O  OP2   . G   A 1 2  ? 0.131   -2.855  -13.760 1.00 20.23 ? 17  G   A OP2   1 
ATOM   24  O  "O5'" . G   A 1 2  ? -1.703  -4.187  -14.773 1.00 17.79 ? 17  G   A "O5'" 1 
ATOM   25  C  "C5'" . G   A 1 2  ? -2.782  -4.345  -15.729 1.00 18.94 ? 17  G   A "C5'" 1 
ATOM   26  C  "C4'" . G   A 1 2  ? -3.684  -5.464  -15.268 1.00 17.12 ? 17  G   A "C4'" 1 
ATOM   27  O  "O4'" . G   A 1 2  ? -2.924  -6.703  -15.130 1.00 17.32 ? 17  G   A "O4'" 1 
ATOM   28  C  "C3'" . G   A 1 2  ? -4.256  -5.269  -13.865 1.00 16.73 ? 17  G   A "C3'" 1 
ATOM   29  O  "O3'" . G   A 1 2  ? -5.334  -4.360  -13.872 1.00 16.76 ? 17  G   A "O3'" 1 
ATOM   30  C  "C2'" . G   A 1 2  ? -4.693  -6.693  -13.561 1.00 16.74 ? 17  G   A "C2'" 1 
ATOM   31  O  "O2'" . G   A 1 2  ? -5.830  -7.076  -14.304 1.00 18.78 ? 17  G   A "O2'" 1 
ATOM   32  C  "C1'" . G   A 1 2  ? -3.486  -7.460  -14.072 1.00 16.42 ? 17  G   A "C1'" 1 
ATOM   33  N  N9    . G   A 1 2  ? -2.452  -7.698  -13.081 1.00 15.66 ? 17  G   A N9    1 
ATOM   34  C  C8    . G   A 1 2  ? -1.268  -7.043  -12.929 1.00 15.83 ? 17  G   A C8    1 
ATOM   35  N  N7    . G   A 1 2  ? -0.537  -7.494  -11.931 1.00 16.46 ? 17  G   A N7    1 
ATOM   36  C  C5    . G   A 1 2  ? -1.298  -8.518  -11.402 1.00 15.05 ? 17  G   A C5    1 
ATOM   37  C  C6    . G   A 1 2  ? -1.054  -9.384  -10.324 1.00 14.91 ? 17  G   A C6    1 
ATOM   38  O  O6    . G   A 1 2  ? -0.044  -9.410  -9.579  1.00 16.70 ? 17  G   A O6    1 
ATOM   39  N  N1    . G   A 1 2  ? -2.087  -10.278 -10.105 1.00 15.08 ? 17  G   A N1    1 
ATOM   40  C  C2    . G   A 1 2  ? -3.231  -10.340 -10.853 1.00 14.92 ? 17  G   A C2    1 
ATOM   41  N  N2    . G   A 1 2  ? -4.100  -11.281 -10.476 1.00 15.82 ? 17  G   A N2    1 
ATOM   42  N  N3    . G   A 1 2  ? -3.485  -9.540  -11.873 1.00 14.94 ? 17  G   A N3    1 
ATOM   43  C  C4    . G   A 1 2  ? -2.488  -8.661  -12.093 1.00 15.42 ? 17  G   A C4    1 
ATOM   44  P  P     . C   A 1 3  ? -5.451  -3.264  -12.690 1.00 17.24 ? 18  C   A P     1 
ATOM   45  O  OP1   . C   A 1 3  ? -6.602  -2.430  -13.087 1.00 18.83 ? 18  C   A OP1   1 
ATOM   46  O  OP2   . C   A 1 3  ? -4.135  -2.656  -12.401 1.00 17.99 ? 18  C   A OP2   1 
ATOM   47  O  "O5'" . C   A 1 3  ? -5.848  -4.104  -11.406 1.00 15.97 ? 18  C   A "O5'" 1 
ATOM   48  C  "C5'" . C   A 1 3  ? -7.160  -4.716  -11.365 1.00 16.34 ? 18  C   A "C5'" 1 
ATOM   49  C  "C4'" . C   A 1 3  ? -7.194  -5.783  -10.334 1.00 15.35 ? 18  C   A "C4'" 1 
ATOM   50  O  "O4'" . C   A 1 3  ? -6.178  -6.795  -10.619 1.00 15.35 ? 18  C   A "O4'" 1 
ATOM   51  C  "C3'" . C   A 1 3  ? -6.937  -5.417  -8.884  1.00 15.54 ? 18  C   A "C3'" 1 
ATOM   52  O  "O3'" . C   A 1 3  ? -8.079  -4.792  -8.313  1.00 15.88 ? 18  C   A "O3'" 1 
ATOM   53  C  "C2'" . C   A 1 3  ? -6.681  -6.826  -8.318  1.00 14.50 ? 18  C   A "C2'" 1 
ATOM   54  O  "O2'" . C   A 1 3  ? -7.896  -7.556  -8.264  1.00 16.17 ? 18  C   A "O2'" 1 
ATOM   55  C  "C1'" . C   A 1 3  ? -5.776  -7.414  -9.413  1.00 14.53 ? 18  C   A "C1'" 1 
ATOM   56  N  N1    . C   A 1 3  ? -4.364  -7.144  -9.120  1.00 14.08 ? 18  C   A N1    1 
ATOM   57  C  C2    . C   A 1 3  ? -3.748  -7.954  -8.143  1.00 14.77 ? 18  C   A C2    1 
ATOM   58  O  O2    . C   A 1 3  ? -4.442  -8.811  -7.600  1.00 16.16 ? 18  C   A O2    1 
ATOM   59  N  N3    . C   A 1 3  ? -2.451  -7.768  -7.823  1.00 14.94 ? 18  C   A N3    1 
ATOM   60  C  C4    . C   A 1 3  ? -1.766  -6.793  -8.423  1.00 14.85 ? 18  C   A C4    1 
ATOM   61  N  N4    . C   A 1 3  ? -0.477  -6.651  -8.110  1.00 17.20 ? 18  C   A N4    1 
ATOM   62  C  C5    . C   A 1 3  ? -2.359  -5.956  -9.416  1.00 15.10 ? 18  C   A C5    1 
ATOM   63  C  C6    . C   A 1 3  ? -3.649  -6.166  -9.729  1.00 14.99 ? 18  C   A C6    1 
ATOM   64  P  P     . C   A 1 4  ? -7.887  -3.849  -7.009  1.00 19.66 ? 19  C   A P     1 
ATOM   65  O  OP1   . C   A 1 4  ? -9.224  -3.248  -6.785  1.00 23.28 ? 19  C   A OP1   1 
ATOM   66  O  OP2   . C   A 1 4  ? -6.684  -2.990  -7.165  1.00 22.47 ? 19  C   A OP2   1 
ATOM   67  O  "O5'" . C   A 1 4  ? -7.541  -4.898  -5.849  1.00 18.22 ? 19  C   A "O5'" 1 
ATOM   68  C  "C5'" . C   A 1 4  ? -8.545  -5.839  -5.433  1.00 18.73 ? 19  C   A "C5'" 1 
ATOM   69  C  "C4'" . C   A 1 4  ? -7.949  -6.806  -4.434  1.00 18.69 ? 19  C   A "C4'" 1 
ATOM   70  O  "O4'" . C   A 1 4  ? -6.788  -7.464  -5.006  1.00 17.65 ? 19  C   A "O4'" 1 
ATOM   71  C  "C3'" . C   A 1 4  ? -7.331  -6.197  -3.168  1.00 17.82 ? 19  C   A "C3'" 1 
ATOM   72  O  "O3'" . C   A 1 4  ? -8.320  -5.884  -2.223  1.00 19.89 ? 19  C   A "O3'" 1 
ATOM   73  C  "C2'" . C   A 1 4  ? -6.487  -7.385  -2.679  1.00 18.21 ? 19  C   A "C2'" 1 
ATOM   74  O  "O2'" . C   A 1 4  ? -7.345  -8.441  -2.241  1.00 20.29 ? 19  C   A "O2'" 1 
ATOM   75  C  "C1'" . C   A 1 4  ? -5.839  -7.776  -3.996  1.00 17.37 ? 19  C   A "C1'" 1 
ATOM   76  N  N1    . C   A 1 4  ? -4.548  -7.150  -4.270  1.00 17.50 ? 19  C   A N1    1 
ATOM   77  C  C2    . C   A 1 4  ? -3.429  -7.673  -3.614  1.00 17.37 ? 19  C   A C2    1 
ATOM   78  O  O2    . C   A 1 4  ? -3.579  -8.600  -2.790  1.00 17.75 ? 19  C   A O2    1 
ATOM   79  N  N3    . C   A 1 4  ? -2.218  -7.127  -3.851  1.00 17.25 ? 19  C   A N3    1 
ATOM   80  C  C4    . C   A 1 4  ? -2.102  -6.097  -4.687  1.00 18.80 ? 19  C   A C4    1 
ATOM   81  N  N4    . C   A 1 4  ? -0.891  -5.572  -4.917  1.00 18.44 ? 19  C   A N4    1 
ATOM   82  C  C5    . C   A 1 4  ? -3.239  -5.512  -5.340  1.00 18.74 ? 19  C   A C5    1 
ATOM   83  C  C6    . C   A 1 4  ? -4.435  -6.072  -5.101  1.00 17.89 ? 19  C   A C6    1 
ATOM   84  P  P     . A   A 1 5  ? -8.053  -4.732  -1.130  1.00 21.52 ? 20  A   A P     1 
ATOM   85  O  OP1   . A   A 1 5  ? -9.379  -4.484  -0.511  1.00 25.28 ? 20  A   A OP1   1 
ATOM   86  O  OP2   . A   A 1 5  ? -7.252  -3.626  -1.706  1.00 22.15 ? 20  A   A OP2   1 
ATOM   87  O  "O5'" . A   A 1 5  ? -7.026  -5.439  -0.133  1.00 20.89 ? 20  A   A "O5'" 1 
ATOM   88  C  "C5'" . A   A 1 5  ? -7.449  -6.571  0.652   1.00 20.59 ? 20  A   A "C5'" 1 
ATOM   89  C  "C4'" . A   A 1 5  ? -6.266  -7.163  1.354   1.00 20.28 ? 20  A   A "C4'" 1 
ATOM   90  O  "O4'" . A   A 1 5  ? -5.279  -7.587  0.369   1.00 20.50 ? 20  A   A "O4'" 1 
ATOM   91  C  "C3'" . A   A 1 5  ? -5.470  -6.209  2.247   1.00 20.35 ? 20  A   A "C3'" 1 
ATOM   92  O  "O3'" . A   A 1 5  ? -6.106  -6.000  3.495   1.00 20.86 ? 20  A   A "O3'" 1 
ATOM   93  C  "C2'" . A   A 1 5  ? -4.183  -7.021  2.407   1.00 19.95 ? 20  A   A "C2'" 1 
ATOM   94  O  "O2'" . A   A 1 5  ? -4.365  -8.165  3.234   1.00 23.36 ? 20  A   A "O2'" 1 
ATOM   95  C  "C1'" . A   A 1 5  ? -3.998  -7.446  0.958   1.00 19.97 ? 20  A   A "C1'" 1 
ATOM   96  N  N9    . A   A 1 5  ? -3.244  -6.509  0.135   1.00 18.63 ? 20  A   A N9    1 
ATOM   97  C  C8    . A   A 1 5  ? -3.705  -5.615  -0.794  1.00 18.16 ? 20  A   A C8    1 
ATOM   98  N  N7    . A   A 1 5  ? -2.748  -4.918  -1.367  1.00 18.44 ? 20  A   A N7    1 
ATOM   99  C  C5    . A   A 1 5  ? -1.580  -5.376  -0.779  1.00 17.89 ? 20  A   A C5    1 
ATOM   100 C  C6    . A   A 1 5  ? -0.227  -5.050  -0.947  1.00 17.71 ? 20  A   A C6    1 
ATOM   101 N  N6    . A   A 1 5  ? 0.251   -4.139  -1.795  1.00 20.09 ? 20  A   A N6    1 
ATOM   102 N  N1    . A   A 1 5  ? 0.695   -5.702  -0.201  1.00 18.39 ? 20  A   A N1    1 
ATOM   103 C  C2    . A   A 1 5  ? 0.254   -6.622  0.648   1.00 17.81 ? 20  A   A C2    1 
ATOM   104 N  N3    . A   A 1 5  ? -0.989  -7.031  0.909   1.00 19.24 ? 20  A   A N3    1 
ATOM   105 C  C4    . A   A 1 5  ? -1.874  -6.361  0.156   1.00 18.14 ? 20  A   A C4    1 
ATOM   106 P  P     . G   A 1 6  ? -5.813  -4.651  4.321   1.00 21.42 ? 21  G   A P     1 
ATOM   107 O  OP1   . G   A 1 6  ? -6.767  -4.725  5.464   1.00 25.60 ? 21  G   A OP1   1 
ATOM   108 O  OP2   . G   A 1 6  ? -5.825  -3.474  3.406   1.00 22.35 ? 21  G   A OP2   1 
ATOM   109 O  "O5'" . G   A 1 6  ? -4.317  -4.809  4.829   1.00 21.04 ? 21  G   A "O5'" 1 
ATOM   110 C  "C5'" . G   A 1 6  ? -3.969  -5.899  5.712   1.00 21.51 ? 21  G   A "C5'" 1 
ATOM   111 C  "C4'" . G   A 1 6  ? -2.479  -6.013  5.838   1.00 19.78 ? 21  G   A "C4'" 1 
ATOM   112 O  "O4'" . G   A 1 6  ? -1.882  -6.203  4.531   1.00 19.45 ? 21  G   A "O4'" 1 
ATOM   113 C  "C3'" . G   A 1 6  ? -1.743  -4.775  6.351   1.00 17.67 ? 21  G   A "C3'" 1 
ATOM   114 O  "O3'" . G   A 1 6  ? -1.841  -4.681  7.750   1.00 18.02 ? 21  G   A "O3'" 1 
ATOM   115 C  "C2'" . G   A 1 6  ? -0.305  -5.062  5.908   1.00 17.81 ? 21  G   A "C2'" 1 
ATOM   116 O  "O2'" . G   A 1 6  ? 0.287   -6.149  6.598   1.00 19.80 ? 21  G   A "O2'" 1 
ATOM   117 C  "C1'" . G   A 1 6  ? -0.637  -5.533  4.511   1.00 18.79 ? 21  G   A "C1'" 1 
ATOM   118 N  N9    . G   A 1 6  ? -0.654  -4.566  3.441   1.00 18.39 ? 21  G   A N9    1 
ATOM   119 C  C8    . G   A 1 6  ? -1.721  -4.035  2.763   1.00 18.95 ? 21  G   A C8    1 
ATOM   120 N  N7    . G   A 1 6  ? -1.340  -3.180  1.850   1.00 18.53 ? 21  G   A N7    1 
ATOM   121 C  C5    . G   A 1 6  ? 0.041   -3.142  1.943   1.00 17.38 ? 21  G   A C5    1 
ATOM   122 C  C6    . G   A 1 6  ? 1.027   -2.430  1.233   1.00 17.15 ? 21  G   A C6    1 
ATOM   123 O  O6    . G   A 1 6  ? 0.809   -1.618  0.292   1.00 17.70 ? 21  G   A O6    1 
ATOM   124 N  N1    . G   A 1 6  ? 2.327   -2.683  1.646   1.00 17.35 ? 21  G   A N1    1 
ATOM   125 C  C2    . G   A 1 6  ? 2.635   -3.567  2.654   1.00 17.80 ? 21  G   A C2    1 
ATOM   126 N  N2    . G   A 1 6  ? 3.941   -3.707  2.952   1.00 18.23 ? 21  G   A N2    1 
ATOM   127 N  N3    . G   A 1 6  ? 1.735   -4.259  3.339   1.00 17.92 ? 21  G   A N3    1 
ATOM   128 C  C4    . G   A 1 6  ? 0.490   -3.993  2.925   1.00 17.09 ? 21  G   A C4    1 
ATOM   129 P  P     . A   A 1 7  ? -1.608  -3.299  8.522   1.00 18.26 ? 22  A   A P     1 
ATOM   130 O  OP1   . A   A 1 7  ? -1.927  -3.604  9.938   1.00 19.14 ? 22  A   A OP1   1 
ATOM   131 O  OP2   . A   A 1 7  ? -2.266  -2.169  7.787   1.00 18.62 ? 22  A   A OP2   1 
ATOM   132 O  "O5'" . A   A 1 7  ? -0.057  -3.044  8.377   1.00 17.28 ? 22  A   A "O5'" 1 
ATOM   133 C  "C5'" . A   A 1 7  ? 0.936   -3.844  9.026   1.00 17.60 ? 22  A   A "C5'" 1 
ATOM   134 C  "C4'" . A   A 1 7  ? 2.319   -3.278  8.746   1.00 16.30 ? 22  A   A "C4'" 1 
ATOM   135 O  "O4'" . A   A 1 7  ? 2.585   -3.318  7.326   1.00 16.09 ? 22  A   A "O4'" 1 
ATOM   136 C  "C3'" . A   A 1 7  ? 2.468   -1.788  9.073   1.00 15.12 ? 22  A   A "C3'" 1 
ATOM   137 O  "O3'" . A   A 1 7  ? 2.784   -1.649  10.456  1.00 13.85 ? 22  A   A "O3'" 1 
ATOM   138 C  "C2'" . A   A 1 7  ? 3.655   -1.377  8.206   1.00 14.36 ? 22  A   A "C2'" 1 
ATOM   139 O  "O2'" . A   A 1 7  ? 4.890   -1.862  8.684   1.00 15.60 ? 22  A   A "O2'" 1 
ATOM   140 C  "C1'" . A   A 1 7  ? 3.303   -2.129  6.950   1.00 16.55 ? 22  A   A "C1'" 1 
ATOM   141 N  N9    . A   A 1 7  ? 2.536   -1.493  5.906   1.00 15.07 ? 22  A   A N9    1 
ATOM   142 C  C8    . A   A 1 7  ? 1.180   -1.499  5.723   1.00 15.42 ? 22  A   A C8    1 
ATOM   143 N  N7    . A   A 1 7  ? 0.780   -0.842  4.657   1.00 15.42 ? 22  A   A N7    1 
ATOM   144 C  C5    . A   A 1 7  ? 1.958   -0.377  4.095   1.00 14.27 ? 22  A   A C5    1 
ATOM   145 C  C6    . A   A 1 7  ? 2.225   0.373   2.943   1.00 14.61 ? 22  A   A C6    1 
ATOM   146 N  N6    . A   A 1 7  ? 1.271   0.820   2.104   1.00 14.76 ? 22  A   A N6    1 
ATOM   147 N  N1    . A   A 1 7  ? 3.518   0.664   2.672   1.00 15.44 ? 22  A   A N1    1 
ATOM   148 C  C2    . A   A 1 7  ? 4.474   0.211   3.493   1.00 15.18 ? 22  A   A C2    1 
ATOM   149 N  N3    . A   A 1 7  ? 4.343   -0.513  4.596   1.00 14.24 ? 22  A   A N3    1 
ATOM   150 C  C4    . A   A 1 7  ? 3.051   -0.781  4.843   1.00 14.55 ? 22  A   A C4    1 
ATOM   151 P  P     . U   A 1 8  ? 2.354   -0.334  11.258  1.00 14.50 ? 23  U   A P     1 
ATOM   152 O  OP1   . U   A 1 8  ? 0.990   0.067   10.836  1.00 14.53 ? 23  U   A OP1   1 
ATOM   153 O  OP2   . U   A 1 8  ? 3.450   0.667   11.183  1.00 14.73 ? 23  U   A OP2   1 
ATOM   154 O  "O5'" . U   A 1 8  ? 2.340   -0.876  12.765  1.00 13.88 ? 23  U   A "O5'" 1 
ATOM   155 C  "C5'" . U   A 1 8  ? 1.412   -1.876  13.196  1.00 14.42 ? 23  U   A "C5'" 1 
ATOM   156 C  "C4'" . U   A 1 8  ? 1.383   -1.828  14.705  1.00 14.14 ? 23  U   A "C4'" 1 
ATOM   157 O  "O4'" . U   A 1 8  ? 2.741   -2.061  15.224  1.00 14.93 ? 23  U   A "O4'" 1 
ATOM   158 C  "C3'" . U   A 1 8  ? 0.968   -0.503  15.332  1.00 14.56 ? 23  U   A "C3'" 1 
ATOM   159 O  "O3'" . U   A 1 8  ? -0.445  -0.407  15.449  1.00 15.85 ? 23  U   A "O3'" 1 
ATOM   160 C  "C2'" . U   A 1 8  ? 1.635   -0.560  16.707  1.00 15.26 ? 23  U   A "C2'" 1 
ATOM   161 O  "O2'" . U   A 1 8  ? 0.958   -1.418  17.627  1.00 17.00 ? 23  U   A "O2'" 1 
ATOM   162 C  "C1'" . U   A 1 8  ? 2.960   -1.196  16.324  1.00 15.21 ? 23  U   A "C1'" 1 
ATOM   163 N  N1    . U   A 1 8  ? 4.067   -0.295  16.040  1.00 16.10 ? 23  U   A N1    1 
ATOM   164 C  C2    . U   A 1 8  ? 4.611   0.334   17.144  1.00 18.92 ? 23  U   A C2    1 
ATOM   165 O  O2    . U   A 1 8  ? 4.169   0.097   18.258  1.00 22.16 ? 23  U   A O2    1 
ATOM   166 N  N3    . U   A 1 8  ? 5.660   1.168   16.880  1.00 20.71 ? 23  U   A N3    1 
ATOM   167 C  C4    . U   A 1 8  ? 6.199   1.480   15.648  1.00 18.04 ? 23  U   A C4    1 
ATOM   168 O  O4    . U   A 1 8  ? 7.156   2.256   15.584  1.00 22.47 ? 23  U   A O4    1 
ATOM   169 C  C5    . U   A 1 8  ? 5.613   0.761   14.565  1.00 17.66 ? 23  U   A C5    1 
ATOM   170 C  C6    . U   A 1 8  ? 4.567   -0.052  14.791  1.00 16.69 ? 23  U   A C6    1 
ATOM   171 P  P     . C   A 1 9  ? -1.271  0.759   14.741  1.00 15.30 ? 24  C   A P     1 
ATOM   172 O  OP1   . C   A 1 9  ? -2.704  0.483   15.052  1.00 17.96 ? 24  C   A OP1   1 
ATOM   173 O  OP2   . C   A 1 9  ? -0.833  0.932   13.356  1.00 15.31 ? 24  C   A OP2   1 
ATOM   174 O  "O5'" . C   A 1 9  ? -0.839  2.089   15.503  1.00 16.03 ? 24  C   A "O5'" 1 
ATOM   175 C  "C5'" . C   A 1 9  ? -1.163  2.342   16.890  1.00 16.23 ? 24  C   A "C5'" 1 
ATOM   176 C  "C4'" . C   A 1 9  ? -0.430  3.589   17.312  1.00 17.88 ? 24  C   A "C4'" 1 
ATOM   177 O  "O4'" . C   A 1 9  ? 0.987   3.252   17.354  1.00 18.39 ? 24  C   A "O4'" 1 
ATOM   178 C  "C3'" . C   A 1 9  ? -0.482  4.758   16.327  1.00 18.03 ? 24  C   A "C3'" 1 
ATOM   179 O  "O3'" . C   A 1 9  ? -1.628  5.573   16.528  1.00 18.07 ? 24  C   A "O3'" 1 
ATOM   180 C  "C2'" . C   A 1 9  ? 0.776   5.520   16.745  1.00 19.37 ? 24  C   A "C2'" 1 
ATOM   181 O  "O2'" . C   A 1 9  ? 0.616   6.218   17.967  1.00 20.46 ? 24  C   A "O2'" 1 
ATOM   182 C  "C1'" . C   A 1 9  ? 1.768   4.361   16.956  1.00 18.84 ? 24  C   A "C1'" 1 
ATOM   183 N  N1    . C   A 1 9  ? 2.485   4.031   15.713  1.00 18.54 ? 24  C   A N1    1 
ATOM   184 C  C2    . C   A 1 9  ? 3.650   4.728   15.377  1.00 16.79 ? 24  C   A C2    1 
ATOM   185 O  O2    . C   A 1 9  ? 4.039   5.615   16.150  1.00 23.34 ? 24  C   A O2    1 
ATOM   186 N  N3    . C   A 1 9  ? 4.307   4.419   14.230  1.00 16.45 ? 24  C   A N3    1 
ATOM   187 C  C4    . C   A 1 9  ? 3.840   3.477   13.410  1.00 15.24 ? 24  C   A C4    1 
ATOM   188 N  N4    . C   A 1 9  ? 4.491   3.142   12.286  1.00 15.89 ? 24  C   A N4    1 
ATOM   189 C  C5    . C   A 1 9  ? 2.676   2.751   13.752  1.00 16.35 ? 24  C   A C5    1 
ATOM   190 C  C6    . C   A 1 9  ? 2.022   3.059   14.875  1.00 17.90 ? 24  C   A C6    1 
ATOM   191 P  P     . U   A 1 10 ? -2.841  5.603   15.478  1.00 19.79 ? 25  U   A P     1 
ATOM   192 O  OP1   . U   A 1 10 ? -3.570  6.888   15.685  1.00 24.53 ? 25  U   A OP1   1 
ATOM   193 O  OP2   . U   A 1 10 ? -3.577  4.326   15.527  1.00 21.07 ? 25  U   A OP2   1 
ATOM   194 O  "O5'" . U   A 1 10 ? -1.985  5.709   14.114  1.00 19.69 ? 25  U   A "O5'" 1 
ATOM   195 C  "C5'" . U   A 1 10 ? -2.544  5.461   12.820  1.00 17.57 ? 25  U   A "C5'" 1 
ATOM   196 C  "C4'" . U   A 1 10 ? -1.564  5.913   11.755  1.00 16.76 ? 25  U   A "C4'" 1 
ATOM   197 O  "O4'" . U   A 1 10 ? -1.278  7.325   11.951  1.00 17.86 ? 25  U   A "O4'" 1 
ATOM   198 C  "C3'" . U   A 1 10 ? -0.207  5.203   11.852  1.00 15.79 ? 25  U   A "C3'" 1 
ATOM   199 O  "O3'" . U   A 1 10 ? 0.338   5.140   10.539  1.00 15.27 ? 25  U   A "O3'" 1 
ATOM   200 C  "C2'" . U   A 1 10 ? 0.668   6.191   12.616  1.00 16.26 ? 25  U   A "C2'" 1 
ATOM   201 O  "O2'" . U   A 1 10 ? 2.058   6.063   12.384  1.00 16.73 ? 25  U   A "O2'" 1 
ATOM   202 C  "C1'" . U   A 1 10 ? 0.110   7.512   12.101  1.00 17.28 ? 25  U   A "C1'" 1 
ATOM   203 N  N1    . U   A 1 10 ? 0.338   8.636   13.021  1.00 18.67 ? 25  U   A N1    1 
ATOM   204 C  C2    . U   A 1 10 ? 1.078   9.722   12.594  1.00 17.17 ? 25  U   A C2    1 
ATOM   205 O  O2    . U   A 1 10 ? 1.572   9.778   11.483  1.00 17.73 ? 25  U   A O2    1 
ATOM   206 N  N3    . U   A 1 10 ? 1.255   10.724  13.511  1.00 21.77 ? 25  U   A N3    1 
ATOM   207 C  C4    . U   A 1 10 ? 0.772   10.733  14.806  1.00 23.56 ? 25  U   A C4    1 
ATOM   208 O  O4    . U   A 1 10 ? 0.983   11.712  15.500  1.00 32.38 ? 25  U   A O4    1 
ATOM   209 C  C5    . U   A 1 10 ? -0.003  9.584   15.178  1.00 21.62 ? 25  U   A C5    1 
ATOM   210 C  C6    . U   A 1 10 ? -0.211  8.619   14.283  1.00 20.09 ? 25  U   A C6    1 
ATOM   211 P  P     . G   A 1 11 ? -0.144  4.063   9.478   1.00 15.54 ? 26  G   A P     1 
ATOM   212 O  OP1   . G   A 1 11 ? -1.015  4.759   8.491   1.00 16.12 ? 26  G   A OP1   1 
ATOM   213 O  OP2   . G   A 1 11 ? -0.713  2.890   10.180  1.00 14.97 ? 26  G   A OP2   1 
ATOM   214 O  "O5'" . G   A 1 11 ? 1.213   3.674   8.748   1.00 15.98 ? 26  G   A "O5'" 1 
ATOM   215 C  "C5'" . G   A 1 11 ? 2.205   2.942   9.500   1.00 14.90 ? 26  G   A "C5'" 1 
ATOM   216 C  "C4'" . G   A 1 11 ? 3.479   2.845   8.697   1.00 15.04 ? 26  G   A "C4'" 1 
ATOM   217 O  "O4'" . G   A 1 11 ? 3.281   2.027   7.513   1.00 14.98 ? 26  G   A "O4'" 1 
ATOM   218 C  "C3'" . G   A 1 11 ? 3.992   4.178   8.168   1.00 14.74 ? 26  G   A "C3'" 1 
ATOM   219 O  "O3'" . G   A 1 11 ? 4.841   4.781   9.134   1.00 14.73 ? 26  G   A "O3'" 1 
ATOM   220 C  "C2'" . G   A 1 11 ? 4.698   3.849   6.858   1.00 14.67 ? 26  G   A "C2'" 1 
ATOM   221 O  "O2'" . G   A 1 11 ? 6.005   3.380   7.128   1.00 16.01 ? 26  G   A "O2'" 1 
ATOM   222 C  "C1'" . G   A 1 11 ? 3.806   2.729   6.393   1.00 14.41 ? 26  G   A "C1'" 1 
ATOM   223 N  N9    . G   A 1 11 ? 2.717   2.975   5.464   1.00 14.15 ? 26  G   A N9    1 
ATOM   224 C  C8    . G   A 1 11 ? 1.394   2.611   5.647   1.00 15.02 ? 26  G   A C8    1 
ATOM   225 N  N7    . G   A 1 11 ? 0.613   2.938   4.657   1.00 14.88 ? 26  G   A N7    1 
ATOM   226 C  C5    . G   A 1 11 ? 1.475   3.548   3.742   1.00 13.71 ? 26  G   A C5    1 
ATOM   227 C  C6    . G   A 1 11 ? 1.200   4.093   2.469   1.00 13.59 ? 26  G   A C6    1 
ATOM   228 O  O6    . G   A 1 11 ? 0.091   4.150   1.839   1.00 15.22 ? 26  G   A O6    1 
ATOM   229 N  N1    . G   A 1 11 ? 2.340   4.617   1.863   1.00 13.65 ? 26  G   A N1    1 
ATOM   230 C  C2    . G   A 1 11 ? 3.590   4.595   2.433   1.00 13.80 ? 26  G   A C2    1 
ATOM   231 N  N2    . G   A 1 11 ? 4.546   5.164   1.674   1.00 14.18 ? 26  G   A N2    1 
ATOM   232 N  N3    . G   A 1 11 ? 3.870   4.079   3.629   1.00 14.20 ? 26  G   A N3    1 
ATOM   233 C  C4    . G   A 1 11 ? 2.774   3.561   4.221   1.00 13.96 ? 26  G   A C4    1 
ATOM   234 P  P     . A   A 1 12 ? 4.490   6.236   9.691   1.00 14.83 ? 27  A   A P     1 
ATOM   235 O  OP1   . A   A 1 12 ? 5.420   6.485   10.836  1.00 16.31 ? 27  A   A OP1   1 
ATOM   236 O  OP2   . A   A 1 12 ? 3.029   6.345   9.847   1.00 14.40 ? 27  A   A OP2   1 
ATOM   237 O  "O5'" . A   A 1 12 ? 4.887   7.220   8.472   1.00 14.10 ? 27  A   A "O5'" 1 
ATOM   238 C  "C5'" . A   A 1 12 ? 6.286   7.377   8.220   1.00 15.05 ? 27  A   A "C5'" 1 
ATOM   239 C  "C4'" . A   A 1 12 ? 6.525   8.131   6.949   1.00 14.89 ? 27  A   A "C4'" 1 
ATOM   240 O  "O4'" . A   A 1 12 ? 6.259   7.295   5.815   1.00 15.30 ? 27  A   A "O4'" 1 
ATOM   241 C  "C3'" . A   A 1 12 ? 5.685   9.371   6.699   1.00 13.88 ? 27  A   A "C3'" 1 
ATOM   242 O  "O3'" . A   A 1 12 ? 6.119   10.493  7.431   1.00 15.31 ? 27  A   A "O3'" 1 
ATOM   243 C  "C2'" . A   A 1 12 ? 5.912   9.531   5.188   1.00 14.17 ? 27  A   A "C2'" 1 
ATOM   244 O  "O2'" . A   A 1 12 ? 7.228   9.997   4.975   1.00 16.97 ? 27  A   A "O2'" 1 
ATOM   245 C  "C1'" . A   A 1 12 ? 5.772   8.081   4.734   1.00 14.39 ? 27  A   A "C1'" 1 
ATOM   246 N  N9    . A   A 1 12 ? 4.355   7.734   4.518   1.00 14.37 ? 27  A   A N9    1 
ATOM   247 C  C8    . A   A 1 12 ? 3.523   7.076   5.380   1.00 13.68 ? 27  A   A C8    1 
ATOM   248 N  N7    . A   A 1 12 ? 2.308   6.901   4.921   1.00 14.23 ? 27  A   A N7    1 
ATOM   249 C  C5    . A   A 1 12 ? 2.337   7.504   3.662   1.00 13.60 ? 27  A   A C5    1 
ATOM   250 C  C6    . A   A 1 12 ? 1.355   7.655   2.671   1.00 13.56 ? 27  A   A C6    1 
ATOM   251 N  N6    . A   A 1 12 ? 0.099   7.204   2.791   1.00 14.35 ? 27  A   A N6    1 
ATOM   252 N  N1    . A   A 1 12 ? 1.691   8.298   1.532   1.00 14.37 ? 27  A   A N1    1 
ATOM   253 C  C2    . A   A 1 12 ? 2.947   8.761   1.388   1.00 14.35 ? 27  A   A C2    1 
ATOM   254 N  N3    . A   A 1 12 ? 3.952   8.666   2.264   1.00 14.33 ? 27  A   A N3    1 
ATOM   255 C  C4    . A   A 1 12 ? 3.594   8.023   3.398   1.00 13.35 ? 27  A   A C4    1 
ATOM   256 P  P     . G   A 1 13 ? 5.062   11.575  7.979   1.00 15.80 ? 28  G   A P     1 
ATOM   257 O  OP1   . G   A 1 13 ? 5.851   12.537  8.779   1.00 17.56 ? 28  G   A OP1   1 
ATOM   258 O  OP2   . G   A 1 13 ? 3.879   10.891  8.544   1.00 16.21 ? 28  G   A OP2   1 
ATOM   259 O  "O5'" . G   A 1 13 ? 4.514   12.347  6.675   1.00 16.93 ? 28  G   A "O5'" 1 
ATOM   260 C  "C5'" . G   A 1 13 ? 5.381   13.169  5.889   1.00 17.02 ? 28  G   A "C5'" 1 
ATOM   261 C  "C4'" . G   A 1 13 ? 4.756   13.445  4.543   1.00 15.42 ? 28  G   A "C4'" 1 
ATOM   262 O  "O4'" . G   A 1 13 ? 4.395   12.190  3.909   1.00 16.06 ? 28  G   A "O4'" 1 
ATOM   263 C  "C3'" . G   A 1 13 ? 3.435   14.211  4.518   1.00 16.03 ? 28  G   A "C3'" 1 
ATOM   264 O  "O3'" . G   A 1 13 ? 3.658   15.588  4.725   1.00 16.19 ? 28  G   A "O3'" 1 
ATOM   265 C  "C2'" . G   A 1 13 ? 2.985   13.908  3.083   1.00 15.44 ? 28  G   A "C2'" 1 
ATOM   266 O  "O2'" . G   A 1 13 ? 3.825   14.567  2.157   1.00 17.57 ? 28  G   A "O2'" 1 
ATOM   267 C  "C1'" . G   A 1 13 ? 3.296   12.410  3.056   1.00 15.90 ? 28  G   A "C1'" 1 
ATOM   268 N  N9    . G   A 1 13 ? 2.168   11.619  3.534   1.00 14.69 ? 28  G   A N9    1 
ATOM   269 C  C8    . G   A 1 13 ? 2.007   10.952  4.711   1.00 14.59 ? 28  G   A C8    1 
ATOM   270 N  N7    . G   A 1 13 ? 0.845   10.340  4.800   1.00 15.13 ? 28  G   A N7    1 
ATOM   271 C  C5    . G   A 1 13 ? 0.204   10.637  3.603   1.00 14.79 ? 28  G   A C5    1 
ATOM   272 C  C6    . G   A 1 13 ? -1.071  10.273  3.106   1.00 14.48 ? 28  G   A C6    1 
ATOM   273 O  O6    . G   A 1 13 ? -1.983  9.565   3.635   1.00 15.87 ? 28  G   A O6    1 
ATOM   274 N  N1    . G   A 1 13 ? -1.284  10.810  1.845   1.00 15.01 ? 28  G   A N1    1 
ATOM   275 C  C2    . G   A 1 13 ? -0.414  11.586  1.142   1.00 14.86 ? 28  G   A C2    1 
ATOM   276 N  N2    . G   A 1 13 ? -0.816  12.009  -0.062  1.00 16.05 ? 28  G   A N2    1 
ATOM   277 N  N3    . G   A 1 13 ? 0.785   11.940  1.585   1.00 15.73 ? 28  G   A N3    1 
ATOM   278 C  C4    . G   A 1 13 ? 1.008   11.425  2.809   1.00 15.36 ? 28  G   A C4    1 
ATOM   279 P  P     . C   A 1 14 ? 2.456   16.499  5.279   1.00 15.92 ? 29  C   A P     1 
ATOM   280 O  OP1   . C   A 1 14 ? 2.978   17.873  5.469   1.00 16.64 ? 29  C   A OP1   1 
ATOM   281 O  OP2   . C   A 1 14 ? 1.820   15.791  6.428   1.00 17.40 ? 29  C   A OP2   1 
ATOM   282 O  "O5'" . C   A 1 14 ? 1.359   16.480  4.142   1.00 16.64 ? 29  C   A "O5'" 1 
ATOM   283 C  "C5'" . C   A 1 14 ? 1.631   17.085  2.877   1.00 17.47 ? 29  C   A "C5'" 1 
ATOM   284 C  "C4'" . C   A 1 14 ? 0.460   16.900  1.958   1.00 16.97 ? 29  C   A "C4'" 1 
ATOM   285 O  "O4'" . C   A 1 14 ? 0.130   15.515  1.762   1.00 16.82 ? 29  C   A "O4'" 1 
ATOM   286 C  "C3'" . C   A 1 14 ? -0.858  17.527  2.437   1.00 16.81 ? 29  C   A "C3'" 1 
ATOM   287 O  "O3'" . C   A 1 14 ? -0.800  18.929  2.209   1.00 18.75 ? 29  C   A "O3'" 1 
ATOM   288 C  "C2'" . C   A 1 14 ? -1.873  16.799  1.561   1.00 16.21 ? 29  C   A "C2'" 1 
ATOM   289 O  "O2'" . C   A 1 14 ? -1.904  17.304  0.244   1.00 19.92 ? 29  C   A "O2'" 1 
ATOM   290 C  "C1'" . C   A 1 14 ? -1.260  15.403  1.575   1.00 16.09 ? 29  C   A "C1'" 1 
ATOM   291 N  N1    . C   A 1 14 ? -1.831  14.503  2.567   1.00 16.19 ? 29  C   A N1    1 
ATOM   292 C  C2    . C   A 1 14 ? -3.085  13.952  2.326   1.00 15.85 ? 29  C   A C2    1 
ATOM   293 O  O2    . C   A 1 14 ? -3.672  14.269  1.281   1.00 17.53 ? 29  C   A O2    1 
ATOM   294 N  N3    . C   A 1 14 ? -3.632  13.102  3.210   1.00 15.72 ? 29  C   A N3    1 
ATOM   295 C  C4    . C   A 1 14 ? -3.000  12.831  4.344   1.00 16.51 ? 29  C   A C4    1 
ATOM   296 N  N4    . C   A 1 14 ? -3.529  11.952  5.206   1.00 17.08 ? 29  C   A N4    1 
ATOM   297 C  C5    . C   A 1 14 ? -1.711  13.371  4.627   1.00 16.70 ? 29  C   A C5    1 
ATOM   298 C  C6    . C   A 1 14 ? -1.194  14.232  3.750   1.00 17.04 ? 29  C   A C6    1 
ATOM   299 P  P     . G   A 1 15 ? -1.650  19.905  3.137   1.00 20.35 ? 30  G   A P     1 
ATOM   300 O  OP1   . G   A 1 15 ? -1.293  21.272  2.678   1.00 23.79 ? 30  G   A OP1   1 
ATOM   301 O  OP2   . G   A 1 15 ? -1.486  19.514  4.560   1.00 22.40 ? 30  G   A OP2   1 
ATOM   302 O  "O5'" . G   A 1 15 ? -3.175  19.622  2.811   1.00 20.78 ? 30  G   A "O5'" 1 
ATOM   303 C  "C5'" . G   A 1 15 ? -3.627  19.791  1.448   1.00 22.03 ? 30  G   A "C5'" 1 
ATOM   304 C  "C4'" . G   A 1 15 ? -5.103  19.459  1.445   1.00 22.94 ? 30  G   A "C4'" 1 
ATOM   305 O  "O4'" . G   A 1 15 ? -5.140  18.014  1.720   1.00 21.05 ? 30  G   A "O4'" 1 
ATOM   306 C  "C3'" . G   A 1 15 ? -5.909  20.094  2.569   1.00 23.20 ? 30  G   A "C3'" 1 
ATOM   307 O  "O3'" . G   A 1 15 ? -7.102  20.741  2.150   1.00 24.63 ? 30  G   A "O3'" 1 
ATOM   308 C  "C2'" . G   A 1 15 ? -6.252  18.920  3.464   1.00 23.69 ? 30  G   A "C2'" 1 
ATOM   309 O  "O2'" . G   A 1 15 ? -7.381  19.142  4.264   1.00 26.74 ? 30  G   A "O2'" 1 
ATOM   310 C  "C1'" . G   A 1 15 ? -6.271  17.737  2.429   1.00 21.84 ? 30  G   A "C1'" 1 
ATOM   311 N  N9    . G   A 1 15 ? -6.431  16.559  3.236   1.00 20.87 ? 30  G   A N9    1 
ATOM   312 C  C8    . G   A 1 15 ? -5.688  16.167  4.330   1.00 20.57 ? 30  G   A C8    1 
ATOM   313 N  N7    . G   A 1 15 ? -6.120  15.036  4.848   1.00 20.53 ? 30  G   A N7    1 
ATOM   314 C  C5    . G   A 1 15 ? -7.221  14.676  4.070   1.00 19.47 ? 30  G   A C5    1 
ATOM   315 C  C6    . G   A 1 15 ? -8.115  13.589  4.131   1.00 18.72 ? 30  G   A C6    1 
ATOM   316 O  O6    . G   A 1 15 ? -8.137  12.623  4.964   1.00 18.64 ? 30  G   A O6    1 
ATOM   317 N  N1    . G   A 1 15 ? -9.094  13.601  3.145   1.00 18.55 ? 30  G   A N1    1 
ATOM   318 C  C2    . G   A 1 15 ? -9.213  14.580  2.196   1.00 18.85 ? 30  G   A C2    1 
ATOM   319 N  N2    . G   A 1 15 ? -10.228 14.423  1.317   1.00 20.32 ? 30  G   A N2    1 
ATOM   320 N  N3    . G   A 1 15 ? -8.384  15.599  2.121   1.00 19.80 ? 30  G   A N3    1 
ATOM   321 C  C4    . G   A 1 15 ? -7.422  15.605  3.076   1.00 19.63 ? 30  G   A C4    1 
ATOM   322 O  "O5'" . G   B 2 1  ? -10.510 5.971   1.123   1.00 24.85 ? 36  G   B "O5'" 1 
ATOM   323 C  "C5'" . G   B 2 1  ? -11.550 6.377   0.214   1.00 21.49 ? 36  G   B "C5'" 1 
ATOM   324 C  "C4'" . G   B 2 1  ? -11.291 7.765   -0.308  1.00 18.08 ? 36  G   B "C4'" 1 
ATOM   325 O  "O4'" . G   B 2 1  ? -11.286 8.731   0.783   1.00 16.67 ? 36  G   B "O4'" 1 
ATOM   326 C  "C3'" . G   B 2 1  ? -9.952  7.995   -0.999  1.00 18.45 ? 36  G   B "C3'" 1 
ATOM   327 O  "O3'" . G   B 2 1  ? -10.000 7.532   -2.324  1.00 20.73 ? 36  G   B "O3'" 1 
ATOM   328 C  "C2'" . G   B 2 1  ? -9.838  9.521   -0.898  1.00 16.33 ? 36  G   B "C2'" 1 
ATOM   329 O  "O2'" . G   B 2 1  ? -10.763 10.166  -1.762  1.00 16.68 ? 36  G   B "O2'" 1 
ATOM   330 C  "C1'" . G   B 2 1  ? -10.282 9.703   0.535   1.00 17.24 ? 36  G   B "C1'" 1 
ATOM   331 N  N9    . G   B 2 1  ? -9.287  9.591   1.590   1.00 15.90 ? 36  G   B N9    1 
ATOM   332 C  C8    . G   B 2 1  ? -9.263  8.659   2.599   1.00 15.62 ? 36  G   B C8    1 
ATOM   333 N  N7    . G   B 2 1  ? -8.243  8.823   3.400   1.00 16.73 ? 36  G   B N7    1 
ATOM   334 C  C5    . G   B 2 1  ? -7.550  9.910   2.896   1.00 15.53 ? 36  G   B C5    1 
ATOM   335 C  C6    . G   B 2 1  ? -6.374  10.574  3.319   1.00 15.99 ? 36  G   B C6    1 
ATOM   336 O  O6    . G   B 2 1  ? -5.639  10.303  4.318   1.00 17.47 ? 36  G   B O6    1 
ATOM   337 N  N1    . G   B 2 1  ? -6.030  11.640  2.502   1.00 15.12 ? 36  G   B N1    1 
ATOM   338 C  C2    . G   B 2 1  ? -6.739  12.052  1.389   1.00 14.80 ? 36  G   B C2    1 
ATOM   339 N  N2    . G   B 2 1  ? -6.229  13.115  0.728   1.00 15.89 ? 36  G   B N2    1 
ATOM   340 N  N3    . G   B 2 1  ? -7.841  11.451  0.981   1.00 14.48 ? 36  G   B N3    1 
ATOM   341 C  C4    . G   B 2 1  ? -8.191  10.402  1.774   1.00 15.35 ? 36  G   B C4    1 
ATOM   342 P  P     . C   B 2 2  ? -8.698  6.907   -3.035  1.00 20.73 ? 37  C   B P     1 
ATOM   343 O  OP1   . C   B 2 2  ? -9.184  6.387   -4.356  1.00 24.61 ? 37  C   B OP1   1 
ATOM   344 O  OP2   . C   B 2 2  ? -7.986  6.009   -2.108  1.00 24.34 ? 37  C   B OP2   1 
ATOM   345 O  "O5'" . C   B 2 2  ? -7.770  8.172   -3.309  1.00 17.39 ? 37  C   B "O5'" 1 
ATOM   346 C  "C5'" . C   B 2 2  ? -8.160  9.228   -4.217  1.00 19.04 ? 37  C   B "C5'" 1 
ATOM   347 C  "C4'" . C   B 2 2  ? -7.069  10.261  -4.201  1.00 17.73 ? 37  C   B "C4'" 1 
ATOM   348 O  "O4'" . C   B 2 2  ? -7.005  10.864  -2.870  1.00 17.37 ? 37  C   B "O4'" 1 
ATOM   349 C  "C3'" . C   B 2 2  ? -5.646  9.733   -4.388  1.00 17.20 ? 37  C   B "C3'" 1 
ATOM   350 O  "O3'" . C   B 2 2  ? -5.394  9.529   -5.760  1.00 18.49 ? 37  C   B "O3'" 1 
ATOM   351 C  "C2'" . C   B 2 2  ? -4.832  10.908  -3.822  1.00 17.37 ? 37  C   B "C2'" 1 
ATOM   352 O  "O2'" . C   B 2 2  ? -4.882  12.048  -4.648  1.00 19.95 ? 37  C   B "O2'" 1 
ATOM   353 C  "C1'" . C   B 2 2  ? -5.649  11.127  -2.560  1.00 17.06 ? 37  C   B "C1'" 1 
ATOM   354 N  N1    . C   B 2 2  ? -5.282  10.403  -1.361  1.00 16.39 ? 37  C   B N1    1 
ATOM   355 C  C2    . C   B 2 2  ? -4.149  10.818  -0.646  1.00 15.15 ? 37  C   B C2    1 
ATOM   356 O  O2    . C   B 2 2  ? -3.456  11.743  -1.101  1.00 16.43 ? 37  C   B O2    1 
ATOM   357 N  N3    . C   B 2 2  ? -3.788  10.166  0.488   1.00 15.01 ? 37  C   B N3    1 
ATOM   358 C  C4    . C   B 2 2  ? -4.490  9.125   0.939   1.00 14.83 ? 37  C   B C4    1 
ATOM   359 N  N4    . C   B 2 2  ? -4.148  8.521   2.083   1.00 15.48 ? 37  C   B N4    1 
ATOM   360 C  C5    . C   B 2 2  ? -5.611  8.654   0.184   1.00 15.47 ? 37  C   B C5    1 
ATOM   361 C  C6    . C   B 2 2  ? -5.969  9.300   -0.941  1.00 15.28 ? 37  C   B C6    1 
ATOM   362 P  P     . U   B 2 3  ? -4.382  8.385   -6.225  1.00 20.26 ? 38  U   B P     1 
ATOM   363 O  OP1   . U   B 2 3  ? -4.502  8.278   -7.700  1.00 24.12 ? 38  U   B OP1   1 
ATOM   364 O  OP2   . U   B 2 3  ? -4.551  7.173   -5.390  1.00 20.58 ? 38  U   B OP2   1 
ATOM   365 O  "O5'" . U   B 2 3  ? -2.943  8.971   -5.837  1.00 18.49 ? 38  U   B "O5'" 1 
ATOM   366 C  "C5'" . U   B 2 3  ? -2.444  10.110  -6.530  1.00 19.21 ? 38  U   B "C5'" 1 
ATOM   367 C  "C4'" . U   B 2 3  ? -1.128  10.506  -5.922  1.00 19.13 ? 38  U   B "C4'" 1 
ATOM   368 O  "O4'" . U   B 2 3  ? -1.337  10.891  -4.528  1.00 18.34 ? 38  U   B "O4'" 1 
ATOM   369 C  "C3'" . U   B 2 3  ? -0.110  9.361   -5.801  1.00 18.44 ? 38  U   B "C3'" 1 
ATOM   370 O  "O3'" . U   B 2 3  ? 0.540   9.133   -7.045  1.00 22.20 ? 38  U   B "O3'" 1 
ATOM   371 C  "C2'" . U   B 2 3  ? 0.858   9.967   -4.773  1.00 18.65 ? 38  U   B "C2'" 1 
ATOM   372 O  "O2'" . U   B 2 3  ? 1.628   11.015  -5.311  1.00 21.52 ? 38  U   B "O2'" 1 
ATOM   373 C  "C1'" . U   B 2 3  ? -0.173  10.517  -3.817  1.00 18.39 ? 38  U   B "C1'" 1 
ATOM   374 N  N1    . U   B 2 3  ? -0.570  9.659   -2.705  1.00 16.74 ? 38  U   B N1    1 
ATOM   375 C  C2    . U   B 2 3  ? 0.304   9.516   -1.637  1.00 16.44 ? 38  U   B C2    1 
ATOM   376 O  O2    . U   B 2 3  ? 1.402   10.042  -1.634  1.00 17.01 ? 38  U   B O2    1 
ATOM   377 N  N3    . U   B 2 3  ? -0.136  8.708   -0.618  1.00 15.70 ? 38  U   B N3    1 
ATOM   378 C  C4    . U   B 2 3  ? -1.338  8.032   -0.557  1.00 14.93 ? 38  U   B C4    1 
ATOM   379 O  O4    . U   B 2 3  ? -1.586  7.371   0.451   1.00 16.59 ? 38  U   B O4    1 
ATOM   380 C  C5    . U   B 2 3  ? -2.138  8.168   -1.729  1.00 15.55 ? 38  U   B C5    1 
ATOM   381 C  C6    . U   B 2 3  ? -1.758  8.965   -2.742  1.00 16.72 ? 38  U   B C6    1 
ATOM   382 P  P     . C   B 2 4  ? 1.019   7.649   -7.418  1.00 21.52 ? 39  C   B P     1 
ATOM   383 O  OP1   . C   B 2 4  ? 1.479   7.733   -8.828  1.00 24.96 ? 39  C   B OP1   1 
ATOM   384 O  OP2   . C   B 2 4  ? 0.036   6.634   -7.009  1.00 22.49 ? 39  C   B OP2   1 
ATOM   385 O  "O5'" . C   B 2 4  ? 2.310   7.372   -6.508  1.00 20.38 ? 39  C   B "O5'" 1 
ATOM   386 C  "C5'" . C   B 2 4  ? 3.459   8.229   -6.613  1.00 21.19 ? 39  C   B "C5'" 1 
ATOM   387 C  "C4'" . C   B 2 4  ? 4.318   8.085   -5.380  1.00 19.13 ? 39  C   B "C4'" 1 
ATOM   388 O  "O4'" . C   B 2 4  ? 3.586   8.477   -4.189  1.00 18.59 ? 39  C   B "O4'" 1 
ATOM   389 C  "C3'" . C   B 2 4  ? 4.791   6.674   -5.026  1.00 19.07 ? 39  C   B "C3'" 1 
ATOM   390 O  "O3'" . C   B 2 4  ? 5.881   6.299   -5.847  1.00 19.52 ? 39  C   B "O3'" 1 
ATOM   391 C  "C2'" . C   B 2 4  ? 5.217   6.883   -3.562  1.00 17.91 ? 39  C   B "C2'" 1 
ATOM   392 O  "O2'" . C   B 2 4  ? 6.389   7.683   -3.467  1.00 20.10 ? 39  C   B "O2'" 1 
ATOM   393 C  "C1'" . C   B 2 4  ? 4.036   7.722   -3.076  1.00 17.19 ? 39  C   B "C1'" 1 
ATOM   394 N  N1    . C   B 2 4  ? 2.888   6.946   -2.570  1.00 15.91 ? 39  C   B N1    1 
ATOM   395 C  C2    . C   B 2 4  ? 2.997   6.422   -1.279  1.00 14.83 ? 39  C   B C2    1 
ATOM   396 O  O2    . C   B 2 4  ? 4.054   6.637   -0.662  1.00 15.99 ? 39  C   B O2    1 
ATOM   397 N  N3    . C   B 2 4  ? 1.973   5.699   -0.745  1.00 14.03 ? 39  C   B N3    1 
ATOM   398 C  C4    . C   B 2 4  ? 0.879   5.494   -1.490  1.00 15.18 ? 39  C   B C4    1 
ATOM   399 N  N4    . C   B 2 4  ? -0.128  4.813   -0.960  1.00 15.45 ? 39  C   B N4    1 
ATOM   400 C  C5    . C   B 2 4  ? 0.748   6.029   -2.808  1.00 16.76 ? 39  C   B C5    1 
ATOM   401 C  C6    . C   B 2 4  ? 1.771   6.717   -3.316  1.00 16.15 ? 39  C   B C6    1 
ATOM   402 P  P     . U   B 2 5  ? 6.278   4.751   -5.994  1.00 20.06 ? 40  U   B P     1 
ATOM   403 O  OP1   . U   B 2 5  ? 7.342   4.753   -7.027  1.00 22.56 ? 40  U   B OP1   1 
ATOM   404 O  OP2   . U   B 2 5  ? 5.092   3.899   -6.159  1.00 22.61 ? 40  U   B OP2   1 
ATOM   405 O  "O5'" . U   B 2 5  ? 6.884   4.347   -4.564  1.00 19.58 ? 40  U   B "O5'" 1 
ATOM   406 C  "C5'" . U   B 2 5  ? 8.136   4.898   -4.145  1.00 18.92 ? 40  U   B "C5'" 1 
ATOM   407 C  "C4'" . U   B 2 5  ? 8.574   4.331   -2.822  1.00 17.19 ? 40  U   B "C4'" 1 
ATOM   408 O  "O4'" . U   B 2 5  ? 7.612   4.726   -1.804  1.00 16.51 ? 40  U   B "O4'" 1 
ATOM   409 C  "C3'" . U   B 2 5  ? 8.569   2.805   -2.712  1.00 17.01 ? 40  U   B "C3'" 1 
ATOM   410 O  "O3'" . U   B 2 5  ? 9.763   2.312   -3.281  1.00 18.68 ? 40  U   B "O3'" 1 
ATOM   411 C  "C2'" . U   B 2 5  ? 8.536   2.627   -1.190  1.00 15.96 ? 40  U   B "C2'" 1 
ATOM   412 O  "O2'" . U   B 2 5  ? 9.773   3.052   -0.636  1.00 17.01 ? 40  U   B "O2'" 1 
ATOM   413 C  "C1'" . U   B 2 5  ? 7.469   3.646   -0.877  1.00 15.67 ? 40  U   B "C1'" 1 
ATOM   414 N  N1    . U   B 2 5  ? 6.080   3.236   -0.805  1.00 15.47 ? 40  U   B N1    1 
ATOM   415 C  C2    . U   B 2 5  ? 5.681   2.543   0.320   1.00 15.37 ? 40  U   B C2    1 
ATOM   416 O  O2    . U   B 2 5  ? 6.474   2.237   1.211   1.00 16.23 ? 40  U   B O2    1 
ATOM   417 N  N3    . U   B 2 5  ? 4.370   2.156   0.343   1.00 14.70 ? 40  U   B N3    1 
ATOM   418 C  C4    . U   B 2 5  ? 3.395   2.447   -0.598  1.00 13.89 ? 40  U   B C4    1 
ATOM   419 O  O4    . U   B 2 5  ? 2.221   2.122   -0.396  1.00 14.79 ? 40  U   B O4    1 
ATOM   420 C  C5    . U   B 2 5  ? 3.898   3.080   -1.783  1.00 14.80 ? 40  U   B C5    1 
ATOM   421 C  C6    . U   B 2 5  ? 5.171   3.465   -1.823  1.00 15.56 ? 40  U   B C6    1 
ATOM   422 P  P     . C   B 2 6  ? 9.772   0.848   -3.929  1.00 20.74 ? 41  C   B P     1 
ATOM   423 O  OP1   . C   B 2 6  ? 11.118  0.662   -4.512  1.00 23.13 ? 41  C   B OP1   1 
ATOM   424 O  OP2   . C   B 2 6  ? 8.559   0.739   -4.791  1.00 22.48 ? 41  C   B OP2   1 
ATOM   425 O  "O5'" . C   B 2 6  ? 9.588   -0.147  -2.695  1.00 19.54 ? 41  C   B "O5'" 1 
ATOM   426 C  "C5'" . C   B 2 6  ? 10.600  -0.190  -1.663  1.00 18.37 ? 41  C   B "C5'" 1 
ATOM   427 C  "C4'" . C   B 2 6  ? 10.130  -0.952  -0.453  1.00 18.79 ? 41  C   B "C4'" 1 
ATOM   428 O  "O4'" . C   B 2 6  ? 9.004   -0.225  0.139   1.00 18.43 ? 41  C   B "O4'" 1 
ATOM   429 C  "C3'" . C   B 2 6  ? 9.592   -2.366  -0.630  1.00 18.75 ? 41  C   B "C3'" 1 
ATOM   430 O  "O3'" . C   B 2 6  ? 10.629  -3.321  -0.739  1.00 20.87 ? 41  C   B "O3'" 1 
ATOM   431 C  "C2'" . C   B 2 6  ? 8.784   -2.520  0.657   1.00 18.81 ? 41  C   B "C2'" 1 
ATOM   432 O  "O2'" . C   B 2 6  ? 9.590   -2.723  1.795   1.00 20.72 ? 41  C   B "O2'" 1 
ATOM   433 C  "C1'" . C   B 2 6  ? 8.112   -1.161  0.713   1.00 18.03 ? 41  C   B "C1'" 1 
ATOM   434 N  N1    . C   B 2 6  ? 6.817   -1.040  0.028   1.00 16.95 ? 41  C   B N1    1 
ATOM   435 C  C2    . C   B 2 6  ? 5.712   -1.535  0.732   1.00 18.01 ? 41  C   B C2    1 
ATOM   436 O  O2    . C   B 2 6  ? 5.908   -2.055  1.849   1.00 18.29 ? 41  C   B O2    1 
ATOM   437 N  N3    . C   B 2 6  ? 4.476   -1.446  0.182   1.00 18.11 ? 41  C   B N3    1 
ATOM   438 C  C4    . C   B 2 6  ? 4.336   -0.909  -1.037  1.00 17.74 ? 41  C   B C4    1 
ATOM   439 N  N4    . C   B 2 6  ? 3.100   -0.845  -1.541  1.00 17.58 ? 41  C   B N4    1 
ATOM   440 C  C5    . C   B 2 6  ? 5.451   -0.423  -1.785  1.00 17.59 ? 41  C   B C5    1 
ATOM   441 C  C6    . C   B 2 6  ? 6.662   -0.530  -1.222  1.00 17.23 ? 41  C   B C6    1 
ATOM   442 P  P     . U   B 2 7  ? 10.365  -4.717  -1.494  1.00 22.78 ? 42  U   B P     1 
ATOM   443 O  OP1   . U   B 2 7  ? 11.672  -5.378  -1.618  1.00 28.79 ? 42  U   B OP1   1 
ATOM   444 O  OP2   . U   B 2 7  ? 9.589   -4.426  -2.740  1.00 24.58 ? 42  U   B OP2   1 
ATOM   445 O  "O5'" . U   B 2 7  ? 9.387   -5.510  -0.524  1.00 22.15 ? 42  U   B "O5'" 1 
ATOM   446 C  "C5'" . U   B 2 7  ? 9.832   -5.978  0.752   1.00 21.80 ? 42  U   B "C5'" 1 
ATOM   447 C  "C4'" . U   B 2 7  ? 8.731   -6.639  1.518   1.00 21.14 ? 42  U   B "C4'" 1 
ATOM   448 O  "O4'" . U   B 2 7  ? 7.664   -5.670  1.755   1.00 20.68 ? 42  U   B "O4'" 1 
ATOM   449 C  "C3'" . U   B 2 7  ? 7.983   -7.737  0.750   1.00 20.50 ? 42  U   B "C3'" 1 
ATOM   450 O  "O3'" . U   B 2 7  ? 8.682   -8.980  0.799   1.00 23.57 ? 42  U   B "O3'" 1 
ATOM   451 C  "C2'" . U   B 2 7  ? 6.713   -7.839  1.596   1.00 19.11 ? 42  U   B "C2'" 1 
ATOM   452 O  "O2'" . U   B 2 7  ? 6.986   -8.340  2.888   1.00 21.95 ? 42  U   B "O2'" 1 
ATOM   453 C  "C1'" . U   B 2 7  ? 6.415   -6.352  1.745   1.00 20.42 ? 42  U   B "C1'" 1 
ATOM   454 N  N1    . U   B 2 7  ? 5.582   -5.741  0.719   1.00 19.79 ? 42  U   B N1    1 
ATOM   455 C  C2    . U   B 2 7  ? 4.221   -5.979  0.766   1.00 19.22 ? 42  U   B C2    1 
ATOM   456 O  O2    . U   B 2 7  ? 3.719   -6.708  1.601   1.00 19.70 ? 42  U   B O2    1 
ATOM   457 N  N3    . U   B 2 7  ? 3.512   -5.359  -0.227  1.00 19.22 ? 42  U   B N3    1 
ATOM   458 C  C4    . U   B 2 7  ? 3.991   -4.557  -1.240  1.00 18.76 ? 42  U   B C4    1 
ATOM   459 O  O4    . U   B 2 7  ? 3.200   -4.051  -2.035  1.00 20.14 ? 42  U   B O4    1 
ATOM   460 C  C5    . U   B 2 7  ? 5.413   -4.380  -1.242  1.00 19.68 ? 42  U   B C5    1 
ATOM   461 C  C6    . U   B 2 7  ? 6.122   -5.000  -0.294  1.00 19.86 ? 42  U   B C6    1 
ATOM   462 P  P     . G   B 2 8  ? 8.494   -10.050 -0.385  1.00 25.43 ? 43  G   B P     1 
ATOM   463 O  OP1   . G   B 2 8  ? 9.519   -11.094 -0.151  1.00 28.66 ? 43  G   B OP1   1 
ATOM   464 O  OP2   . G   B 2 8  ? 8.459   -9.324  -1.672  1.00 27.59 ? 43  G   B OP2   1 
ATOM   465 O  "O5'" . G   B 2 8  ? 7.032   -10.640 -0.140  1.00 23.19 ? 43  G   B "O5'" 1 
ATOM   466 C  "C5'" . G   B 2 8  ? 6.763   -11.449 1.017   1.00 21.06 ? 43  G   B "C5'" 1 
ATOM   467 C  "C4'" . G   B 2 8  ? 5.281   -11.660 1.125   1.00 20.51 ? 43  G   B "C4'" 1 
ATOM   468 O  "O4'" . G   B 2 8  ? 4.602   -10.377 1.246   1.00 20.01 ? 43  G   B "O4'" 1 
ATOM   469 C  "C3'" . G   B 2 8  ? 4.619   -12.252 -0.138  1.00 20.02 ? 43  G   B "C3'" 1 
ATOM   470 O  "O3'" . G   B 2 8  ? 4.871   -13.641 -0.191  1.00 20.57 ? 43  G   B "O3'" 1 
ATOM   471 C  "C2'" . G   B 2 8  ? 3.159   -11.989 0.251   1.00 18.98 ? 43  G   B "C2'" 1 
ATOM   472 O  "O2'" . G   B 2 8  ? 2.775   -12.783 1.363   1.00 20.33 ? 43  G   B "O2'" 1 
ATOM   473 C  "C1'" . G   B 2 8  ? 3.308   -10.529 0.658   1.00 18.81 ? 43  G   B "C1'" 1 
ATOM   474 N  N9    . G   B 2 8  ? 3.184   -9.570  -0.429  1.00 17.43 ? 43  G   B N9    1 
ATOM   475 C  C8    . G   B 2 8  ? 4.158   -8.860  -1.081  1.00 18.45 ? 43  G   B C8    1 
ATOM   476 N  N7    . G   B 2 8  ? 3.711   -8.067  -2.029  1.00 18.66 ? 43  G   B N7    1 
ATOM   477 C  C5    . G   B 2 8  ? 2.339   -8.280  -1.989  1.00 17.69 ? 43  G   B C5    1 
ATOM   478 C  C6    . G   B 2 8  ? 1.288   -7.719  -2.762  1.00 17.71 ? 43  G   B C6    1 
ATOM   479 O  O6    . G   B 2 8  ? 1.368   -6.861  -3.699  1.00 18.13 ? 43  G   B O6    1 
ATOM   480 N  N1    . G   B 2 8  ? 0.060   -8.223  -2.393  1.00 17.25 ? 43  G   B N1    1 
ATOM   481 C  C2    . G   B 2 8  ? -0.175  -9.144  -1.405  1.00 17.18 ? 43  G   B C2    1 
ATOM   482 N  N2    . G   B 2 8  ? -1.455  -9.492  -1.216  1.00 17.10 ? 43  G   B N2    1 
ATOM   483 N  N3    . G   B 2 8  ? 0.773   -9.682  -0.662  1.00 17.05 ? 43  G   B N3    1 
ATOM   484 C  C4    . G   B 2 8  ? 1.995   -9.199  -1.021  1.00 17.35 ? 43  G   B C4    1 
ATOM   485 P  P     . G   B 2 9  ? 4.721   -14.452 -1.568  1.00 21.51 ? 44  G   B P     1 
ATOM   486 O  OP1   . G   B 2 9  ? 5.151   -15.827 -1.226  1.00 23.29 ? 44  G   B OP1   1 
ATOM   487 O  OP2   . G   B 2 9  ? 5.361   -13.705 -2.674  1.00 23.81 ? 44  G   B OP2   1 
ATOM   488 O  "O5'" . G   B 2 9  ? 3.161   -14.453 -1.862  1.00 19.60 ? 44  G   B "O5'" 1 
ATOM   489 C  "C5'" . G   B 2 9  ? 2.272   -15.200 -1.026  1.00 20.22 ? 44  G   B "C5'" 1 
ATOM   490 C  "C4'" . G   B 2 9  ? 0.849   -14.911 -1.409  1.00 19.68 ? 44  G   B "C4'" 1 
ATOM   491 O  "O4'" . G   B 2 9  ? 0.587   -13.485 -1.364  1.00 18.75 ? 44  G   B "O4'" 1 
ATOM   492 C  "C3'" . G   B 2 9  ? 0.537   -15.237 -2.884  1.00 19.95 ? 44  G   B "C3'" 1 
ATOM   493 O  "O3'" . G   B 2 9  ? 0.354   -16.631 -3.010  1.00 20.87 ? 44  G   B "O3'" 1 
ATOM   494 C  "C2'" . G   B 2 9  ? -0.773  -14.470 -3.027  1.00 19.87 ? 44  G   B "C2'" 1 
ATOM   495 O  "O2'" . G   B 2 9  ? -1.845  -15.024 -2.274  1.00 20.69 ? 44  G   B "O2'" 1 
ATOM   496 C  "C1'" . G   B 2 9  ? -0.346  -13.155 -2.391  1.00 19.87 ? 44  G   B "C1'" 1 
ATOM   497 N  N9    . G   B 2 9  ? 0.203   -12.134 -3.248  1.00 18.18 ? 44  G   B N9    1 
ATOM   498 C  C8    . G   B 2 9  ? 1.518   -11.756 -3.361  1.00 18.68 ? 44  G   B C8    1 
ATOM   499 N  N7    . G   B 2 9  ? 1.715   -10.793 -4.229  1.00 19.49 ? 44  G   B N7    1 
ATOM   500 C  C5    . G   B 2 9  ? 0.438   -10.513 -4.727  1.00 17.53 ? 44  G   B C5    1 
ATOM   501 C  C6    . G   B 2 9  ? 0.001   -9.574  -5.681  1.00 15.80 ? 44  G   B C6    1 
ATOM   502 O  O6    . G   B 2 9  ? 0.689   -8.728  -6.343  1.00 17.63 ? 44  G   B O6    1 
ATOM   503 N  N1    . G   B 2 9  ? -1.367  -9.625  -5.899  1.00 16.20 ? 44  G   B N1    1 
ATOM   504 C  C2    . G   B 2 9  ? -2.235  -10.484 -5.256  1.00 16.40 ? 44  G   B C2    1 
ATOM   505 N  N2    . G   B 2 9  ? -3.535  -10.402 -5.585  1.00 17.90 ? 44  G   B N2    1 
ATOM   506 N  N3    . G   B 2 9  ? -1.841  -11.369 -4.354  1.00 17.43 ? 44  G   B N3    1 
ATOM   507 C  C4    . G   B 2 9  ? -0.503  -11.334 -4.140  1.00 16.90 ? 44  G   B C4    1 
ATOM   508 P  P     . C   B 2 10 ? 0.939   -17.473 -4.230  1.00 20.40 ? 45  C   B P     1 
ATOM   509 O  OP1   . C   B 2 10 ? 1.082   -18.876 -3.737  1.00 22.88 ? 45  C   B OP1   1 
ATOM   510 O  OP2   . C   B 2 10 ? 2.115   -16.817 -4.843  1.00 20.44 ? 45  C   B OP2   1 
ATOM   511 O  "O5'" . C   B 2 10 ? -0.211  -17.441 -5.327  1.00 18.69 ? 45  C   B "O5'" 1 
ATOM   512 C  "C5'" . C   B 2 10 ? -1.465  -18.098 -5.078  1.00 18.20 ? 45  C   B "C5'" 1 
ATOM   513 C  "C4'" . C   B 2 10 ? -2.530  -17.424 -5.892  1.00 18.58 ? 45  C   B "C4'" 1 
ATOM   514 O  "O4'" . C   B 2 10 ? -2.597  -16.014 -5.543  1.00 18.97 ? 45  C   B "O4'" 1 
ATOM   515 C  "C3'" . C   B 2 10 ? -2.320  -17.362 -7.399  1.00 17.61 ? 45  C   B "C3'" 1 
ATOM   516 O  "O3'" . C   B 2 10 ? -2.720  -18.623 -7.986  1.00 21.14 ? 45  C   B "O3'" 1 
ATOM   517 C  "C2'" . C   B 2 10 ? -3.274  -16.231 -7.783  1.00 17.51 ? 45  C   B "C2'" 1 
ATOM   518 O  "O2'" . C   B 2 10 ? -4.627  -16.642 -7.797  1.00 20.17 ? 45  C   B "O2'" 1 
ATOM   519 C  "C1'" . C   B 2 10 ? -3.039  -15.241 -6.638  1.00 17.48 ? 45  C   B "C1'" 1 
ATOM   520 N  N1    . C   B 2 10 ? -1.988  -14.267 -6.978  1.00 16.26 ? 45  C   B N1    1 
ATOM   521 C  C2    . C   B 2 10 ? -2.342  -13.150 -7.733  1.00 16.17 ? 45  C   B C2    1 
ATOM   522 O  O2    . C   B 2 10 ? -3.510  -13.013 -8.102  1.00 16.82 ? 45  C   B O2    1 
ATOM   523 N  N3    . C   B 2 10 ? -1.385  -12.259 -8.033  1.00 15.28 ? 45  C   B N3    1 
ATOM   524 C  C4    . C   B 2 10 ? -0.144  -12.431 -7.642  1.00 15.97 ? 45  C   B C4    1 
ATOM   525 N  N4    . C   B 2 10 ? 0.784   -11.538 -7.977  1.00 16.77 ? 45  C   B N4    1 
ATOM   526 C  C5    . C   B 2 10 ? 0.247   -13.573 -6.876  1.00 17.14 ? 45  C   B C5    1 
ATOM   527 C  C6    . C   B 2 10 ? -0.697  -14.468 -6.587  1.00 17.14 ? 45  C   B C6    1 
ATOM   528 P  P     . C   B 2 11 ? -1.961  -19.072 -9.338  1.00 24.40 ? 46  C   B P     1 
ATOM   529 O  OP1   . C   B 2 11 ? -2.516  -20.405 -9.638  1.00 32.77 ? 46  C   B OP1   1 
ATOM   530 O  OP2   . C   B 2 11 ? -0.504  -18.828 -9.190  1.00 26.29 ? 46  C   B OP2   1 
ATOM   531 O  "O5'" . C   B 2 11 ? -2.503  -18.034 -10.433 1.00 17.94 ? 46  C   B "O5'" 1 
ATOM   532 C  "C5'" . C   B 2 11 ? -3.890  -17.968 -10.809 1.00 17.00 ? 46  C   B "C5'" 1 
ATOM   533 C  "C4'" . C   B 2 11 ? -4.034  -16.814 -11.780 1.00 14.97 ? 46  C   B "C4'" 1 
ATOM   534 O  "O4'" . C   B 2 11 ? -3.768  -15.569 -11.083 1.00 15.72 ? 46  C   B "O4'" 1 
ATOM   535 C  "C3'" . C   B 2 11 ? -3.045  -16.757 -12.947 1.00 14.95 ? 46  C   B "C3'" 1 
ATOM   536 O  "O3'" . C   B 2 11 ? -3.415  -17.664 -13.975 1.00 15.63 ? 46  C   B "O3'" 1 
ATOM   537 C  "C2'" . C   B 2 11 ? -3.203  -15.301 -13.374 1.00 15.02 ? 46  C   B "C2'" 1 
ATOM   538 O  "O2'" . C   B 2 11 ? -4.428  -15.145 -14.075 1.00 15.94 ? 46  C   B "O2'" 1 
ATOM   539 C  "C1'" . C   B 2 11 ? -3.244  -14.631 -11.988 1.00 14.82 ? 46  C   B "C1'" 1 
ATOM   540 N  N1    . C   B 2 11 ? -1.890  -14.196 -11.608 1.00 14.87 ? 46  C   B N1    1 
ATOM   541 C  C2    . C   B 2 11 ? -1.403  -13.001 -12.159 1.00 14.48 ? 46  C   B C2    1 
ATOM   542 O  O2    . C   B 2 11 ? -2.161  -12.399 -12.918 1.00 16.24 ? 46  C   B O2    1 
ATOM   543 N  N3    . C   B 2 11 ? -0.164  -12.541 -11.845 1.00 14.55 ? 46  C   B N3    1 
ATOM   544 C  C4    . C   B 2 11 ? 0.587   -13.251 -11.007 1.00 15.07 ? 46  C   B C4    1 
ATOM   545 N  N4    . C   B 2 11 ? 1.808   -12.815 -10.698 1.00 16.64 ? 46  C   B N4    1 
ATOM   546 C  C5    . C   B 2 11 ? 0.129   -14.482 -10.455 1.00 15.67 ? 46  C   B C5    1 
ATOM   547 C  C6    . C   B 2 11 ? -1.100  -14.901 -10.748 1.00 15.10 ? 46  C   B C6    1 
ATOM   548 P  P     . C   B 2 12 ? -2.287  -18.262 -14.958 1.00 16.72 ? 47  C   B P     1 
ATOM   549 O  OP1   . C   B 2 12 ? -2.962  -19.349 -15.700 1.00 17.42 ? 47  C   B OP1   1 
ATOM   550 O  OP2   . C   B 2 12 ? -1.050  -18.527 -14.177 1.00 18.81 ? 47  C   B OP2   1 
ATOM   551 O  "O5'" . C   B 2 12 ? -1.907  -17.036 -15.901 1.00 16.59 ? 47  C   B "O5'" 1 
ATOM   552 C  "C5'" . C   B 2 12 ? -2.887  -16.459 -16.772 1.00 16.47 ? 47  C   B "C5'" 1 
ATOM   553 C  "C4'" . C   B 2 12 ? -2.310  -15.258 -17.475 1.00 17.90 ? 47  C   B "C4'" 1 
ATOM   554 O  "O4'" . C   B 2 12 ? -1.919  -14.266 -16.483 1.00 17.41 ? 47  C   B "O4'" 1 
ATOM   555 C  "C3'" . C   B 2 12 ? -1.025  -15.494 -18.256 1.00 18.35 ? 47  C   B "C3'" 1 
ATOM   556 O  "O3'" . C   B 2 12 ? -1.293  -16.018 -19.547 1.00 19.11 ? 47  C   B "O3'" 1 
ATOM   557 C  "C2'" . C   B 2 12 ? -0.510  -14.055 -18.380 1.00 17.71 ? 47  C   B "C2'" 1 
ATOM   558 O  "O2'" . C   B 2 12 ? -1.260  -13.291 -19.317 1.00 20.80 ? 47  C   B "O2'" 1 
ATOM   559 C  "C1'" . C   B 2 12 ? -0.790  -13.561 -16.967 1.00 17.08 ? 47  C   B "C1'" 1 
ATOM   560 N  N1    . C   B 2 12 ? 0.311   -13.633 -16.014 1.00 16.28 ? 47  C   B N1    1 
ATOM   561 C  C2    . C   B 2 12 ? 1.320   -12.671 -16.110 1.00 15.90 ? 47  C   B C2    1 
ATOM   562 O  O2    . C   B 2 12 ? 1.245   -11.833 -17.012 1.00 18.60 ? 47  C   B O2    1 
ATOM   563 N  N3    . C   B 2 12 ? 2.355   -12.688 -15.254 1.00 15.72 ? 47  C   B N3    1 
ATOM   564 C  C4    . C   B 2 12 ? 2.404   -13.640 -14.313 1.00 17.64 ? 47  C   B C4    1 
ATOM   565 N  N4    . C   B 2 12 ? 3.438   -13.639 -13.461 1.00 18.90 ? 47  C   B N4    1 
ATOM   566 C  C5    . C   B 2 12 ? 1.400   -14.649 -14.214 1.00 16.98 ? 47  C   B C5    1 
ATOM   567 C  C6    . C   B 2 12 ? 0.381   -14.634 -15.081 1.00 17.19 ? 47  C   B C6    1 
HETATM 568 CA CA    . CA  C 3 .  ? -1.156  0.795   11.067  1.00 14.71 ? 48  CA  A CA    1 
HETATM 569 CA CA    . CA  D 3 .  ? -1.187  6.877   7.475   1.00 15.75 ? 49  CA  A CA    1 
HETATM 570 CA CA    . CA  E 3 .  ? -3.149  0.847   0.122   1.00 23.80 ? 51  CA  A CA    1 
HETATM 571 CA CA    . CA  F 3 .  ? 5.923   8.241   12.262  1.00 17.83 ? 50  CA  A CA    1 
HETATM 572 O  O     . HOH G 4 .  ? -3.391  1.679   11.341  1.00 19.57 ? 52  HOH A O     1 
HETATM 573 O  O     . HOH G 4 .  ? -1.984  -1.373  11.561  1.00 18.53 ? 53  HOH A O     1 
HETATM 574 O  O     . HOH G 4 .  ? -1.681  0.300   8.817   1.00 18.45 ? 54  HOH A O     1 
HETATM 575 O  O     . HOH G 4 .  ? -3.340  5.800   7.262   1.00 21.21 ? 55  HOH A O     1 
HETATM 576 O  O     . HOH G 4 .  ? -2.553  8.021   5.858   1.00 20.66 ? 56  HOH A O     1 
HETATM 577 O  O     . HOH G 4 .  ? -1.937  10.503  11.343  1.00 44.13 ? 57  HOH A O     1 
HETATM 578 O  O     . HOH G 4 .  ? -0.052  5.860   5.672   1.00 17.53 ? 58  HOH A O     1 
HETATM 579 O  O     . HOH G 4 .  ? 1.022   7.379   8.480   1.00 18.04 ? 59  HOH A O     1 
HETATM 580 O  O     . HOH G 4 .  ? -0.314  9.142   7.058   1.00 18.70 ? 60  HOH A O     1 
HETATM 581 O  O     . HOH G 4 .  ? 5.825   10.028  13.772  1.00 25.11 ? 61  HOH A O     1 
HETATM 582 O  O     . HOH G 4 .  ? 7.403   9.513   10.920  1.00 19.14 ? 62  HOH A O     1 
HETATM 583 O  O     . HOH G 4 .  ? 4.369   9.587   10.950  1.00 17.48 ? 63  HOH A O     1 
HETATM 584 O  O     . HOH G 4 .  ? 3.801   8.017   13.307  1.00 19.10 ? 64  HOH A O     1 
HETATM 585 O  O     . HOH G 4 .  ? 8.137   8.010   13.375  1.00 21.26 ? 65  HOH A O     1 
HETATM 586 O  O     . HOH G 4 .  ? 6.207   6.259   13.652  1.00 20.60 ? 66  HOH A O     1 
HETATM 587 O  O     . HOH G 4 .  ? -4.808  0.662   1.871   1.00 29.72 ? 67  HOH A O     1 
HETATM 588 O  O     . HOH G 4 .  ? -4.909  2.494   -0.016  1.00 34.37 ? 68  HOH A O     1 
HETATM 589 O  O     . HOH G 4 .  ? -2.233  2.906   1.001   1.00 25.69 ? 69  HOH A O     1 
HETATM 590 O  O     . HOH G 4 .  ? -1.691  0.276   2.083   1.00 20.22 ? 70  HOH A O     1 
HETATM 591 O  O     . HOH G 4 .  ? -1.176  -0.222  -0.915  1.00 25.30 ? 71  HOH A O     1 
HETATM 592 O  O     . HOH G 4 .  ? -5.219  14.232  7.254   1.00 34.22 ? 72  HOH A O     1 
HETATM 593 O  O     . HOH G 4 .  ? 2.707   18.603  -0.918  1.00 39.44 ? 73  HOH A O     1 
HETATM 594 O  O     . HOH G 4 .  ? -3.709  -1.722  13.667  1.00 32.40 ? 74  HOH A O     1 
HETATM 595 O  O     . HOH G 4 .  ? 5.069   12.495  13.248  1.00 32.26 ? 76  HOH A O     1 
HETATM 596 O  O     . HOH G 4 .  ? -4.559  -1.117  3.934   1.00 25.32 ? 77  HOH A O     1 
HETATM 597 O  O     . HOH G 4 .  ? -8.235  4.733   20.430  1.00 32.02 ? 81  HOH A O     1 
HETATM 598 O  O     . HOH G 4 .  ? 9.519   10.003  14.570  1.00 27.88 ? 82  HOH A O     1 
HETATM 599 O  O     . HOH G 4 .  ? -1.741  -9.173  2.712   1.00 43.07 ? 83  HOH A O     1 
HETATM 600 O  O     . HOH G 4 .  ? 5.104   22.110  0.554   1.00 42.85 ? 84  HOH A O     1 
HETATM 601 O  O     . HOH G 4 .  ? 5.352   -4.955  5.348   1.00 21.75 ? 85  HOH A O     1 
HETATM 602 O  O     . HOH G 4 .  ? 2.772   15.377  8.923   1.00 19.02 ? 86  HOH A O     1 
HETATM 603 O  O     . HOH G 4 .  ? -2.280  11.123  7.674   1.00 23.17 ? 91  HOH A O     1 
HETATM 604 O  O     . HOH G 4 .  ? 6.830   -2.031  12.090  1.00 29.40 ? 92  HOH A O     1 
HETATM 605 O  O     . HOH G 4 .  ? -0.446  12.576  10.064  1.00 40.30 ? 93  HOH A O     1 
HETATM 606 O  O     . HOH G 4 .  ? -3.523  -0.187  17.477  1.00 30.00 ? 94  HOH A O     1 
HETATM 607 O  O     . HOH G 4 .  ? 7.388   1.708   19.125  1.00 28.78 ? 96  HOH A O     1 
HETATM 608 O  O     . HOH G 4 .  ? -5.946  -9.048  -16.284 1.00 31.45 ? 97  HOH A O     1 
HETATM 609 O  O     . HOH G 4 .  ? -1.512  -3.413  -11.557 1.00 24.62 ? 98  HOH A O     1 
HETATM 610 O  O     . HOH G 4 .  ? -0.790  16.141  7.254   1.00 25.91 ? 99  HOH A O     1 
HETATM 611 O  O     . HOH G 4 .  ? 2.436   8.130   18.344  1.00 28.36 ? 100 HOH A O     1 
HETATM 612 O  O     . HOH G 4 .  ? -2.027  2.293   7.035   1.00 25.62 ? 101 HOH A O     1 
HETATM 613 O  O     . HOH G 4 .  ? -4.455  2.383   13.893  1.00 22.69 ? 104 HOH A O     1 
HETATM 614 O  O     . HOH G 4 .  ? -1.885  -2.931  16.470  1.00 27.37 ? 105 HOH A O     1 
HETATM 615 O  O     . HOH G 4 .  ? -4.889  3.162   17.557  1.00 41.57 ? 106 HOH A O     1 
HETATM 616 O  O     . HOH G 4 .  ? 1.693   -6.057  -11.040 1.00 27.71 ? 107 HOH A O     1 
HETATM 617 O  O     . HOH G 4 .  ? 7.133   2.358   9.460   1.00 19.99 ? 110 HOH A O     1 
HETATM 618 O  O     . HOH G 4 .  ? 3.500   8.257   16.001  1.00 27.86 ? 111 HOH A O     1 
HETATM 619 O  O     . HOH G 4 .  ? 2.695   12.937  12.553  1.00 24.07 ? 112 HOH A O     1 
HETATM 620 O  O     . HOH G 4 .  ? -4.051  4.109   9.523   1.00 27.46 ? 113 HOH A O     1 
HETATM 621 O  O     . HOH G 4 .  ? 5.857   -0.091  10.520  1.00 17.52 ? 115 HOH A O     1 
HETATM 622 O  O     . HOH G 4 .  ? -1.125  -0.515  18.950  1.00 25.74 ? 116 HOH A O     1 
HETATM 623 O  O     . HOH G 4 .  ? -3.145  -9.880  -16.878 1.00 22.15 ? 122 HOH A O     1 
HETATM 624 O  O     . HOH G 4 .  ? 6.696   3.317   4.482   1.00 19.80 ? 123 HOH A O     1 
HETATM 625 O  O     . HOH G 4 .  ? 5.297   4.553   18.100  1.00 34.90 ? 124 HOH A O     1 
HETATM 626 O  O     . HOH G 4 .  ? 8.469   3.220   13.558  1.00 25.84 ? 127 HOH A O     1 
HETATM 627 O  O     . HOH G 4 .  ? 5.829   -13.643 -26.370 1.00 32.16 ? 128 HOH A O     1 
HETATM 628 O  O     . HOH G 4 .  ? 8.136   11.971  3.564   1.00 23.15 ? 129 HOH A O     1 
HETATM 629 O  O     . HOH G 4 .  ? 5.973   -4.338  8.067   1.00 34.53 ? 131 HOH A O     1 
HETATM 630 O  O     . HOH G 4 .  ? 6.946   -1.091  5.677   1.00 30.87 ? 135 HOH A O     1 
HETATM 631 O  O     . HOH G 4 .  ? -2.218  7.965   9.257   1.00 18.95 ? 136 HOH A O     1 
HETATM 632 O  O     . HOH G 4 .  ? 4.447   19.079  3.446   1.00 20.70 ? 140 HOH A O     1 
HETATM 633 O  O     . HOH G 4 .  ? -2.007  -1.418  5.058   1.00 22.63 ? 141 HOH A O     1 
HETATM 634 O  O     . HOH G 4 .  ? 2.755   14.733  -0.382  1.00 37.55 ? 142 HOH A O     1 
HETATM 635 O  O     . HOH G 4 .  ? 2.151   12.665  9.715   1.00 22.12 ? 144 HOH A O     1 
HETATM 636 O  O     . HOH G 4 .  ? 5.428   16.835  2.374   1.00 19.33 ? 145 HOH A O     1 
HETATM 637 O  O     . HOH G 4 .  ? -6.591  -10.383 -6.398  1.00 23.07 ? 148 HOH A O     1 
HETATM 638 O  O     . HOH G 4 .  ? 6.408   9.306   1.133   1.00 29.01 ? 149 HOH A O     1 
HETATM 639 O  O     . HOH G 4 .  ? -8.704  13.562  7.923   1.00 46.35 ? 153 HOH A O     1 
HETATM 640 O  O     . HOH G 4 .  ? -10.618 -0.850  16.624  1.00 39.70 ? 154 HOH A O     1 
HETATM 641 O  O     . HOH G 4 .  ? -6.177  -5.519  12.786  1.00 42.81 ? 155 HOH A O     1 
HETATM 642 O  O     . HOH G 4 .  ? 2.554   -8.592  -9.637  1.00 25.77 ? 156 HOH A O     1 
HETATM 643 O  O     . HOH G 4 .  ? 3.486   -6.546  -9.310  1.00 21.51 ? 157 HOH A O     1 
HETATM 644 O  O     . HOH G 4 .  ? -3.855  8.370   17.917  1.00 20.77 ? 158 HOH A O     1 
HETATM 645 O  O     . HOH G 4 .  ? -2.019  2.213   4.191   1.00 25.97 ? 159 HOH A O     1 
HETATM 646 O  O     . HOH G 4 .  ? -5.513  0.046   10.351  1.00 38.36 ? 164 HOH A O     1 
HETATM 647 O  O     . HOH G 4 .  ? 3.246   20.534  1.734   1.00 30.14 ? 165 HOH A O     1 
HETATM 648 O  O     . HOH G 4 .  ? -4.918  -1.488  8.004   1.00 30.10 ? 166 HOH A O     1 
HETATM 649 O  O     . HOH G 4 .  ? -5.142  -10.521 -1.387  1.00 34.36 ? 167 HOH A O     1 
HETATM 650 O  O     . HOH G 4 .  ? -4.046  -2.800  -7.704  1.00 33.03 ? 168 HOH A O     1 
HETATM 651 O  O     . HOH G 4 .  ? 10.021  1.101   12.566  1.00 43.49 ? 169 HOH A O     1 
HETATM 652 O  O     . HOH G 4 .  ? -3.155  -0.413  -13.553 1.00 30.75 ? 170 HOH A O     1 
HETATM 653 O  O     . HOH G 4 .  ? 0.574   14.072  -1.778  1.00 31.42 ? 172 HOH A O     1 
HETATM 654 O  O     . HOH G 4 .  ? -6.780  -3.439  7.854   1.00 38.86 ? 173 HOH A O     1 
HETATM 655 O  O     . HOH G 4 .  ? -2.695  17.245  5.679   1.00 26.23 ? 176 HOH A O     1 
HETATM 656 O  O     . HOH G 4 .  ? -0.749  -3.158  -6.722  1.00 34.02 ? 178 HOH A O     1 
HETATM 657 O  O     . HOH G 4 .  ? -8.713  16.765  7.215   1.00 39.14 ? 179 HOH A O     1 
HETATM 658 O  O     . HOH G 4 .  ? 4.762   -7.100  -18.988 1.00 36.33 ? 181 HOH A O     1 
HETATM 659 O  O     . HOH G 4 .  ? -1.106  -3.349  -19.120 1.00 41.89 ? 182 HOH A O     1 
HETATM 660 O  O     . HOH G 4 .  ? 1.662   17.198  10.799  1.00 38.98 ? 183 HOH A O     1 
HETATM 661 O  O     . HOH G 4 .  ? -3.163  -1.615  0.357   1.00 25.03 ? 189 HOH A O     1 
HETATM 662 O  O     . HOH G 4 .  ? -6.967  15.506  8.076   1.00 44.21 ? 193 HOH A O     1 
HETATM 663 O  O     . HOH G 4 .  ? -2.019  1.333   20.241  1.00 35.12 ? 195 HOH A O     1 
HETATM 664 O  O     . HOH G 4 .  ? 2.685   -6.403  5.751   1.00 34.81 ? 196 HOH A O     1 
HETATM 665 O  O     . HOH G 4 .  ? -2.954  -0.099  -15.816 1.00 36.97 ? 201 HOH A O     1 
HETATM 666 O  O     . HOH G 4 .  ? 2.803   19.467  7.543   1.00 36.28 ? 203 HOH A O     1 
HETATM 667 O  O     . HOH G 4 .  ? -7.715  -10.762 -17.885 1.00 41.46 ? 205 HOH A O     1 
HETATM 668 O  O     . HOH G 4 .  ? 8.531   5.027   17.702  1.00 50.38 ? 206 HOH A O     1 
HETATM 669 O  O     . HOH G 4 .  ? -5.711  4.496   19.402  1.00 40.65 ? 207 HOH A O     1 
HETATM 670 O  O     . HOH G 4 .  ? -1.547  -5.405  11.486  1.00 39.14 ? 208 HOH A O     1 
HETATM 671 O  O     . HOH G 4 .  ? -0.708  -7.534  8.953   1.00 41.35 ? 209 HOH A O     1 
HETATM 672 O  O     . HOH G 4 .  ? -4.210  -0.311  -1.382  1.00 38.99 ? 210 HOH A O     1 
HETATM 673 O  O     . HOH G 4 .  ? 10.922  -2.970  9.870   1.00 50.53 ? 214 HOH A O     1 
HETATM 674 O  O     . HOH G 4 .  ? 2.044   -7.316  10.099  1.00 55.45 ? 215 HOH A O     1 
HETATM 675 O  O     . HOH G 4 .  ? -6.795  -0.728  -9.059  1.00 52.49 ? 216 HOH A O     1 
HETATM 676 O  O     . HOH G 4 .  ? -5.713  -2.640  0.835   1.00 38.72 ? 217 HOH A O     1 
HETATM 677 O  O     . HOH G 4 .  ? -6.456  -8.954  4.907   1.00 46.19 ? 218 HOH A O     1 
HETATM 678 O  O     . HOH G 4 .  ? 2.642   -1.830  -13.666 1.00 43.71 ? 223 HOH A O     1 
HETATM 679 O  O     . HOH G 4 .  ? -0.377  -2.691  -9.403  1.00 44.41 ? 224 HOH A O     1 
HETATM 680 O  O     . HOH G 4 .  ? 1.376   15.021  13.680  1.00 49.03 ? 225 HOH A O     1 
HETATM 681 O  O     . HOH G 4 .  ? -3.819  18.438  7.680   1.00 48.01 ? 226 HOH A O     1 
HETATM 682 O  O     . HOH H 4 .  ? 5.741   1.287   -4.920  1.00 26.68 ? 75  HOH B O     1 
HETATM 683 O  O     . HOH H 4 .  ? -2.129  -11.542 0.869   1.00 31.00 ? 78  HOH B O     1 
HETATM 684 O  O     . HOH H 4 .  ? 8.384   -12.297 4.615   1.00 39.59 ? 79  HOH B O     1 
HETATM 685 O  O     . HOH H 4 .  ? 3.747   -14.212 -5.065  1.00 36.15 ? 80  HOH B O     1 
HETATM 686 O  O     . HOH H 4 .  ? 2.502   0.487   -4.155  1.00 27.88 ? 87  HOH B O     1 
HETATM 687 O  O     . HOH H 4 .  ? 2.703   3.333   -4.869  1.00 28.30 ? 88  HOH B O     1 
HETATM 688 O  O     . HOH H 4 .  ? -12.498 9.069   -3.805  1.00 26.58 ? 89  HOH B O     1 
HETATM 689 O  O     . HOH H 4 .  ? -3.397  5.321   0.708   1.00 25.25 ? 90  HOH B O     1 
HETATM 690 O  O     . HOH H 4 .  ? -3.577  -12.100 -18.400 1.00 29.75 ? 95  HOH B O     1 
HETATM 691 O  O     . HOH H 4 .  ? 0.290   1.619   -2.389  1.00 26.35 ? 102 HOH B O     1 
HETATM 692 O  O     . HOH H 4 .  ? 8.351   1.822   3.130   1.00 23.33 ? 103 HOH B O     1 
HETATM 693 O  O     . HOH H 4 .  ? 3.609   -11.707 -7.281  1.00 29.80 ? 108 HOH B O     1 
HETATM 694 O  O     . HOH H 4 .  ? -4.478  -12.648 -15.323 1.00 26.06 ? 109 HOH B O     1 
HETATM 695 O  O     . HOH H 4 .  ? -1.173  -18.764 -19.334 1.00 20.30 ? 114 HOH B O     1 
HETATM 696 O  O     . HOH H 4 .  ? -4.924  6.227   -2.853  1.00 23.38 ? 117 HOH B O     1 
HETATM 697 O  O     . HOH H 4 .  ? -10.786 4.809   7.371   1.00 52.91 ? 118 HOH B O     1 
HETATM 698 O  O     . HOH H 4 .  ? 3.427   -14.803 -9.061  1.00 26.44 ? 119 HOH B O     1 
HETATM 699 O  O     . HOH H 4 .  ? -0.023  -12.872 2.087   1.00 28.56 ? 120 HOH B O     1 
HETATM 700 O  O     . HOH H 4 .  ? -1.931  5.740   -5.172  1.00 24.94 ? 121 HOH B O     1 
HETATM 701 O  O     . HOH H 4 .  ? -7.833  6.923   5.241   1.00 41.50 ? 125 HOH B O     1 
HETATM 702 O  O     . HOH H 4 .  ? 6.094   19.419  -6.163  1.00 40.50 ? 126 HOH B O     1 
HETATM 703 O  O     . HOH H 4 .  ? 4.379   -9.850  -5.005  1.00 28.41 ? 130 HOH B O     1 
HETATM 704 O  O     . HOH H 4 .  ? -2.992  13.773  -3.245  1.00 36.12 ? 132 HOH B O     1 
HETATM 705 O  O     . HOH H 4 .  ? 7.490   7.591   -0.991  1.00 31.32 ? 133 HOH B O     1 
HETATM 706 O  O     . HOH H 4 .  ? 6.723   -12.056 -11.360 1.00 39.76 ? 134 HOH B O     1 
HETATM 707 O  O     . HOH H 4 .  ? -6.110  -17.095 -15.184 1.00 20.53 ? 137 HOH B O     1 
HETATM 708 O  O     . HOH H 4 .  ? 5.233   -7.838  -6.072  1.00 19.10 ? 138 HOH B O     1 
HETATM 709 O  O     . HOH H 4 .  ? -6.174  -18.311 -6.162  1.00 18.97 ? 139 HOH B O     1 
HETATM 710 O  O     . HOH H 4 .  ? 5.344   -18.038 -1.809  1.00 29.99 ? 143 HOH B O     1 
HETATM 711 O  O     . HOH H 4 .  ? 7.990   -3.028  4.034   1.00 27.76 ? 146 HOH B O     1 
HETATM 712 O  O     . HOH H 4 .  ? -5.796  6.120   2.648   1.00 29.00 ? 147 HOH B O     1 
HETATM 713 O  O     . HOH H 4 .  ? -0.334  -19.875 -21.578 1.00 32.92 ? 150 HOH B O     1 
HETATM 714 O  O     . HOH H 4 .  ? -4.449  9.601   8.775   1.00 37.08 ? 151 HOH B O     1 
HETATM 715 O  O     . HOH H 4 .  ? 8.297   8.743   -5.116  1.00 39.83 ? 152 HOH B O     1 
HETATM 716 O  O     . HOH H 4 .  ? -2.574  4.486   -2.593  1.00 27.79 ? 160 HOH B O     1 
HETATM 717 O  O     . HOH H 4 .  ? -4.013  -21.604 -8.372  1.00 31.59 ? 161 HOH B O     1 
HETATM 718 O  O     . HOH H 4 .  ? -2.541  1.870   -2.256  1.00 38.45 ? 162 HOH B O     1 
HETATM 719 O  O     . HOH H 4 .  ? -1.185  -21.690 -15.975 1.00 33.77 ? 163 HOH B O     1 
HETATM 720 O  O     . HOH H 4 .  ? -0.904  -23.063 -13.897 1.00 40.00 ? 171 HOH B O     1 
HETATM 721 O  O     . HOH H 4 .  ? 1.881   -16.844 -7.887  1.00 32.69 ? 174 HOH B O     1 
HETATM 722 O  O     . HOH H 4 .  ? 5.141   -9.216  4.308   1.00 40.62 ? 175 HOH B O     1 
HETATM 723 O  O     . HOH H 4 .  ? 12.542  -3.131  1.788   1.00 41.10 ? 177 HOH B O     1 
HETATM 724 O  O     . HOH H 4 .  ? 2.477   -8.117  3.602   1.00 32.97 ? 180 HOH B O     1 
HETATM 725 O  O     . HOH H 4 .  ? -11.299 9.063   -6.616  1.00 36.94 ? 184 HOH B O     1 
HETATM 726 O  O     . HOH H 4 .  ? -3.162  -18.099 -2.222  1.00 36.39 ? 185 HOH B O     1 
HETATM 727 O  O     . HOH H 4 .  ? 3.134   -8.103  -7.098  1.00 39.49 ? 186 HOH B O     1 
HETATM 728 O  O     . HOH H 4 .  ? 3.221   -5.991  -5.306  1.00 37.40 ? 187 HOH B O     1 
HETATM 729 O  O     . HOH H 4 .  ? -7.740  5.402   0.458   1.00 36.04 ? 188 HOH B O     1 
HETATM 730 O  O     . HOH H 4 .  ? 5.471   -7.011  -3.947  1.00 32.19 ? 190 HOH B O     1 
HETATM 731 O  O     . HOH H 4 .  ? 3.748   -15.791 -11.619 1.00 41.02 ? 191 HOH B O     1 
HETATM 732 O  O     . HOH H 4 .  ? -12.970 6.420   6.540   1.00 37.92 ? 192 HOH B O     1 
HETATM 733 O  O     . HOH H 4 .  ? 2.118   11.687  -8.025  1.00 36.68 ? 194 HOH B O     1 
HETATM 734 O  O     . HOH H 4 .  ? -3.434  -14.922 -21.321 1.00 40.59 ? 197 HOH B O     1 
HETATM 735 O  O     . HOH H 4 .  ? 6.115   -10.787 -3.500  1.00 39.82 ? 198 HOH B O     1 
HETATM 736 O  O     . HOH H 4 .  ? 0.514   4.277   -6.318  1.00 36.64 ? 199 HOH B O     1 
HETATM 737 O  O     . HOH H 4 .  ? 3.193   11.843  -0.549  1.00 37.51 ? 200 HOH B O     1 
HETATM 738 O  O     . HOH H 4 .  ? 8.935   2.313   -7.380  1.00 49.82 ? 202 HOH B O     1 
HETATM 739 O  O     . HOH H 4 .  ? -12.141 6.168   3.325   1.00 41.97 ? 204 HOH B O     1 
HETATM 740 O  O     . HOH H 4 .  ? 3.745   -3.044  -4.444  1.00 44.31 ? 211 HOH B O     1 
HETATM 741 O  O     . HOH H 4 .  ? 7.386   -3.423  -3.877  1.00 42.80 ? 212 HOH B O     1 
HETATM 742 O  O     . HOH H 4 .  ? 10.450  -3.960  -4.968  1.00 39.59 ? 213 HOH B O     1 
HETATM 743 O  O     . HOH H 4 .  ? -6.107  9.369   6.793   1.00 48.58 ? 219 HOH B O     1 
HETATM 744 O  O     . HOH H 4 .  ? -9.080  8.587   -7.785  1.00 41.13 ? 220 HOH B O     1 
HETATM 745 O  O     . HOH H 4 .  ? -4.293  10.584  -9.686  1.00 49.40 ? 221 HOH B O     1 
HETATM 746 O  O     . HOH H 4 .  ? 7.052   -17.625 -3.291  1.00 67.89 ? 222 HOH B O     1 
HETATM 747 O  O     . HOH H 4 .  ? -14.852 9.175   -3.108  1.00 40.81 ? 227 HOH B O     1 
HETATM 748 O  O     . HOH H 4 .  ? 3.865   6.230   -10.166 1.00 46.49 ? 228 HOH B O     1 
HETATM 749 O  O     . HOH H 4 .  ? -5.021  -16.647 -3.267  1.00 50.82 ? 229 HOH B O     1 
# 
loop_
_atom_site_anisotrop.id 
_atom_site_anisotrop.type_symbol 
_atom_site_anisotrop.pdbx_label_atom_id 
_atom_site_anisotrop.pdbx_label_alt_id 
_atom_site_anisotrop.pdbx_label_comp_id 
_atom_site_anisotrop.pdbx_label_asym_id 
_atom_site_anisotrop.pdbx_label_seq_id 
_atom_site_anisotrop.pdbx_PDB_ins_code 
_atom_site_anisotrop.U[1][1] 
_atom_site_anisotrop.U[2][2] 
_atom_site_anisotrop.U[3][3] 
_atom_site_anisotrop.U[1][2] 
_atom_site_anisotrop.U[1][3] 
_atom_site_anisotrop.U[2][3] 
_atom_site_anisotrop.pdbx_auth_seq_id 
_atom_site_anisotrop.pdbx_auth_comp_id 
_atom_site_anisotrop.pdbx_auth_asym_id 
_atom_site_anisotrop.pdbx_auth_atom_id 
1   O  "O5'" . G   A 1  ? 0.2659 0.4067 0.4040 -0.0959 0.0749  0.0567  16  G   A "O5'" 
2   C  "C5'" . G   A 1  ? 0.2994 0.3862 0.3577 -0.0668 0.1354  0.0347  16  G   A "C5'" 
3   C  "C4'" . G   A 1  ? 0.2548 0.3187 0.3287 0.0088  0.0952  0.0492  16  G   A "C4'" 
4   O  "O4'" . G   A 1  ? 0.2676 0.3310 0.3012 0.0314  0.1108  0.0496  16  G   A "O4'" 
5   C  "C3'" . G   A 1  ? 0.2231 0.2854 0.2813 0.0078  0.0602  0.0345  16  G   A "C3'" 
6   O  "O3'" . G   A 1  ? 0.2401 0.2893 0.2717 0.0174  0.0456  0.0350  16  G   A "O3'" 
7   C  "C2'" . G   A 1  ? 0.2311 0.2942 0.2474 0.0145  0.0463  0.0212  16  G   A "C2'" 
8   O  "O2'" . G   A 1  ? 0.2519 0.3159 0.2640 0.0055  0.0349  0.0410  16  G   A "O2'" 
9   C  "C1'" . G   A 1  ? 0.2479 0.3059 0.2243 0.0235  0.0567  0.0214  16  G   A "C1'" 
10  N  N9    . G   A 1  ? 0.2357 0.2578 0.2346 0.0036  0.0333  0.0027  16  G   A N9    
11  C  C8    . G   A 1  ? 0.2291 0.2811 0.2400 -0.0020 0.0437  0.0079  16  G   A C8    
12  N  N7    . G   A 1  ? 0.2124 0.2413 0.2373 0.0206  0.0413  -0.0122 16  G   A N7    
13  C  C5    . G   A 1  ? 0.2088 0.2617 0.2069 0.0154  0.0599  -0.0169 16  G   A C5    
14  C  C6    . G   A 1  ? 0.2010 0.2333 0.1924 0.0275  0.0530  -0.0324 16  G   A C6    
15  O  O6    . G   A 1  ? 0.1796 0.2347 0.2206 0.0060  0.0280  -0.0292 16  G   A O6    
16  N  N1    . G   A 1  ? 0.2079 0.2052 0.2030 0.0363  0.0226  -0.0177 16  G   A N1    
17  C  C2    . G   A 1  ? 0.2438 0.2038 0.1726 0.0162  0.0309  -0.0229 16  G   A C2    
18  N  N2    . G   A 1  ? 0.2525 0.2564 0.1689 -0.0146 0.0225  -0.0285 16  G   A N2    
19  N  N3    . G   A 1  ? 0.2491 0.2300 0.1876 0.0047  0.0477  -0.0096 16  G   A N3    
20  C  C4    . G   A 1  ? 0.2152 0.2658 0.2136 0.0132  0.0498  -0.0034 16  G   A C4    
21  P  P     . G   A 2  ? 0.2276 0.2453 0.2573 -0.0037 0.0275  0.0148  17  G   A P     
22  O  OP1   . G   A 2  ? 0.2632 0.2361 0.2994 0.0103  0.0317  0.0281  17  G   A OP1   
23  O  OP2   . G   A 2  ? 0.2195 0.2630 0.2860 -0.0173 0.0136  0.0014  17  G   A OP2   
24  O  "O5'" . G   A 2  ? 0.2313 0.2335 0.2113 -0.0041 0.0024  0.0123  17  G   A "O5'" 
25  C  "C5'" . G   A 2  ? 0.2436 0.2845 0.1914 -0.0172 0.0070  0.0292  17  G   A "C5'" 
26  C  "C4'" . G   A 2  ? 0.1985 0.2742 0.1778 0.0059  0.0129  0.0117  17  G   A "C4'" 
27  O  "O4'" . G   A 2  ? 0.2070 0.2625 0.1885 0.0036  0.0346  -0.0001 17  G   A "O4'" 
28  C  "C3'" . G   A 2  ? 0.1829 0.2648 0.1881 0.0155  0.0154  0.0019  17  G   A "C3'" 
29  O  "O3'" . G   A 2  ? 0.1841 0.2611 0.1916 0.0156  -0.0003 0.0098  17  G   A "O3'" 
30  C  "C2'" . G   A 2  ? 0.1782 0.2687 0.1892 0.0126  0.0127  0.0148  17  G   A "C2'" 
31  O  "O2'" . G   A 2  ? 0.1990 0.2841 0.2306 -0.0010 -0.0144 0.0165  17  G   A "O2'" 
32  C  "C1'" . G   A 2  ? 0.1965 0.2554 0.1721 -0.0015 0.0218  -0.0068 17  G   A "C1'" 
33  N  N9    . G   A 2  ? 0.1804 0.2152 0.1993 0.0097  0.0226  -0.0164 17  G   A N9    
34  C  C8    . G   A 2  ? 0.1756 0.2269 0.1989 0.0046  0.0354  -0.0269 17  G   A C8    
35  N  N7    . G   A 2  ? 0.2011 0.2421 0.1821 -0.0103 0.0219  -0.0303 17  G   A N7    
36  C  C5    . G   A 2  ? 0.1816 0.2206 0.1698 0.0094  0.0346  -0.0407 17  G   A C5    
37  C  C6    . G   A 2  ? 0.1856 0.1927 0.1883 0.0077  0.0141  -0.0503 17  G   A C6    
38  O  O6    . G   A 2  ? 0.1967 0.1962 0.2415 0.0100  -0.0131 -0.0443 17  G   A O6    
39  N  N1    . G   A 2  ? 0.1878 0.2069 0.1785 0.0043  0.0052  -0.0333 17  G   A N1    
40  C  C2    . G   A 2  ? 0.2004 0.2046 0.1620 -0.0150 0.0026  -0.0404 17  G   A C2    
41  N  N2    . G   A 2  ? 0.2057 0.1972 0.1980 -0.0150 0.0122  -0.0346 17  G   A N2    
42  N  N3    . G   A 2  ? 0.1885 0.1920 0.1873 0.0137  0.0127  -0.0298 17  G   A N3    
43  C  C4    . G   A 2  ? 0.1978 0.2145 0.1737 0.0023  0.0231  -0.0276 17  G   A C4    
44  P  P     . C   A 3  ? 0.1932 0.2310 0.2308 0.0042  0.0115  0.0015  18  C   A P     
45  O  OP1   . C   A 3  ? 0.2022 0.2455 0.2677 0.0227  0.0369  0.0338  18  C   A OP1   
46  O  OP2   . C   A 3  ? 0.2067 0.2282 0.2488 0.0017  0.0084  0.0036  18  C   A OP2   
47  O  "O5'" . C   A 3  ? 0.1671 0.2385 0.2010 0.0093  -0.0076 -0.0149 18  C   A "O5'" 
48  C  "C5'" . C   A 3  ? 0.1751 0.2431 0.2026 0.0139  -0.0089 0.0204  18  C   A "C5'" 
49  C  "C4'" . C   A 3  ? 0.2006 0.2077 0.1750 0.0158  -0.0196 -0.0116 18  C   A "C4'" 
50  O  "O4'" . C   A 3  ? 0.2082 0.2121 0.1630 0.0215  -0.0103 -0.0200 18  C   A "O4'" 
51  C  "C3'" . C   A 3  ? 0.2081 0.2042 0.1783 0.0277  -0.0109 -0.0242 18  C   A "C3'" 
52  O  "O3'" . C   A 3  ? 0.2032 0.2093 0.1909 0.0394  -0.0059 -0.0076 18  C   A "O3'" 
53  C  "C2'" . C   A 3  ? 0.1715 0.2091 0.1703 0.0229  -0.0028 -0.0173 18  C   A "C2'" 
54  O  "O2'" . C   A 3  ? 0.1805 0.2318 0.2024 0.0010  -0.0016 -0.0135 18  C   A "O2'" 
55  C  "C1'" . C   A 3  ? 0.1831 0.2022 0.1668 0.0185  -0.0062 -0.0221 18  C   A "C1'" 
56  N  N1    . C   A 3  ? 0.1765 0.1808 0.1778 0.0255  0.0004  -0.0197 18  C   A N1    
57  C  C2    . C   A 3  ? 0.1804 0.1877 0.1929 0.0401  0.0027  -0.0121 18  C   A C2    
58  O  O2    . C   A 3  ? 0.2202 0.2016 0.1920 0.0031  -0.0305 -0.0037 18  C   A O2    
59  N  N3    . C   A 3  ? 0.1912 0.2036 0.1727 0.0288  -0.0080 -0.0218 18  C   A N3    
60  C  C4    . C   A 3  ? 0.1899 0.1993 0.1749 0.0187  -0.0073 -0.0398 18  C   A C4    
61  N  N4    . C   A 3  ? 0.1835 0.2194 0.2506 0.0304  -0.0168 -0.0191 18  C   A N4    
62  C  C5    . C   A 3  ? 0.1878 0.2128 0.1730 0.0086  -0.0025 -0.0218 18  C   A C5    
63  C  C6    . C   A 3  ? 0.1816 0.2053 0.1828 0.0199  0.0102  -0.0112 18  C   A C6    
64  P  P     . C   A 4  ? 0.2947 0.2373 0.2150 0.0526  0.0105  -0.0389 19  C   A P     
65  O  OP1   . C   A 4  ? 0.3483 0.3009 0.2353 0.1210  0.0358  -0.0212 19  C   A OP1   
66  O  OP2   . C   A 4  ? 0.3651 0.2245 0.2643 -0.0083 -0.0073 -0.0542 19  C   A OP2   
67  O  "O5'" . C   A 4  ? 0.2466 0.2597 0.1859 0.0371  0.0055  -0.0394 19  C   A "O5'" 
68  C  "C5'" . C   A 4  ? 0.2122 0.2788 0.2208 0.0495  0.0027  -0.0144 19  C   A "C5'" 
69  C  "C4'" . C   A 4  ? 0.2443 0.2819 0.1840 0.0249  -0.0153 -0.0239 19  C   A "C4'" 
70  O  "O4'" . C   A 4  ? 0.2572 0.2485 0.1651 0.0441  -0.0321 -0.0165 19  C   A "O4'" 
71  C  "C3'" . C   A 4  ? 0.2115 0.2722 0.1936 -0.0074 0.0086  -0.0350 19  C   A "C3'" 
72  O  "O3'" . C   A 4  ? 0.2302 0.3224 0.2032 0.0025  0.0150  -0.0430 19  C   A "O3'" 
73  C  "C2'" . C   A 4  ? 0.2569 0.2736 0.1615 0.0010  -0.0098 -0.0257 19  C   A "C2'" 
74  O  "O2'" . C   A 4  ? 0.2730 0.2862 0.2116 -0.0119 -0.0036 -0.0140 19  C   A "O2'" 
75  C  "C1'" . C   A 4  ? 0.2524 0.2532 0.1544 0.0228  -0.0311 -0.0288 19  C   A "C1'" 
76  N  N1    . C   A 4  ? 0.2606 0.2705 0.1337 0.0161  -0.0188 -0.0336 19  C   A N1    
77  C  C2    . C   A 4  ? 0.2507 0.2542 0.1549 0.0169  -0.0112 -0.0341 19  C   A C2    
78  O  O2    . C   A 4  ? 0.2379 0.2552 0.1817 0.0183  -0.0184 -0.0203 19  C   A O2    
79  N  N3    . C   A 4  ? 0.2494 0.2255 0.1804 0.0334  0.0099  -0.0414 19  C   A N3    
80  C  C4    . C   A 4  ? 0.2590 0.2379 0.2175 0.0389  0.0173  -0.0199 19  C   A C4    
81  N  N4    . C   A 4  ? 0.2683 0.2560 0.1766 0.0122  0.0128  -0.0442 19  C   A N4    
82  C  C5    . C   A 4  ? 0.2683 0.2489 0.1949 0.0365  0.0076  -0.0262 19  C   A C5    
83  C  C6    . C   A 4  ? 0.2678 0.2631 0.1489 0.0244  -0.0033 -0.0344 19  C   A C6    
84  P  P     . A   A 5  ? 0.2781 0.3216 0.2179 0.0328  0.0144  -0.0558 20  A   A P     
85  O  OP1   . A   A 5  ? 0.3025 0.3654 0.2928 0.0758  0.0539  -0.0393 20  A   A OP1   
86  O  OP2   . A   A 5  ? 0.3092 0.2902 0.2423 0.0266  0.0077  -0.0590 20  A   A OP2   
87  O  "O5'" . A   A 5  ? 0.2627 0.3031 0.2278 -0.0018 -0.0033 -0.0553 20  A   A "O5'" 
88  C  "C5'" . A   A 5  ? 0.2488 0.3213 0.2123 -0.0137 -0.0147 -0.0492 20  A   A "C5'" 
89  C  "C4'" . A   A 5  ? 0.2366 0.3179 0.2159 -0.0247 -0.0168 -0.0504 20  A   A "C4'" 
90  O  "O4'" . A   A 5  ? 0.2500 0.3070 0.2220 -0.0163 -0.0211 -0.0716 20  A   A "O4'" 
91  C  "C3'" . A   A 5  ? 0.2432 0.3218 0.2085 -0.0070 -0.0171 -0.0645 20  A   A "C3'" 
92  O  "O3'" . A   A 5  ? 0.2276 0.3508 0.2143 -0.0250 -0.0163 -0.0567 20  A   A "O3'" 
93  C  "C2'" . A   A 5  ? 0.2482 0.3187 0.1911 -0.0077 -0.0161 -0.0431 20  A   A "C2'" 
94  O  "O2'" . A   A 5  ? 0.3326 0.3490 0.2060 -0.0319 -0.0577 -0.0072 20  A   A "O2'" 
95  C  "C1'" . A   A 5  ? 0.2416 0.3198 0.1972 -0.0087 -0.0095 -0.0528 20  A   A "C1'" 
96  N  N9    . A   A 5  ? 0.2158 0.2827 0.2094 0.0286  0.0098  -0.0584 20  A   A N9    
97  C  C8    . A   A 5  ? 0.2201 0.2556 0.2141 0.0329  0.0060  -0.0729 20  A   A C8    
98  N  N7    . A   A 5  ? 0.2301 0.2602 0.2103 0.0226  -0.0032 -0.0692 20  A   A N7    
99  C  C5    . A   A 5  ? 0.2262 0.2285 0.2250 0.0096  -0.0149 -0.0775 20  A   A C5    
100 C  C6    . A   A 5  ? 0.2385 0.2326 0.2019 -0.0190 -0.0269 -0.0975 20  A   A C6    
101 N  N6    . A   A 5  ? 0.2601 0.2691 0.2341 -0.0046 0.0093  -0.0693 20  A   A N6    
102 N  N1    . A   A 5  ? 0.2174 0.2336 0.2476 0.0152  -0.0020 -0.0869 20  A   A N1    
103 C  C2    . A   A 5  ? 0.2201 0.2279 0.2288 0.0068  -0.0134 -0.0945 20  A   A C2    
104 N  N3    . A   A 5  ? 0.2249 0.2797 0.2264 0.0073  -0.0143 -0.0564 20  A   A N3    
105 C  C4    . A   A 5  ? 0.2188 0.2575 0.2127 0.0200  -0.0022 -0.0704 20  A   A C4    
106 P  P     . G   A 6  ? 0.2641 0.3363 0.2135 -0.0206 0.0065  -0.0606 21  G   A P     
107 O  OP1   . G   A 6  ? 0.2904 0.4851 0.1973 -0.0590 0.0119  -0.0732 21  G   A OP1   
108 O  OP2   . G   A 6  ? 0.2804 0.3386 0.2301 0.0218  0.0175  -0.0544 21  G   A OP2   
109 O  "O5'" . G   A 6  ? 0.2710 0.3357 0.1928 -0.0511 -0.0161 -0.0411 21  G   A "O5'" 
110 C  "C5'" . G   A 6  ? 0.2641 0.3404 0.2128 -0.0743 -0.0083 -0.0180 21  G   A "C5'" 
111 C  "C4'" . G   A 6  ? 0.2685 0.2917 0.1915 -0.0688 -0.0199 -0.0352 21  G   A "C4'" 
112 O  "O4'" . G   A 6  ? 0.2702 0.2671 0.2019 -0.0449 -0.0213 -0.0353 21  G   A "O4'" 
113 C  "C3'" . G   A 6  ? 0.2384 0.2493 0.1836 -0.0352 0.0069  -0.0281 21  G   A "C3'" 
114 O  "O3'" . G   A 6  ? 0.2417 0.2633 0.1798 -0.0383 0.0029  -0.0371 21  G   A "O3'" 
115 C  "C2'" . G   A 6  ? 0.2320 0.2572 0.1876 -0.0129 -0.0096 -0.0454 21  G   A "C2'" 
116 O  "O2'" . G   A 6  ? 0.2657 0.2546 0.2320 -0.0259 -0.0056 -0.0091 21  G   A "O2'" 
117 C  "C1'" . G   A 6  ? 0.2620 0.2568 0.1950 -0.0309 0.0026  -0.0543 21  G   A "C1'" 
118 N  N9    . G   A 6  ? 0.2495 0.2718 0.1773 -0.0261 0.0099  -0.0542 21  G   A N9    
119 C  C8    . G   A 6  ? 0.2461 0.2516 0.2223 -0.0295 0.0009  -0.0490 21  G   A C8    
120 N  N7    . G   A 6  ? 0.2451 0.2385 0.2204 -0.0149 -0.0018 -0.0501 21  G   A N7    
121 C  C5    . G   A 6  ? 0.2478 0.2227 0.1897 -0.0363 -0.0086 -0.0712 21  G   A C5    
122 C  C6    . G   A 6  ? 0.2439 0.1944 0.2134 -0.0192 -0.0089 -0.0619 21  G   A C6    
123 O  O6    . G   A 6  ? 0.2629 0.2094 0.2003 0.0073  0.0124  -0.0619 21  G   A O6    
124 N  N1    . G   A 6  ? 0.2410 0.2275 0.1906 -0.0087 -0.0028 -0.0736 21  G   A N1    
125 C  C2    . G   A 6  ? 0.2329 0.2306 0.2130 0.0185  0.0232  -0.0581 21  G   A C2    
126 N  N2    . G   A 6  ? 0.2322 0.2286 0.2320 0.0288  0.0241  -0.0472 21  G   A N2    
127 N  N3    . G   A 6  ? 0.2460 0.2317 0.2031 -0.0230 -0.0033 -0.0673 21  G   A N3    
128 C  C4    . G   A 6  ? 0.2454 0.2279 0.1761 -0.0365 -0.0091 -0.0762 21  G   A C4    
129 P  P     . A   A 7  ? 0.2353 0.2600 0.1984 -0.0346 -0.0066 -0.0399 22  A   A P     
130 O  OP1   . A   A 7  ? 0.2560 0.2723 0.1990 -0.0437 0.0090  -0.0512 22  A   A OP1   
131 O  OP2   . A   A 7  ? 0.2258 0.2777 0.2041 0.0012  -0.0066 -0.0613 22  A   A OP2   
132 O  "O5'" . A   A 7  ? 0.2298 0.2383 0.1885 -0.0239 -0.0140 -0.0237 22  A   A "O5'" 
133 C  "C5'" . A   A 7  ? 0.2391 0.2099 0.2197 -0.0222 0.0010  0.0026  22  A   A "C5'" 
134 C  "C4'" . A   A 7  ? 0.2301 0.2216 0.1678 -0.0177 0.0004  -0.0211 22  A   A "C4'" 
135 O  "O4'" . A   A 7  ? 0.2259 0.2202 0.1655 0.0162  -0.0130 -0.0140 22  A   A "O4'" 
136 C  "C3'" . A   A 7  ? 0.1993 0.2217 0.1535 -0.0189 -0.0110 -0.0094 22  A   A "C3'" 
137 O  "O3'" . A   A 7  ? 0.1793 0.2053 0.1415 0.0005  -0.0176 -0.0030 22  A   A "O3'" 
138 C  "C2'" . A   A 7  ? 0.1934 0.2143 0.1378 0.0172  -0.0103 0.0051  22  A   A "C2'" 
139 O  "O2'" . A   A 7  ? 0.1931 0.2165 0.1833 0.0188  -0.0104 0.0021  22  A   A "O2'" 
140 C  "C1'" . A   A 7  ? 0.2324 0.2470 0.1494 -0.0048 -0.0116 -0.0056 22  A   A "C1'" 
141 N  N9    . A   A 7  ? 0.2241 0.2157 0.1328 -0.0035 -0.0096 -0.0261 22  A   A N9    
142 C  C8    . A   A 7  ? 0.2252 0.2086 0.1519 -0.0244 -0.0188 -0.0155 22  A   A C8    
143 N  N7    . A   A 7  ? 0.2154 0.2042 0.1663 0.0118  0.0082  -0.0033 22  A   A N7    
144 C  C5    . A   A 7  ? 0.2044 0.1817 0.1560 0.0084  0.0007  -0.0228 22  A   A C5    
145 C  C6    . A   A 7  ? 0.2125 0.1933 0.1495 0.0148  0.0015  -0.0190 22  A   A C6    
146 N  N6    . A   A 7  ? 0.2213 0.1890 0.1507 0.0198  -0.0176 -0.0456 22  A   A N6    
147 N  N1    . A   A 7  ? 0.2169 0.2241 0.1458 0.0034  0.0067  -0.0183 22  A   A N1    
148 C  C2    . A   A 7  ? 0.2074 0.2345 0.1351 0.0094  0.0138  -0.0377 22  A   A C2    
149 N  N3    . A   A 7  ? 0.2023 0.1959 0.1427 0.0181  -0.0058 -0.0373 22  A   A N3    
150 C  C4    . A   A 7  ? 0.2124 0.2021 0.1385 0.0104  0.0008  -0.0281 22  A   A C4    
151 P  P     . U   A 8  ? 0.1884 0.2062 0.1561 0.0040  -0.0054 -0.0019 23  U   A P     
152 O  OP1   . U   A 8  ? 0.1902 0.2101 0.1519 0.0039  -0.0098 -0.0020 23  U   A OP1   
153 O  OP2   . U   A 8  ? 0.2066 0.2062 0.1467 -0.0150 -0.0237 0.0117  23  U   A OP2   
154 O  "O5'" . U   A 8  ? 0.1766 0.1993 0.1516 -0.0012 -0.0005 -0.0012 23  U   A "O5'" 
155 C  "C5'" . U   A 8  ? 0.1966 0.1851 0.1662 -0.0049 -0.0288 0.0104  23  U   A "C5'" 
156 C  "C4'" . U   A 8  ? 0.1778 0.1929 0.1664 0.0128  -0.0106 0.0179  23  U   A "C4'" 
157 O  "O4'" . U   A 8  ? 0.1807 0.2217 0.1649 0.0288  -0.0162 0.0107  23  U   A "O4'" 
158 C  "C3'" . U   A 8  ? 0.1707 0.2032 0.1791 0.0110  -0.0110 -0.0012 23  U   A "C3'" 
159 O  "O3'" . U   A 8  ? 0.1702 0.2291 0.2028 0.0131  0.0037  0.0203  23  U   A "O3'" 
160 C  "C2'" . U   A 8  ? 0.1881 0.2271 0.1648 0.0170  0.0023  0.0078  23  U   A "C2'" 
161 O  "O2'" . U   A 8  ? 0.1902 0.2604 0.1952 0.0045  0.0067  0.0420  23  U   A "O2'" 
162 C  "C1'" . U   A 8  ? 0.1720 0.2428 0.1629 0.0164  -0.0095 0.0105  23  U   A "C1'" 
163 N  N1    . U   A 8  ? 0.1926 0.2455 0.1738 -0.0007 -0.0109 0.0165  23  U   A N1    
164 C  C2    . U   A 8  ? 0.2337 0.2946 0.1907 -0.0350 -0.0006 -0.0111 23  U   A C2    
165 O  O2    . U   A 8  ? 0.2965 0.3699 0.1755 -0.0790 -0.0154 -0.0036 23  U   A O2    
166 N  N3    . U   A 8  ? 0.2968 0.2848 0.2054 -0.0677 -0.0055 -0.0075 23  U   A N3    
167 C  C4    . U   A 8  ? 0.2033 0.2648 0.2174 0.0042  -0.0166 0.0365  23  U   A C4    
168 O  O4    . U   A 8  ? 0.2548 0.3248 0.2741 -0.0512 -0.0084 0.0311  23  U   A O4    
169 C  C5    . U   A 8  ? 0.1615 0.3245 0.1848 0.0094  -0.0278 0.0547  23  U   A C5    
170 C  C6    . U   A 8  ? 0.1861 0.2710 0.1772 0.0156  -0.0146 0.0443  23  U   A C6    
171 P  P     . C   A 9  ? 0.1818 0.2209 0.1788 0.0190  0.0032  0.0056  24  C   A P     
172 O  OP1   . C   A 9  ? 0.1719 0.3044 0.2061 0.0140  0.0016  0.0115  24  C   A OP1   
173 O  OP2   . C   A 9  ? 0.1902 0.2296 0.1620 0.0095  -0.0024 -0.0147 24  C   A OP2   
174 O  "O5'" . C   A 9  ? 0.2161 0.2390 0.1540 0.0138  0.0145  -0.0074 24  C   A "O5'" 
175 C  "C5'" . C   A 9  ? 0.1948 0.2673 0.1544 0.0388  0.0130  -0.0017 24  C   A "C5'" 
176 C  "C4'" . C   A 9  ? 0.2349 0.2772 0.1673 0.0340  0.0151  -0.0292 24  C   A "C4'" 
177 O  "O4'" . C   A 9  ? 0.2203 0.2968 0.1816 0.0067  0.0087  -0.0242 24  C   A "O4'" 
178 C  "C3'" . C   A 9  ? 0.2521 0.2644 0.1686 0.0140  0.0298  -0.0296 24  C   A "C3'" 
179 O  "O3'" . C   A 9  ? 0.2687 0.2496 0.1683 0.0159  0.0439  -0.0051 24  C   A "O3'" 
180 C  "C2'" . C   A 9  ? 0.2770 0.2785 0.1803 0.0090  0.0069  -0.0548 24  C   A "C2'" 
181 O  "O2'" . C   A 9  ? 0.2607 0.3204 0.1965 -0.0007 0.0418  -0.0734 24  C   A "O2'" 
182 C  "C1'" . C   A 9  ? 0.2584 0.2842 0.1733 0.0042  0.0190  -0.0379 24  C   A "C1'" 
183 N  N1    . C   A 9  ? 0.2453 0.2784 0.1807 -0.0073 0.0203  -0.0408 24  C   A N1    
184 C  C2    . C   A 9  ? 0.2197 0.2450 0.1734 0.0156  -0.0056 -0.0141 24  C   A C2    
185 O  O2    . C   A 9  ? 0.3332 0.3160 0.2375 -0.0726 0.0722  -0.0774 24  C   A O2    
186 N  N3    . C   A 9  ? 0.2222 0.2439 0.1589 -0.0104 -0.0099 -0.0065 24  C   A N3    
187 C  C4    . C   A 9  ? 0.1956 0.2055 0.1782 0.0063  0.0125  -0.0067 24  C   A C4    
188 N  N4    . C   A 9  ? 0.2009 0.2283 0.1744 -0.0172 0.0184  -0.0110 24  C   A N4    
189 C  C5    . C   A 9  ? 0.2191 0.2275 0.1746 -0.0137 0.0313  -0.0138 24  C   A C5    
190 C  C6    . C   A 9  ? 0.2540 0.2459 0.1803 -0.0156 0.0437  -0.0314 24  C   A C6    
191 P  P     . U   A 10 ? 0.2566 0.2995 0.1957 0.0316  0.0446  0.0098  25  U   A P     
192 O  OP1   . U   A 10 ? 0.3148 0.3450 0.2721 0.0871  0.0501  0.0265  25  U   A OP1   
193 O  OP2   . U   A 10 ? 0.2364 0.3446 0.2197 -0.0048 0.0342  0.0318  25  U   A OP2   
194 O  "O5'" . U   A 10 ? 0.2567 0.3228 0.1689 -0.0007 0.0229  0.0215  25  U   A "O5'" 
195 C  "C5'" . U   A 10 ? 0.1948 0.2848 0.1879 0.0080  0.0120  0.0044  25  U   A "C5'" 
196 C  "C4'" . U   A 10 ? 0.2049 0.2674 0.1645 0.0022  0.0080  -0.0035 25  U   A "C4'" 
197 O  "O4'" . U   A 10 ? 0.2167 0.2659 0.1961 0.0130  0.0134  0.0013  25  U   A "O4'" 
198 C  "C3'" . U   A 10 ? 0.1946 0.2455 0.1596 -0.0132 0.0178  0.0085  25  U   A "C3'" 
199 O  "O3'" . U   A 10 ? 0.2084 0.2177 0.1541 -0.0068 0.0194  0.0122  25  U   A "O3'" 
200 C  "C2'" . U   A 10 ? 0.2061 0.2544 0.1571 -0.0011 0.0095  -0.0065 25  U   A "C2'" 
201 O  "O2'" . U   A 10 ? 0.2016 0.2616 0.1727 -0.0070 -0.0154 0.0086  25  U   A "O2'" 
202 C  "C1'" . U   A 10 ? 0.2231 0.2480 0.1856 0.0042  -0.0037 -0.0150 25  U   A "C1'" 
203 N  N1    . U   A 10 ? 0.2719 0.2565 0.1811 -0.0018 0.0147  -0.0212 25  U   A N1    
204 C  C2    . U   A 10 ? 0.2299 0.2376 0.1850 0.0204  0.0096  -0.0259 25  U   A C2    
205 O  O2    . U   A 10 ? 0.2333 0.2513 0.1889 0.0001  0.0188  -0.0410 25  U   A O2    
206 N  N3    . U   A 10 ? 0.3971 0.2360 0.1940 -0.0131 0.0694  -0.0336 25  U   A N3    
207 C  C4    . U   A 10 ? 0.3978 0.2902 0.2072 -0.0736 0.0810  -0.0604 25  U   A C4    
208 O  O4    . U   A 10 ? 0.6244 0.3386 0.2672 -0.1496 0.1544  -0.1290 25  U   A O4    
209 C  C5    . U   A 10 ? 0.3193 0.3196 0.1828 -0.0742 0.0288  -0.0419 25  U   A C5    
210 C  C6    . U   A 10 ? 0.3065 0.2785 0.1783 -0.0303 0.0131  -0.0235 25  U   A C6    
211 P  P     . G   A 11 ? 0.2044 0.2235 0.1626 0.0146  0.0053  0.0151  26  G   A P     
212 O  OP1   . G   A 11 ? 0.2105 0.2226 0.1797 0.0089  -0.0027 0.0326  26  G   A OP1   
213 O  OP2   . G   A 11 ? 0.1959 0.2021 0.1708 0.0162  -0.0019 0.0107  26  G   A OP2   
214 O  "O5'" . G   A 11 ? 0.2242 0.2229 0.1602 0.0306  0.0113  0.0164  26  G   A "O5'" 
215 C  "C5'" . G   A 11 ? 0.2197 0.1823 0.1640 0.0259  0.0107  0.0005  26  G   A "C5'" 
216 C  "C4'" . G   A 11 ? 0.2175 0.2029 0.1510 0.0050  0.0094  -0.0204 26  G   A "C4'" 
217 O  "O4'" . G   A 11 ? 0.2216 0.2038 0.1436 -0.0103 0.0096  -0.0146 26  G   A "O4'" 
218 C  "C3'" . G   A 11 ? 0.2199 0.1982 0.1422 0.0128  0.0009  -0.0072 26  G   A "C3'" 
219 O  "O3'" . G   A 11 ? 0.1978 0.2026 0.1593 0.0143  -0.0005 -0.0037 26  G   A "O3'" 
220 C  "C2'" . G   A 11 ? 0.1880 0.1991 0.1702 0.0062  0.0165  -0.0210 26  G   A "C2'" 
221 O  "O2'" . G   A 11 ? 0.1993 0.2309 0.1783 0.0092  -0.0018 -0.0093 26  G   A "O2'" 
222 C  "C1'" . G   A 11 ? 0.1968 0.2012 0.1495 0.0037  0.0151  -0.0130 26  G   A "C1'" 
223 N  N9    . G   A 11 ? 0.1891 0.1900 0.1584 0.0190  0.0115  -0.0191 26  G   A N9    
224 C  C8    . G   A 11 ? 0.2090 0.2157 0.1460 -0.0147 0.0024  -0.0284 26  G   A C8    
225 N  N7    . G   A 11 ? 0.1920 0.2212 0.1520 -0.0053 0.0053  -0.0184 26  G   A N7    
226 C  C5    . G   A 11 ? 0.1959 0.1694 0.1558 -0.0108 0.0033  -0.0286 26  G   A C5    
227 C  C6    . G   A 11 ? 0.1827 0.1794 0.1541 0.0023  0.0110  -0.0312 26  G   A C6    
228 O  O6    . G   A 11 ? 0.1810 0.2322 0.1652 -0.0175 0.0016  -0.0248 26  G   A O6    
229 N  N1    . G   A 11 ? 0.1671 0.2060 0.1456 0.0083  0.0095  -0.0305 26  G   A N1    
230 C  C2    . G   A 11 ? 0.1795 0.2097 0.1350 0.0094  0.0015  -0.0322 26  G   A C2    
231 N  N2    . G   A 11 ? 0.1623 0.2216 0.1548 0.0240  0.0120  -0.0229 26  G   A N2    
232 N  N3    . G   A 11 ? 0.1878 0.2053 0.1465 0.0002  -0.0009 -0.0228 26  G   A N3    
233 C  C4    . G   A 11 ? 0.1932 0.1826 0.1546 0.0098  0.0108  -0.0272 26  G   A C4    
234 P  P     . A   A 12 ? 0.2029 0.1976 0.1631 0.0028  0.0009  -0.0037 27  A   A P     
235 O  OP1   . A   A 12 ? 0.2199 0.2224 0.1774 -0.0004 -0.0266 -0.0013 27  A   A OP1   
236 O  OP2   . A   A 12 ? 0.1889 0.2036 0.1545 0.0082  0.0014  -0.0150 27  A   A OP2   
237 O  "O5'" . A   A 12 ? 0.1701 0.2012 0.1642 -0.0040 -0.0145 -0.0027 27  A   A "O5'" 
238 C  "C5'" . A   A 12 ? 0.1821 0.2322 0.1574 -0.0170 -0.0170 0.0151  27  A   A "C5'" 
239 C  "C4'" . A   A 12 ? 0.2064 0.2063 0.1530 -0.0142 -0.0063 0.0036  27  A   A "C4'" 
240 O  "O4'" . A   A 12 ? 0.2178 0.2054 0.1580 0.0128  -0.0083 -0.0031 27  A   A "O4'" 
241 C  "C3'" . A   A 12 ? 0.1888 0.2002 0.1386 -0.0160 -0.0167 -0.0108 27  A   A "C3'" 
242 O  "O3'" . A   A 12 ? 0.2118 0.2032 0.1665 -0.0194 -0.0104 -0.0158 27  A   A "O3'" 
243 C  "C2'" . A   A 12 ? 0.1870 0.2025 0.1490 0.0065  -0.0012 -0.0075 27  A   A "C2'" 
244 O  "O2'" . A   A 12 ? 0.1937 0.2528 0.1983 -0.0119 0.0102  0.0014  27  A   A "O2'" 
245 C  "C1'" . A   A 12 ? 0.1934 0.1986 0.1546 0.0199  -0.0096 -0.0085 27  A   A "C1'" 
246 N  N9    . A   A 12 ? 0.1946 0.2047 0.1468 0.0059  -0.0040 -0.0266 27  A   A N9    
247 C  C8    . A   A 12 ? 0.1991 0.1701 0.1506 0.0180  -0.0094 -0.0224 27  A   A C8    
248 N  N7    . A   A 12 ? 0.1946 0.1947 0.1512 0.0017  0.0078  -0.0243 27  A   A N7    
249 C  C5    . A   A 12 ? 0.1888 0.1746 0.1532 0.0095  -0.0005 -0.0217 27  A   A C5    
250 C  C6    . A   A 12 ? 0.1775 0.1692 0.1684 0.0163  0.0014  -0.0192 27  A   A C6    
251 N  N6    . A   A 12 ? 0.1916 0.1841 0.1697 -0.0013 -0.0072 -0.0185 27  A   A N6    
252 N  N1    . A   A 12 ? 0.1955 0.1873 0.1631 0.0067  -0.0011 -0.0171 27  A   A N1    
253 C  C2    . A   A 12 ? 0.2054 0.1952 0.1448 -0.0053 0.0025  -0.0241 27  A   A C2    
254 N  N3    . A   A 12 ? 0.1992 0.1947 0.1505 0.0049  0.0011  -0.0175 27  A   A N3    
255 C  C4    . A   A 12 ? 0.1723 0.1810 0.1538 0.0261  0.0056  -0.0152 27  A   A C4    
256 P  P     . G   A 13 ? 0.2277 0.2041 0.1683 -0.0121 0.0069  -0.0205 28  G   A P     
257 O  OP1   . G   A 13 ? 0.2654 0.2128 0.1888 -0.0216 0.0078  -0.0392 28  G   A OP1   
258 O  OP2   . G   A 13 ? 0.2184 0.2149 0.1826 -0.0064 0.0092  -0.0003 28  G   A OP2   
259 O  "O5'" . G   A 13 ? 0.2756 0.1934 0.1745 0.0038  0.0111  -0.0100 28  G   A "O5'" 
260 C  "C5'" . G   A 13 ? 0.2292 0.2298 0.1878 -0.0085 -0.0234 0.0047  28  G   A "C5'" 
261 C  "C4'" . G   A 13 ? 0.1941 0.2118 0.1799 0.0022  -0.0160 -0.0044 28  G   A "C4'" 
262 O  "O4'" . G   A 13 ? 0.2114 0.2117 0.1871 0.0147  -0.0189 -0.0104 28  G   A "O4'" 
263 C  "C3'" . G   A 13 ? 0.2092 0.2142 0.1856 0.0078  -0.0112 -0.0211 28  G   A "C3'" 
264 O  "O3'" . G   A 13 ? 0.2056 0.2053 0.2043 0.0047  -0.0004 0.0004  28  G   A "O3'" 
265 C  "C2'" . G   A 13 ? 0.1789 0.2289 0.1787 0.0041  -0.0100 0.0049  28  G   A "C2'" 
266 O  "O2'" . G   A 13 ? 0.2189 0.2421 0.2064 -0.0111 0.0144  0.0134  28  G   A "O2'" 
267 C  "C1'" . G   A 13 ? 0.2184 0.2230 0.1630 0.0024  -0.0170 -0.0124 28  G   A "C1'" 
268 N  N9    . G   A 13 ? 0.1990 0.1991 0.1601 0.0356  -0.0182 -0.0027 28  G   A N9    
269 C  C8    . G   A 13 ? 0.2138 0.1938 0.1469 0.0168  -0.0140 -0.0212 28  G   A C8    
270 N  N7    . G   A 13 ? 0.2060 0.1937 0.1754 0.0243  -0.0195 -0.0069 28  G   A N7    
271 C  C5    . G   A 13 ? 0.2066 0.1852 0.1701 0.0340  -0.0195 -0.0074 28  G   A C5    
272 C  C6    . G   A 13 ? 0.1962 0.1963 0.1576 0.0451  -0.0051 -0.0066 28  G   A C6    
273 O  O6    . G   A 13 ? 0.2138 0.2213 0.1678 0.0208  0.0026  -0.0098 28  G   A O6    
274 N  N1    . G   A 13 ? 0.2265 0.1926 0.1512 0.0371  -0.0136 -0.0146 28  G   A N1    
275 C  C2    . G   A 13 ? 0.2316 0.1888 0.1441 0.0210  -0.0200 -0.0214 28  G   A C2    
276 N  N2    . G   A 13 ? 0.2271 0.2226 0.1603 0.0087  -0.0322 0.0009  28  G   A N2    
277 N  N3    . G   A 13 ? 0.2426 0.2091 0.1459 0.0073  -0.0353 -0.0208 28  G   A N3    
278 C  C4    . G   A 13 ? 0.2087 0.2143 0.1608 0.0204  -0.0231 -0.0114 28  G   A C4    
279 P  P     . C   A 14 ? 0.1958 0.2099 0.1992 0.0063  -0.0094 -0.0071 29  C   A P     
280 O  OP1   . C   A 14 ? 0.2066 0.2182 0.2072 -0.0064 -0.0089 -0.0187 29  C   A OP1   
281 O  OP2   . C   A 14 ? 0.2035 0.2430 0.2146 0.0093  0.0046  0.0164  29  C   A OP2   
282 O  "O5'" . C   A 14 ? 0.1976 0.2276 0.2072 -0.0159 -0.0112 0.0039  29  C   A "O5'" 
283 C  "C5'" . C   A 14 ? 0.1858 0.2699 0.2078 0.0138  -0.0061 0.0291  29  C   A "C5'" 
284 C  "C4'" . C   A 14 ? 0.1686 0.2577 0.2186 0.0033  0.0002  0.0387  29  C   A "C4'" 
285 O  "O4'" . C   A 14 ? 0.1886 0.2477 0.2027 0.0214  0.0036  0.0217  29  C   A "O4'" 
286 C  "C3'" . C   A 14 ? 0.1756 0.2334 0.2296 -0.0007 -0.0086 0.0074  29  C   A "C3'" 
287 O  "O3'" . C   A 14 ? 0.2013 0.2330 0.2782 -0.0104 -0.0199 0.0059  29  C   A "O3'" 
288 C  "C2'" . C   A 14 ? 0.1731 0.2299 0.2130 0.0049  -0.0075 0.0081  29  C   A "C2'" 
289 O  "O2'" . C   A 14 ? 0.2734 0.2609 0.2225 0.0173  -0.0270 0.0321  29  C   A "O2'" 
290 C  "C1'" . C   A 14 ? 0.1916 0.2362 0.1836 0.0148  -0.0030 0.0029  29  C   A "C1'" 
291 N  N1    . C   A 14 ? 0.1970 0.2329 0.1853 0.0018  -0.0118 0.0005  29  C   A N1    
292 C  C2    . C   A 14 ? 0.1782 0.2358 0.1880 0.0203  0.0035  -0.0182 29  C   A C2    
293 O  O2    . C   A 14 ? 0.2022 0.2662 0.1977 -0.0093 -0.0178 -0.0043 29  C   A O2    
294 N  N3    . C   A 14 ? 0.2040 0.2029 0.1904 0.0196  0.0149  -0.0290 29  C   A N3    
295 C  C4    . C   A 14 ? 0.1957 0.2309 0.2008 0.0431  0.0207  -0.0105 29  C   A C4    
296 N  N4    . C   A 14 ? 0.2145 0.2381 0.1963 0.0386  0.0162  -0.0051 29  C   A N4    
297 C  C5    . C   A 14 ? 0.1897 0.2521 0.1929 0.0473  0.0133  -0.0018 29  C   A C5    
298 C  C6    . C   A 14 ? 0.1914 0.2908 0.1652 0.0196  0.0030  -0.0048 29  C   A C6    
299 P  P     . G   A 15 ? 0.2271 0.2312 0.3149 0.0018  -0.0220 -0.0031 30  G   A P     
300 O  OP1   . G   A 15 ? 0.2456 0.2307 0.4277 0.0009  -0.0057 0.0130  30  G   A OP1   
301 O  OP2   . G   A 15 ? 0.3258 0.2366 0.2887 0.0388  -0.0352 -0.0478 30  G   A OP2   
302 O  "O5'" . G   A 15 ? 0.2172 0.2404 0.3321 0.0121  -0.0071 0.0190  30  G   A "O5'" 
303 C  "C5'" . G   A 15 ? 0.2283 0.2806 0.3284 -0.0386 -0.0217 0.0160  30  G   A "C5'" 
304 C  "C4'" . G   A 15 ? 0.2297 0.3034 0.3387 -0.0412 -0.0049 0.0137  30  G   A "C4'" 
305 O  "O4'" . G   A 15 ? 0.2066 0.3086 0.2847 -0.0453 -0.0105 0.0266  30  G   A "O4'" 
306 C  "C3'" . G   A 15 ? 0.2278 0.3162 0.3376 -0.0169 -0.0191 0.0211  30  G   A "C3'" 
307 O  "O3'" . G   A 15 ? 0.2648 0.3218 0.3491 0.0131  -0.0365 0.0211  30  G   A "O3'" 
308 C  "C2'" . G   A 15 ? 0.2313 0.3088 0.3602 0.0261  0.0248  0.0333  30  G   A "C2'" 
309 O  "O2'" . G   A 15 ? 0.2816 0.3860 0.3484 0.0341  0.0474  0.0300  30  G   A "O2'" 
310 C  "C1'" . G   A 15 ? 0.2173 0.3039 0.3087 0.0132  0.0063  0.0575  30  G   A "C1'" 
311 N  N9    . G   A 15 ? 0.1993 0.3048 0.2889 0.0152  0.0080  0.0574  30  G   A N9    
312 C  C8    . G   A 15 ? 0.1888 0.2677 0.3252 0.0493  0.0013  0.0403  30  G   A C8    
313 N  N7    . G   A 15 ? 0.2825 0.2272 0.2704 0.0405  -0.0014 0.0020  30  G   A N7    
314 C  C5    . G   A 15 ? 0.2786 0.2178 0.2435 0.0377  0.0210  -0.0202 30  G   A C5    
315 C  C6    . G   A 15 ? 0.2724 0.2214 0.2174 0.0445  0.0343  -0.0347 30  G   A C6    
316 O  O6    . G   A 15 ? 0.2716 0.2422 0.1945 0.0028  0.0220  -0.0358 30  G   A O6    
317 N  N1    . G   A 15 ? 0.2471 0.2305 0.2271 0.0439  0.0436  -0.0116 30  G   A N1    
318 C  C2    . G   A 15 ? 0.2102 0.2080 0.2981 0.0542  0.0170  0.0063  30  G   A C2    
319 N  N2    . G   A 15 ? 0.1842 0.3414 0.2464 0.0176  0.0529  0.0266  30  G   A N2    
320 N  N3    . G   A 15 ? 0.2365 0.2638 0.2523 0.0124  0.0256  0.0058  30  G   A N3    
321 C  C4    . G   A 15 ? 0.1815 0.2601 0.3041 0.0500  0.0225  0.0252  30  G   A C4    
322 O  "O5'" . G   B 1  ? 0.2762 0.2947 0.3731 0.0114  -0.0261 0.0596  36  G   B "O5'" 
323 C  "C5'" . G   B 1  ? 0.2932 0.2532 0.2703 0.0070  -0.0094 0.0067  36  G   B "C5'" 
324 C  "C4'" . G   B 1  ? 0.2083 0.2557 0.2231 -0.0037 -0.0125 -0.0131 36  G   B "C4'" 
325 O  "O4'" . G   B 1  ? 0.1761 0.2525 0.2047 0.0186  0.0120  0.0042  36  G   B "O4'" 
326 C  "C3'" . G   B 1  ? 0.2234 0.2652 0.2123 0.0368  0.0087  -0.0170 36  G   B "C3'" 
327 O  "O3'" . G   B 1  ? 0.2296 0.3143 0.2439 -0.0093 0.0037  -0.0640 36  G   B "O3'" 
328 C  "C2'" . G   B 1  ? 0.1628 0.2662 0.1916 0.0235  0.0134  -0.0168 36  G   B "C2'" 
329 O  "O2'" . G   B 1  ? 0.1842 0.2566 0.1930 0.0069  -0.0035 -0.0164 36  G   B "O2'" 
330 C  "C1'" . G   B 1  ? 0.2145 0.2486 0.1917 -0.0041 0.0098  -0.0106 36  G   B "C1'" 
331 N  N9    . G   B 1  ? 0.2187 0.2056 0.1797 -0.0146 0.0168  -0.0131 36  G   B N9    
332 C  C8    . G   B 1  ? 0.2162 0.2038 0.1732 -0.0055 0.0387  -0.0192 36  G   B C8    
333 N  N7    . G   B 1  ? 0.2452 0.2094 0.1810 -0.0029 0.0145  -0.0095 36  G   B N7    
334 C  C5    . G   B 1  ? 0.2146 0.1817 0.1938 0.0093  0.0154  -0.0257 36  G   B C5    
335 C  C6    . G   B 1  ? 0.2177 0.1928 0.1973 0.0175  0.0126  -0.0406 36  G   B C6    
336 O  O6    . G   B 1  ? 0.2187 0.2650 0.1800 -0.0323 0.0194  -0.0095 36  G   B O6    
337 N  N1    . G   B 1  ? 0.1722 0.1850 0.2173 0.0214  -0.0017 -0.0291 36  G   B N1    
338 C  C2    . G   B 1  ? 0.1684 0.1851 0.2087 0.0113  0.0089  -0.0292 36  G   B C2    
339 N  N2    . G   B 1  ? 0.1990 0.2003 0.2044 -0.0101 0.0095  -0.0246 36  G   B N2    
340 N  N3    . G   B 1  ? 0.1929 0.1849 0.1722 -0.0047 0.0119  -0.0297 36  G   B N3    
341 C  C4    . G   B 1  ? 0.2022 0.1931 0.1881 0.0011  0.0264  -0.0181 36  G   B C4    
342 P  P     . C   B 2  ? 0.2651 0.2748 0.2477 0.0229  0.0063  -0.0625 37  C   B P     
343 O  OP1   . C   B 2  ? 0.3121 0.3395 0.2833 -0.0161 0.0039  -0.1164 37  C   B OP1   
344 O  OP2   . C   B 2  ? 0.3765 0.2837 0.2646 0.0750  0.0504  -0.0159 37  C   B OP2   
345 O  "O5'" . C   B 2  ? 0.1975 0.2795 0.1836 0.0474  -0.0132 -0.0451 37  C   B "O5'" 
346 C  "C5'" . C   B 2  ? 0.2119 0.3200 0.1915 0.0315  -0.0259 -0.0195 37  C   B "C5'" 
347 C  "C4'" . C   B 2  ? 0.1968 0.3045 0.1722 0.0509  -0.0239 -0.0052 37  C   B "C4'" 
348 O  "O4'" . C   B 2  ? 0.1871 0.2833 0.1894 0.0594  -0.0145 -0.0221 37  C   B "O4'" 
349 C  "C3'" . C   B 2  ? 0.2023 0.2763 0.1750 0.0510  -0.0138 -0.0035 37  C   B "C3'" 
350 O  "O3'" . C   B 2  ? 0.1981 0.3280 0.1763 0.0580  -0.0217 -0.0024 37  C   B "O3'" 
351 C  "C2'" . C   B 2  ? 0.2100 0.2696 0.1804 0.0295  0.0082  0.0138  37  C   B "C2'" 
352 O  "O2'" . C   B 2  ? 0.2714 0.2720 0.2146 0.0617  -0.0069 0.0257  37  C   B "O2'" 
353 C  "C1'" . C   B 2  ? 0.1884 0.2866 0.1735 0.0625  -0.0186 -0.0100 37  C   B "C1'" 
354 N  N1    . C   B 2  ? 0.2011 0.2593 0.1621 0.0279  -0.0242 -0.0191 37  C   B N1    
355 C  C2    . C   B 2  ? 0.2058 0.2184 0.1515 0.0283  -0.0239 -0.0152 37  C   B C2    
356 O  O2    . C   B 2  ? 0.2174 0.2210 0.1860 0.0303  -0.0309 0.0151  37  C   B O2    
357 N  N3    . C   B 2  ? 0.1901 0.2365 0.1435 0.0315  -0.0085 -0.0043 37  C   B N3    
358 C  C4    . C   B 2  ? 0.1817 0.2307 0.1512 0.0368  0.0047  -0.0152 37  C   B C4    
359 N  N4    . C   B 2  ? 0.2238 0.2199 0.1444 -0.0003 -0.0026 -0.0235 37  C   B N4    
360 C  C5    . C   B 2  ? 0.1808 0.2249 0.1819 0.0510  -0.0067 -0.0310 37  C   B C5    
361 C  C6    . C   B 2  ? 0.1640 0.2298 0.1869 0.0530  -0.0153 -0.0324 37  C   B C6    
362 P  P     . U   B 3  ? 0.2356 0.3388 0.1951 0.0660  -0.0048 -0.0176 38  U   B P     
363 O  OP1   . U   B 3  ? 0.2756 0.4474 0.1934 0.0598  -0.0096 -0.0535 38  U   B OP1   
364 O  OP2   . U   B 3  ? 0.2677 0.2876 0.2267 0.0441  0.0099  -0.0468 38  U   B OP2   
365 O  "O5'" . U   B 3  ? 0.2088 0.3032 0.1907 0.0762  0.0072  -0.0041 38  U   B "O5'" 
366 C  "C5'" . U   B 3  ? 0.2265 0.3063 0.1971 0.0891  -0.0173 0.0193  38  U   B "C5'" 
367 C  "C4'" . U   B 3  ? 0.2203 0.3134 0.1930 0.0657  -0.0053 0.0494  38  U   B "C4'" 
368 O  "O4'" . U   B 3  ? 0.2209 0.2719 0.2040 0.0571  -0.0086 0.0293  38  U   B "O4'" 
369 C  "C3'" . U   B 3  ? 0.1918 0.3174 0.1914 0.0611  0.0028  0.0409  38  U   B "C3'" 
370 O  "O3'" . U   B 3  ? 0.2680 0.3777 0.1978 0.0784  0.0285  0.0355  38  U   B "O3'" 
371 C  "C2'" . U   B 3  ? 0.1969 0.3066 0.2049 0.0350  0.0030  0.0513  38  U   B "C2'" 
372 O  "O2'" . U   B 3  ? 0.2540 0.3025 0.2610 0.0218  0.0130  0.0603  38  U   B "O2'" 
373 C  "C1'" . U   B 3  ? 0.2252 0.2773 0.1962 0.0479  -0.0100 0.0429  38  U   B "C1'" 
374 N  N1    . U   B 3  ? 0.2167 0.2526 0.1666 0.0313  -0.0081 0.0085  38  U   B N1    
375 C  C2    . U   B 3  ? 0.2277 0.2248 0.1720 0.0162  -0.0208 -0.0010 38  U   B C2    
376 O  O2    . U   B 3  ? 0.2011 0.2564 0.1889 0.0293  0.0017  -0.0028 38  U   B O2    
377 N  N3    . U   B 3  ? 0.1868 0.2236 0.1862 0.0418  -0.0260 0.0108  38  U   B N3    
378 C  C4    . U   B 3  ? 0.1898 0.2127 0.1646 0.0387  -0.0170 -0.0096 38  U   B C4    
379 O  O4    . U   B 3  ? 0.1904 0.2686 0.1714 0.0483  0.0011  0.0127  38  U   B O4    
380 C  C5    . U   B 3  ? 0.1868 0.2441 0.1602 0.0420  -0.0130 -0.0076 38  U   B C5    
381 C  C6    . U   B 3  ? 0.2206 0.2672 0.1475 0.0217  -0.0073 -0.0149 38  U   B C6    
382 P  P     . C   B 4  ? 0.2601 0.3815 0.1760 0.0688  -0.0059 0.0081  39  C   B P     
383 O  OP1   . C   B 4  ? 0.2859 0.4898 0.1728 0.0929  0.0046  -0.0028 39  C   B OP1   
384 O  OP2   . C   B 4  ? 0.2372 0.3894 0.2279 0.0498  -0.0093 -0.0318 39  C   B OP2   
385 O  "O5'" . C   B 4  ? 0.2318 0.3620 0.1804 0.0519  0.0058  0.0182  39  C   B "O5'" 
386 C  "C5'" . C   B 4  ? 0.2400 0.3711 0.1941 0.0524  0.0136  0.0440  39  C   B "C5'" 
387 C  "C4'" . C   B 4  ? 0.2269 0.3087 0.1911 0.0332  0.0137  0.0392  39  C   B "C4'" 
388 O  "O4'" . C   B 4  ? 0.2307 0.2793 0.1965 0.0354  0.0153  0.0393  39  C   B "O4'" 
389 C  "C3'" . C   B 4  ? 0.2214 0.3104 0.1929 0.0407  0.0215  0.0251  39  C   B "C3'" 
390 O  "O3'" . C   B 4  ? 0.2173 0.3319 0.1925 0.0329  0.0250  0.0183  39  C   B "O3'" 
391 C  "C2'" . C   B 4  ? 0.1877 0.2988 0.1939 0.0304  0.0166  0.0290  39  C   B "C2'" 
392 O  "O2'" . C   B 4  ? 0.2015 0.3027 0.2597 0.0135  0.0354  0.0039  39  C   B "O2'" 
393 C  "C1'" . C   B 4  ? 0.1866 0.2759 0.1905 0.0283  0.0082  0.0275  39  C   B "C1'" 
394 N  N1    . C   B 4  ? 0.1840 0.2336 0.1869 0.0280  0.0056  0.0043  39  C   B N1    
395 C  C2    . C   B 4  ? 0.1925 0.2103 0.1607 0.0199  0.0083  -0.0289 39  C   B C2    
396 O  O2    . C   B 4  ? 0.2039 0.2304 0.1733 -0.0110 -0.0039 -0.0161 39  C   B O2    
397 N  N3    . C   B 4  ? 0.1580 0.1993 0.1758 0.0441  0.0016  -0.0210 39  C   B N3    
398 C  C4    . C   B 4  ? 0.1550 0.2414 0.1803 0.0543  -0.0023 0.0082  39  C   B C4    
399 N  N4    . C   B 4  ? 0.1638 0.2533 0.1699 0.0291  -0.0114 -0.0059 39  C   B N4    
400 C  C5    . C   B 4  ? 0.1717 0.2863 0.1789 0.0386  -0.0044 0.0153  39  C   B C5    
401 C  C6    . C   B 4  ? 0.1712 0.2544 0.1879 0.0520  0.0054  0.0130  39  C   B C6    
402 P  P     . U   B 5  ? 0.2399 0.3393 0.1831 0.0393  0.0164  -0.0068 40  U   B P     
403 O  OP1   . U   B 5  ? 0.2735 0.3932 0.1903 0.0812  0.0369  0.0183  40  U   B OP1   
404 O  OP2   . U   B 5  ? 0.2538 0.3529 0.2523 0.0242  -0.0112 -0.0539 40  U   B OP2   
405 O  "O5'" . U   B 5  ? 0.2238 0.3276 0.1927 0.0119  0.0121  0.0216  40  U   B "O5'" 
406 C  "C5'" . U   B 5  ? 0.2150 0.3103 0.1935 0.0118  0.0212  0.0326  40  U   B "C5'" 
407 C  "C4'" . U   B 5  ? 0.2075 0.2662 0.1793 0.0108  0.0228  0.0083  40  U   B "C4'" 
408 O  "O4'" . U   B 5  ? 0.1992 0.2335 0.1947 0.0104  0.0227  0.0061  40  U   B "O4'" 
409 C  "C3'" . U   B 5  ? 0.2116 0.2636 0.1710 0.0163  0.0091  -0.0147 40  U   B "C3'" 
410 O  "O3'" . U   B 5  ? 0.2174 0.2997 0.1927 0.0347  0.0074  -0.0171 40  U   B "O3'" 
411 C  "C2'" . U   B 5  ? 0.2048 0.2325 0.1692 0.0166  -0.0129 -0.0114 40  U   B "C2'" 
412 O  "O2'" . U   B 5  ? 0.1942 0.2719 0.1803 0.0170  0.0114  -0.0264 40  U   B "O2'" 
413 C  "C1'" . U   B 5  ? 0.2000 0.2291 0.1663 0.0047  0.0096  -0.0026 40  U   B "C1'" 
414 N  N1    . U   B 5  ? 0.2043 0.2235 0.1599 0.0014  0.0069  -0.0098 40  U   B N1    
415 C  C2    . U   B 5  ? 0.1841 0.2268 0.1731 0.0277  0.0125  0.0051  40  U   B C2    
416 O  O2    . U   B 5  ? 0.1886 0.2573 0.1706 0.0171  0.0034  0.0048  40  U   B O2    
417 N  N3    . U   B 5  ? 0.1932 0.1969 0.1681 0.0072  -0.0025 -0.0146 40  U   B N3    
418 C  C4    . U   B 5  ? 0.1905 0.1701 0.1672 0.0175  0.0063  -0.0130 40  U   B C4    
419 O  O4    . U   B 5  ? 0.1918 0.2141 0.1561 0.0025  0.0081  -0.0295 40  U   B O4    
420 C  C5    . U   B 5  ? 0.1981 0.1890 0.1753 0.0238  0.0109  0.0021  40  U   B C5    
421 C  C6    . U   B 5  ? 0.2053 0.2296 0.1564 0.0064  0.0111  -0.0066 40  U   B C6    
422 P  P     . C   B 6  ? 0.2631 0.3244 0.2003 0.0508  -0.0010 -0.0500 41  C   B P     
423 O  OP1   . C   B 6  ? 0.2752 0.3508 0.2531 0.0740  0.0283  -0.0386 41  C   B OP1   
424 O  OP2   . C   B 6  ? 0.2927 0.3443 0.2173 0.0667  -0.0385 -0.0626 41  C   B OP2   
425 O  "O5'" . C   B 6  ? 0.2231 0.2798 0.2396 0.0274  -0.0301 -0.0386 41  C   B "O5'" 
426 C  "C5'" . C   B 6  ? 0.2026 0.2490 0.2464 -0.0073 -0.0181 -0.0123 41  C   B "C5'" 
427 C  "C4'" . C   B 6  ? 0.2316 0.2430 0.2393 0.0140  0.0024  -0.0209 41  C   B "C4'" 
428 O  "O4'" . C   B 6  ? 0.2051 0.2318 0.2632 0.0089  -0.0022 -0.0119 41  C   B "O4'" 
429 C  "C3'" . C   B 6  ? 0.2307 0.2297 0.2520 0.0254  -0.0050 0.0008  41  C   B "C3'" 
430 O  "O3'" . C   B 6  ? 0.2470 0.2511 0.2948 0.0414  -0.0031 -0.0145 41  C   B "O3'" 
431 C  "C2'" . C   B 6  ? 0.2357 0.2292 0.2498 0.0223  -0.0081 -0.0029 41  C   B "C2'" 
432 O  "O2'" . C   B 6  ? 0.2672 0.2638 0.2562 0.0358  -0.0154 0.0228  41  C   B "O2'" 
433 C  "C1'" . C   B 6  ? 0.2084 0.2228 0.2540 0.0102  -0.0128 -0.0046 41  C   B "C1'" 
434 N  N1    . C   B 6  ? 0.2117 0.2184 0.2138 0.0108  -0.0065 -0.0103 41  C   B N1    
435 C  C2    . C   B 6  ? 0.2115 0.2647 0.2080 0.0016  -0.0058 -0.0134 41  C   B C2    
436 O  O2    . C   B 6  ? 0.2547 0.2348 0.2054 0.0124  0.0070  -0.0133 41  C   B O2    
437 N  N3    . C   B 6  ? 0.2099 0.2673 0.2108 0.0130  0.0031  -0.0245 41  C   B N3    
438 C  C4    . C   B 6  ? 0.2172 0.2385 0.2184 0.0251  -0.0068 -0.0273 41  C   B C4    
439 N  N4    . C   B 6  ? 0.2166 0.2434 0.2079 0.0415  -0.0026 -0.0583 41  C   B N4    
440 C  C5    . C   B 6  ? 0.2338 0.2636 0.1711 -0.0013 -0.0065 -0.0532 41  C   B C5    
441 C  C6    . C   B 6  ? 0.2343 0.2215 0.1989 -0.0041 -0.0049 -0.0343 41  C   B C6    
442 P  P     . U   B 7  ? 0.2572 0.2704 0.3382 0.0451  0.0266  -0.0465 42  U   B P     
443 O  OP1   . U   B 7  ? 0.2943 0.2928 0.5066 0.0877  0.0940  -0.0145 42  U   B OP1   
444 O  OP2   . U   B 7  ? 0.3600 0.2850 0.2889 0.0335  0.0198  -0.0745 42  U   B OP2   
445 O  "O5'" . U   B 7  ? 0.2578 0.2394 0.3446 0.0485  0.0098  -0.0241 42  U   B "O5'" 
446 C  "C5'" . U   B 7  ? 0.2271 0.2398 0.3613 0.0193  -0.0184 -0.0219 42  U   B "C5'" 
447 C  "C4'" . U   B 7  ? 0.2358 0.2272 0.3404 0.0132  -0.0211 -0.0230 42  U   B "C4'" 
448 O  "O4'" . U   B 7  ? 0.2448 0.2374 0.3036 0.0036  -0.0132 -0.0504 42  U   B "O4'" 
449 C  "C3'" . U   B 7  ? 0.2301 0.2327 0.3161 0.0215  -0.0021 -0.0375 42  U   B "C3'" 
450 O  "O3'" . U   B 7  ? 0.2775 0.2178 0.4003 0.0244  0.0568  -0.0205 42  U   B "O3'" 
451 C  "C2'" . U   B 7  ? 0.2437 0.2337 0.2485 0.0054  -0.0148 -0.0727 42  U   B "C2'" 
452 O  "O2'" . U   B 7  ? 0.2662 0.2924 0.2753 0.0148  -0.0337 -0.0366 42  U   B "O2'" 
453 C  "C1'" . U   B 7  ? 0.2373 0.2368 0.3016 0.0063  -0.0025 -0.0681 42  U   B "C1'" 
454 N  N1    . U   B 7  ? 0.2198 0.2160 0.3161 -0.0020 0.0032  -0.0627 42  U   B N1    
455 C  C2    . U   B 7  ? 0.2238 0.2138 0.2928 -0.0138 0.0036  -0.0655 42  U   B C2    
456 O  O2    . U   B 7  ? 0.2305 0.2142 0.3040 0.0102  0.0126  -0.0515 42  U   B O2    
457 N  N3    . U   B 7  ? 0.2257 0.2226 0.2820 0.0005  0.0040  -0.0742 42  U   B N3    
458 C  C4    . U   B 7  ? 0.2298 0.2463 0.2366 -0.0084 -0.0063 -0.0957 42  U   B C4    
459 O  O4    . U   B 7  ? 0.2374 0.2475 0.2804 -0.0020 -0.0059 -0.0688 42  U   B O4    
460 C  C5    . U   B 7  ? 0.2341 0.2558 0.2580 -0.0226 -0.0026 -0.0890 42  U   B C5    
461 C  C6    . U   B 7  ? 0.2056 0.2674 0.2816 0.0167  0.0245  -0.0745 42  U   B C6    
462 P  P     . G   B 8  ? 0.3128 0.2432 0.4102 0.0290  0.0825  -0.0429 43  G   B P     
463 O  OP1   . G   B 8  ? 0.3351 0.2942 0.4597 0.0699  0.0830  -0.0756 43  G   B OP1   
464 O  OP2   . G   B 8  ? 0.3417 0.3150 0.3917 0.0065  0.1145  -0.0337 43  G   B OP2   
465 O  "O5'" . G   B 8  ? 0.3172 0.2408 0.3231 0.0187  0.0448  -0.0330 43  G   B "O5'" 
466 C  "C5'" . G   B 8  ? 0.2639 0.2288 0.3072 0.0089  -0.0068 -0.0373 43  G   B "C5'" 
467 C  "C4'" . G   B 8  ? 0.2576 0.2233 0.2985 -0.0010 -0.0359 -0.0265 43  G   B "C4'" 
468 O  "O4'" . G   B 8  ? 0.2526 0.2475 0.2601 0.0112  -0.0486 -0.0348 43  G   B "O4'" 
469 C  "C3'" . G   B 8  ? 0.2823 0.2114 0.2669 0.0106  -0.0262 -0.0119 43  G   B "C3'" 
470 O  "O3'" . G   B 8  ? 0.2714 0.2204 0.2898 0.0154  -0.0484 -0.0259 43  G   B "O3'" 
471 C  "C2'" . G   B 8  ? 0.2769 0.2236 0.2205 0.0094  -0.0401 -0.0210 43  G   B "C2'" 
472 O  "O2'" . G   B 8  ? 0.3094 0.2309 0.2323 0.0017  -0.0242 -0.0148 43  G   B "O2'" 
473 C  "C1'" . G   B 8  ? 0.2573 0.2274 0.2302 0.0004  -0.0456 -0.0302 43  G   B "C1'" 
474 N  N9    . G   B 8  ? 0.2277 0.2116 0.2231 0.0130  -0.0182 -0.0418 43  G   B N9    
475 C  C8    . G   B 8  ? 0.2380 0.2287 0.2345 0.0126  -0.0014 -0.0475 43  G   B C8    
476 N  N7    . G   B 8  ? 0.2599 0.2301 0.2190 0.0114  0.0072  -0.0477 43  G   B N7    
477 C  C5    . G   B 8  ? 0.2581 0.1830 0.2311 0.0278  -0.0081 -0.0430 43  G   B C5    
478 C  C6    . G   B 8  ? 0.2681 0.1949 0.2100 0.0374  -0.0010 -0.0475 43  G   B C6    
479 O  O6    . G   B 8  ? 0.2787 0.1847 0.2255 0.0439  -0.0013 -0.0421 43  G   B O6    
480 N  N1    . G   B 8  ? 0.2682 0.2003 0.1867 0.0122  -0.0260 -0.0635 43  G   B N1    
481 C  C2    . G   B 8  ? 0.2324 0.2264 0.1941 0.0346  -0.0137 -0.0455 43  G   B C2    
482 N  N2    . G   B 8  ? 0.2266 0.2237 0.1994 0.0341  -0.0303 -0.0383 43  G   B N2    
483 N  N3    . G   B 8  ? 0.2184 0.2198 0.2098 0.0326  -0.0148 -0.0482 43  G   B N3    
484 C  C4    . G   B 8  ? 0.2324 0.2149 0.2120 0.0239  -0.0100 -0.0400 43  G   B C4    
485 P  P     . G   B 9  ? 0.2964 0.2364 0.2844 0.0444  -0.0210 -0.0342 44  G   B P     
486 O  OP1   . G   B 9  ? 0.3132 0.2364 0.3351 0.0627  -0.0494 -0.0396 44  G   B OP1   
487 O  OP2   . G   B 9  ? 0.3228 0.2507 0.3312 0.0463  0.0572  -0.0477 44  G   B OP2   
488 O  "O5'" . G   B 9  ? 0.2891 0.2316 0.2240 0.0406  -0.0308 -0.0271 44  G   B "O5'" 
489 C  "C5'" . G   B 9  ? 0.2898 0.2858 0.1928 0.0300  -0.0606 -0.0007 44  G   B "C5'" 
490 C  "C4'" . G   B 9  ? 0.2808 0.2654 0.2014 0.0199  -0.0679 -0.0107 44  G   B "C4'" 
491 O  "O4'" . G   B 9  ? 0.2706 0.2697 0.1722 0.0183  -0.0508 -0.0125 44  G   B "O4'" 
492 C  "C3'" . G   B 9  ? 0.2837 0.2643 0.2100 0.0047  -0.0630 -0.0242 44  G   B "C3'" 
493 O  "O3'" . G   B 9  ? 0.3067 0.2649 0.2214 0.0019  -0.0408 -0.0281 44  G   B "O3'" 
494 C  "C2'" . G   B 9  ? 0.2936 0.2742 0.1871 0.0104  -0.0766 -0.0085 44  G   B "C2'" 
495 O  "O2'" . G   B 9  ? 0.2969 0.2778 0.2115 0.0287  -0.0548 -0.0120 44  G   B "O2'" 
496 C  "C1'" . G   B 9  ? 0.3221 0.2688 0.1643 0.0261  -0.0672 -0.0108 44  G   B "C1'" 
497 N  N9    . G   B 9  ? 0.2744 0.2289 0.1875 0.0653  -0.0437 -0.0236 44  G   B N9    
498 C  C8    . G   B 9  ? 0.2717 0.2444 0.1938 0.0638  -0.0468 -0.0392 44  G   B C8    
499 N  N7    . G   B 9  ? 0.2724 0.2711 0.1971 0.0499  -0.0404 -0.0287 44  G   B N7    
500 C  C5    . G   B 9  ? 0.2663 0.2189 0.1810 0.0583  -0.0253 -0.0402 44  G   B C5    
501 C  C6    . G   B 9  ? 0.2293 0.2056 0.1656 0.0270  -0.0281 -0.0556 44  G   B C6    
502 O  O6    . G   B 9  ? 0.2248 0.2215 0.2235 0.0159  -0.0462 -0.0201 44  G   B O6    
503 N  N1    . G   B 9  ? 0.2235 0.2042 0.1877 0.0186  -0.0285 -0.0645 44  G   B N1    
504 C  C2    . G   B 9  ? 0.2234 0.2344 0.1655 0.0326  -0.0286 -0.0343 44  G   B C2    
505 N  N2    . G   B 9  ? 0.2230 0.2526 0.2044 0.0133  -0.0399 -0.0096 44  G   B N2    
506 N  N3    . G   B 9  ? 0.2610 0.2316 0.1697 0.0532  -0.0393 -0.0415 44  G   B N3    
507 C  C4    . G   B 9  ? 0.2659 0.2250 0.1514 0.0583  -0.0380 -0.0388 44  G   B C4    
508 P  P     . C   B 10 ? 0.2685 0.2605 0.2462 0.0279  -0.0439 -0.0185 45  C   B P     
509 O  OP1   . C   B 10 ? 0.3085 0.2592 0.3016 0.0345  -0.0474 0.0050  45  C   B OP1   
510 O  OP2   . C   B 10 ? 0.2486 0.2528 0.2753 0.0301  -0.0389 -0.0268 45  C   B OP2   
511 O  "O5'" . C   B 10 ? 0.2595 0.2475 0.2032 -0.0155 -0.0262 -0.0088 45  C   B "O5'" 
512 C  "C5'" . C   B 10 ? 0.2486 0.2432 0.1997 0.0088  -0.0085 0.0262  45  C   B "C5'" 
513 C  "C4'" . C   B 10 ? 0.2487 0.2437 0.2137 0.0135  -0.0081 0.0328  45  C   B "C4'" 
514 O  "O4'" . C   B 10 ? 0.2879 0.2504 0.1825 0.0157  -0.0122 0.0263  45  C   B "O4'" 
515 C  "C3'" . C   B 10 ? 0.2501 0.2143 0.2045 -0.0048 -0.0262 0.0178  45  C   B "C3'" 
516 O  "O3'" . C   B 10 ? 0.3450 0.2112 0.2469 -0.0274 -0.0556 0.0253  45  C   B "O3'" 
517 C  "C2'" . C   B 10 ? 0.2234 0.2358 0.2059 -0.0004 -0.0385 0.0029  45  C   B "C2'" 
518 O  "O2'" . C   B 10 ? 0.2361 0.2668 0.2634 -0.0219 -0.0338 0.0404  45  C   B "O2'" 
519 C  "C1'" . C   B 10 ? 0.2512 0.2288 0.1841 0.0030  -0.0144 0.0165  45  C   B "C1'" 
520 N  N1    . C   B 10 ? 0.2386 0.2111 0.1683 0.0114  0.0013  -0.0085 45  C   B N1    
521 C  C2    . C   B 10 ? 0.2307 0.2019 0.1817 0.0188  0.0100  -0.0141 45  C   B C2    
522 O  O2    . C   B 10 ? 0.2218 0.2196 0.1975 0.0156  0.0119  -0.0018 45  C   B O2    
523 N  N3    . C   B 10 ? 0.2353 0.1731 0.1721 0.0239  0.0077  -0.0284 45  C   B N3    
524 C  C4    . C   B 10 ? 0.2444 0.2046 0.1578 0.0126  -0.0120 -0.0346 45  C   B C4    
525 N  N4    . C   B 10 ? 0.2308 0.2170 0.1893 0.0211  0.0245  -0.0386 45  C   B N4    
526 C  C5    . C   B 10 ? 0.2433 0.2320 0.1758 0.0038  -0.0440 -0.0127 45  C   B C5    
527 C  C6    . C   B 10 ? 0.2500 0.2428 0.1585 0.0004  -0.0237 -0.0059 45  C   B C6    
528 P  P     . C   B 11 ? 0.4333 0.2496 0.2445 0.0480  -0.0897 -0.0267 46  C   B P     
529 O  OP1   . C   B 11 ? 0.7525 0.2254 0.2672 0.0145  -0.1639 -0.0019 46  C   B OP1   
530 O  OP2   . C   B 11 ? 0.3793 0.3757 0.2439 0.1729  -0.0710 -0.0146 46  C   B OP2   
531 O  "O5'" . C   B 11 ? 0.2484 0.2119 0.2213 0.0341  -0.0310 -0.0376 46  C   B "O5'" 
532 C  "C5'" . C   B 11 ? 0.2321 0.1944 0.2194 -0.0224 0.0042  -0.0166 46  C   B "C5'" 
533 C  "C4'" . C   B 11 ? 0.1710 0.1989 0.1990 0.0063  0.0096  -0.0254 46  C   B "C4'" 
534 O  "O4'" . C   B 11 ? 0.2099 0.1871 0.2002 0.0102  0.0394  -0.0170 46  C   B "O4'" 
535 C  "C3'" . C   B 11 ? 0.1847 0.1960 0.1873 0.0114  0.0006  -0.0215 46  C   B "C3'" 
536 O  "O3'" . C   B 11 ? 0.2119 0.2036 0.1782 0.0085  -0.0106 -0.0207 46  C   B "O3'" 
537 C  "C2'" . C   B 11 ? 0.2013 0.2005 0.1688 0.0247  -0.0072 -0.0222 46  C   B "C2'" 
538 O  "O2'" . C   B 11 ? 0.2061 0.2238 0.1758 0.0128  -0.0148 -0.0094 46  C   B "O2'" 
539 C  "C1'" . C   B 11 ? 0.1950 0.2050 0.1629 -0.0088 0.0092  -0.0222 46  C   B "C1'" 
540 N  N1    . C   B 11 ? 0.1932 0.1807 0.1909 -0.0001 0.0014  -0.0238 46  C   B N1    
541 C  C2    . C   B 11 ? 0.1665 0.1917 0.1919 0.0201  0.0249  -0.0119 46  C   B C2    
542 O  O2    . C   B 11 ? 0.2003 0.2046 0.2122 0.0319  -0.0087 -0.0114 46  C   B O2    
543 N  N3    . C   B 11 ? 0.1802 0.1774 0.1953 0.0068  0.0179  -0.0303 46  C   B N3    
544 C  C4    . C   B 11 ? 0.1861 0.2055 0.1809 0.0138  0.0157  -0.0274 46  C   B C4    
545 N  N4    . C   B 11 ? 0.2248 0.2318 0.1758 -0.0134 -0.0167 -0.0268 46  C   B N4    
546 C  C5    . C   B 11 ? 0.1894 0.2131 0.1928 0.0192  0.0133  -0.0109 46  C   B C5    
547 C  C6    . C   B 11 ? 0.2052 0.1892 0.1795 0.0122  0.0045  -0.0267 46  C   B C6    
548 P  P     . C   B 12 ? 0.2193 0.2268 0.1891 0.0171  -0.0038 -0.0270 47  C   B P     
549 O  OP1   . C   B 12 ? 0.2988 0.2010 0.1621 0.0222  -0.0195 -0.0171 47  C   B OP1   
550 O  OP2   . C   B 12 ? 0.2077 0.2694 0.2377 0.0171  -0.0030 -0.0009 47  C   B OP2   
551 O  "O5'" . C   B 12 ? 0.1852 0.2434 0.2017 -0.0083 -0.0087 -0.0238 47  C   B "O5'" 
552 C  "C5'" . C   B 12 ? 0.1944 0.2307 0.2006 0.0004  0.0059  -0.0137 47  C   B "C5'" 
553 C  "C4'" . C   B 12 ? 0.2200 0.2466 0.2134 0.0038  0.0373  -0.0060 47  C   B "C4'" 
554 O  "O4'" . C   B 12 ? 0.2200 0.2073 0.2340 0.0111  0.0460  -0.0023 47  C   B "O4'" 
555 C  "C3'" . C   B 12 ? 0.2053 0.2767 0.2152 -0.0172 0.0280  -0.0319 47  C   B "C3'" 
556 O  "O3'" . C   B 12 ? 0.2269 0.2952 0.2041 -0.0218 0.0306  -0.0248 47  C   B "O3'" 
557 C  "C2'" . C   B 12 ? 0.1975 0.2698 0.2055 -0.0021 0.0155  -0.0097 47  C   B "C2'" 
558 O  "O2'" . C   B 12 ? 0.2078 0.3547 0.2277 -0.0122 0.0147  0.0518  47  C   B "O2'" 
559 C  "C1'" . C   B 12 ? 0.2016 0.2330 0.2142 0.0224  0.0311  -0.0014 47  C   B "C1'" 
560 N  N1    . C   B 12 ? 0.2238 0.1952 0.1997 0.0227  0.0174  -0.0172 47  C   B N1    
561 C  C2    . C   B 12 ? 0.2240 0.1908 0.1893 0.0258  0.0334  -0.0231 47  C   B C2    
562 O  O2    . C   B 12 ? 0.2201 0.2396 0.2471 0.0400  0.0338  0.0371  47  C   B O2    
563 N  N3    . C   B 12 ? 0.2326 0.1919 0.1727 0.0094  0.0337  -0.0190 47  C   B N3    
564 C  C4    . C   B 12 ? 0.2983 0.2102 0.1617 0.0036  0.0259  -0.0162 47  C   B C4    
565 N  N4    . C   B 12 ? 0.3262 0.2529 0.1392 -0.0149 0.0152  -0.0083 47  C   B N4    
566 C  C5    . C   B 12 ? 0.2658 0.1974 0.1819 0.0269  0.0417  0.0029  47  C   B C5    
567 C  C6    . C   B 12 ? 0.2318 0.2158 0.2056 0.0349  0.0503  -0.0001 47  C   B C6    
568 CA CA    . CA  C .  ? 0.1762 0.2185 0.1641 -0.0084 -0.0115 -0.0027 48  CA  A CA    
569 CA CA    . CA  D .  ? 0.1957 0.2229 0.1800 0.0228  0.0019  0.0091  49  CA  A CA    
570 CA CA    . CA  E .  ? 0.3051 0.3145 0.2843 0.0171  -0.0165 -0.0070 51  CA  A CA    
571 CA CA    . CA  F .  ? 0.2402 0.2521 0.1850 -0.0140 -0.0080 -0.0169 50  CA  A CA    
572 O  O     . HOH G .  ? 0.1898 0.2883 0.2655 0.0058  -0.0177 0.0150  52  HOH A O     
573 O  O     . HOH G .  ? 0.2646 0.2475 0.1921 -0.0197 -0.0066 -0.0150 53  HOH A O     
574 O  O     . HOH G .  ? 0.2601 0.2762 0.1648 -0.0092 -0.0398 0.0105  54  HOH A O     
575 O  O     . HOH G .  ? 0.2393 0.2387 0.3279 -0.0130 -0.0141 0.0326  55  HOH A O     
576 O  O     . HOH G .  ? 0.2359 0.3084 0.2407 0.0510  0.0125  0.0906  56  HOH A O     
577 O  O     . HOH G .  ? 0.5153 0.5750 0.5864 0.1262  -0.0403 0.1418  57  HOH A O     
578 O  O     . HOH G .  ? 0.2260 0.2331 0.2069 -0.0053 0.0248  -0.0099 58  HOH A O     
579 O  O     . HOH G .  ? 0.2134 0.3178 0.1541 0.0670  -0.0284 -0.0231 59  HOH A O     
580 O  O     . HOH G .  ? 0.2605 0.2622 0.1878 0.0099  -0.0101 0.0006  60  HOH A O     
581 O  O     . HOH G .  ? 0.3196 0.3627 0.2718 -0.0578 -0.0365 -0.0963 61  HOH A O     
582 O  O     . HOH G .  ? 0.2022 0.3194 0.2057 0.0188  -0.0045 -0.0224 62  HOH A O     
583 O  O     . HOH G .  ? 0.2272 0.2556 0.1814 -0.0019 -0.0154 -0.0005 63  HOH A O     
584 O  O     . HOH G .  ? 0.2201 0.2658 0.2400 -0.0071 -0.0105 -0.0248 64  HOH A O     
585 O  O     . HOH G .  ? 0.2090 0.3246 0.2740 -0.0460 0.0271  -0.0026 65  HOH A O     
586 O  O     . HOH G .  ? 0.2836 0.2552 0.2437 -0.0384 -0.0023 0.0281  66  HOH A O     
587 O  O     . HOH G .  ? 0.3063 0.4659 0.3569 0.0431  -0.0056 0.0501  67  HOH A O     
588 O  O     . HOH G .  ? 0.3284 0.5532 0.4242 0.0070  -0.0951 0.0399  68  HOH A O     
589 O  O     . HOH G .  ? 0.2472 0.3860 0.3429 -0.0532 -0.0238 0.0432  69  HOH A O     
590 O  O     . HOH G .  ? 0.2487 0.2891 0.2305 0.0129  -0.0090 -0.0229 70  HOH A O     
591 O  O     . HOH G .  ? 0.2372 0.4338 0.2904 0.0453  -0.0242 0.0372  71  HOH A O     
592 O  O     . HOH G .  ? 0.5720 0.4309 0.2974 0.0885  0.1179  0.0356  72  HOH A O     
593 O  O     . HOH G .  ? 0.4289 0.5882 0.4815 -0.0814 0.0248  0.0019  73  HOH A O     
594 O  O     . HOH G .  ? 0.4375 0.4583 0.3355 -0.1000 0.1113  0.0443  74  HOH A O     
595 O  O     . HOH G .  ? 0.4661 0.3753 0.3842 0.0567  -0.0820 0.0061  76  HOH A O     
596 O  O     . HOH G .  ? 0.3231 0.3585 0.2804 -0.0302 -0.0320 0.0036  77  HOH A O     
597 O  O     . HOH G .  ? 0.3316 0.5194 0.3656 -0.0019 0.0000  -0.0107 81  HOH A O     
598 O  O     . HOH G .  ? 0.3540 0.3582 0.3472 -0.0586 -0.0966 0.0554  82  HOH A O     
599 O  O     . HOH G .  ? 0.8722 0.2777 0.4866 0.0131  -0.0264 -0.0303 83  HOH A O     
600 O  O     . HOH G .  ? 0.3516 0.7262 0.5502 0.0600  -0.1136 0.0999  84  HOH A O     
601 O  O     . HOH G .  ? 0.2992 0.3201 0.2070 0.0325  -0.0614 -0.0408 85  HOH A O     
602 O  O     . HOH G .  ? 0.1974 0.2812 0.2441 0.0003  -0.0047 -0.0139 86  HOH A O     
603 O  O     . HOH G .  ? 0.2913 0.3217 0.2674 0.0628  -0.0029 0.0180  91  HOH A O     
604 O  O     . HOH G .  ? 0.5038 0.3948 0.2184 0.1298  -0.1008 0.0035  92  HOH A O     
605 O  O     . HOH G .  ? 0.3850 0.4647 0.6817 0.0020  0.0531  0.0186  93  HOH A O     
606 O  O     . HOH G .  ? 0.3158 0.4470 0.3772 -0.0063 0.0906  0.0995  94  HOH A O     
607 O  O     . HOH G .  ? 0.4192 0.3675 0.3067 -0.0090 -0.0942 0.0218  96  HOH A O     
608 O  O     . HOH G .  ? 0.3806 0.4860 0.3282 0.0913  -0.0214 -0.0139 97  HOH A O     
609 O  O     . HOH G .  ? 0.3107 0.3021 0.3228 0.0152  -0.0030 0.0701  98  HOH A O     
610 O  O     . HOH G .  ? 0.3218 0.4204 0.2422 0.0175  -0.0381 -0.0089 99  HOH A O     
611 O  O     . HOH G .  ? 0.4114 0.3870 0.2792 0.0474  -0.0767 -0.0703 100 HOH A O     
612 O  O     . HOH G .  ? 0.4170 0.2877 0.2690 0.0043  -0.0144 0.0323  101 HOH A O     
613 O  O     . HOH G .  ? 0.2144 0.3528 0.2950 0.0120  0.0200  0.0315  104 HOH A O     
614 O  O     . HOH G .  ? 0.2897 0.3704 0.3796 -0.0144 0.0458  0.0390  105 HOH A O     
615 O  O     . HOH G .  ? 0.5018 0.6281 0.4496 -0.0671 0.1136  -0.0160 106 HOH A O     
616 O  O     . HOH G .  ? 0.2830 0.4565 0.3135 -0.0234 -0.0124 -0.0815 107 HOH A O     
617 O  O     . HOH G .  ? 0.2525 0.2578 0.2493 0.0069  0.0055  -0.0035 110 HOH A O     
618 O  O     . HOH G .  ? 0.3899 0.4339 0.2345 -0.0361 0.0517  0.0013  111 HOH A O     
619 O  O     . HOH G .  ? 0.3345 0.3147 0.2655 -0.0589 -0.0017 -0.0322 112 HOH A O     
620 O  O     . HOH G .  ? 0.3930 0.3497 0.3007 -0.0195 -0.0228 0.0358  113 HOH A O     
621 O  O     . HOH G .  ? 0.2009 0.2585 0.2064 0.0029  -0.0158 -0.0174 115 HOH A O     
622 O  O     . HOH G .  ? 0.3379 0.3502 0.2897 0.1037  0.1199  0.1203  116 HOH A O     
623 O  O     . HOH G .  ? 0.2492 0.3976 0.1948 -0.0047 -0.0138 -0.0109 122 HOH A O     
624 O  O     . HOH G .  ? 0.2575 0.2895 0.2055 0.0076  -0.0198 0.0240  123 HOH A O     
625 O  O     . HOH G .  ? 0.4619 0.5051 0.3589 0.0228  0.0087  -0.0336 124 HOH A O     
626 O  O     . HOH G .  ? 0.2518 0.4591 0.2710 -0.0553 -0.0230 0.0834  127 HOH A O     
627 O  O     . HOH G .  ? 0.4402 0.4244 0.3573 0.0944  0.0424  -0.0625 128 HOH A O     
628 O  O     . HOH G .  ? 0.2545 0.3640 0.2610 -0.0790 -0.0492 0.0719  129 HOH A O     
629 O  O     . HOH G .  ? 0.5137 0.4366 0.3619 0.1799  -0.1008 -0.0261 131 HOH A O     
630 O  O     . HOH G .  ? 0.3267 0.5453 0.3010 0.1021  0.0109  0.0573  135 HOH A O     
631 O  O     . HOH G .  ? 0.2380 0.2904 0.1915 0.0372  0.0344  0.0006  136 HOH A O     
632 O  O     . HOH G .  ? 0.2205 0.2865 0.2794 0.0262  0.0005  0.0830  140 HOH A O     
633 O  O     . HOH G .  ? 0.3116 0.2955 0.2526 -0.0210 -0.0396 0.0077  141 HOH A O     
634 O  O     . HOH G .  ? 0.3609 0.7438 0.3221 0.0915  -0.0110 -0.0472 142 HOH A O     
635 O  O     . HOH G .  ? 0.2330 0.2885 0.3189 0.0139  0.0060  -0.0091 144 HOH A O     
636 O  O     . HOH G .  ? 0.2093 0.2765 0.2486 -0.0001 0.0198  0.0385  145 HOH A O     
637 O  O     . HOH G .  ? 0.3348 0.2795 0.2621 -0.0253 -0.0179 -0.0652 148 HOH A O     
638 O  O     . HOH G .  ? 0.2355 0.5690 0.2977 -0.0926 0.0260  0.0552  149 HOH A O     
639 O  O     . HOH G .  ? 0.4229 0.8412 0.4970 -0.0432 -0.1895 -0.0373 153 HOH A O     
640 O  O     . HOH G .  ? 0.5304 0.4936 0.4844 0.0435  -0.1900 0.0291  154 HOH A O     
641 O  O     . HOH G .  ? 0.6289 0.6312 0.3664 -0.1480 0.0508  -0.1834 155 HOH A O     
642 O  O     . HOH G .  ? 0.2761 0.3916 0.3114 -0.0602 -0.0313 -0.0282 156 HOH A O     
643 O  O     . HOH G .  ? 0.2369 0.2834 0.2968 -0.0168 -0.0397 -0.0625 157 HOH A O     
644 O  O     . HOH G .  ? 0.2234 0.2509 0.3150 0.0392  -0.0048 -0.0197 158 HOH A O     
645 O  O     . HOH G .  ? 0.2964 0.4510 0.2393 -0.1154 -0.0187 0.0006  159 HOH A O     
646 O  O     . HOH G .  ? 0.3551 0.5949 0.5077 -0.0992 -0.1155 -0.0509 164 HOH A O     
647 O  O     . HOH G .  ? 0.3067 0.4178 0.4207 -0.0092 -0.1125 0.1544  165 HOH A O     
648 O  O     . HOH G .  ? 0.3691 0.4020 0.3726 0.0523  -0.0296 0.0520  166 HOH A O     
649 O  O     . HOH G .  ? 0.4356 0.4780 0.3920 -0.0737 -0.1153 -0.0524 167 HOH A O     
650 O  O     . HOH G .  ? 0.3559 0.3709 0.5282 0.0072  -0.0463 0.0149  168 HOH A O     
651 O  O     . HOH G .  ? 0.6120 0.4960 0.5445 -0.0057 -0.1047 -0.0025 169 HOH A O     
652 O  O     . HOH G .  ? 0.4234 0.2331 0.5119 0.0115  0.0244  0.0493  170 HOH A O     
653 O  O     . HOH G .  ? 0.5233 0.3108 0.3596 0.0260  0.0927  -0.0381 172 HOH A O     
654 O  O     . HOH G .  ? 0.5300 0.6538 0.2926 -0.1828 -0.0095 -0.0883 173 HOH A O     
655 O  O     . HOH G .  ? 0.2519 0.4489 0.2956 -0.0077 0.0143  -0.0180 176 HOH A O     
656 O  O     . HOH G .  ? 0.6165 0.3512 0.3248 -0.0579 0.0416  0.0290  178 HOH A O     
657 O  O     . HOH G .  ? 0.5706 0.5528 0.3639 -0.0932 -0.1214 -0.0914 179 HOH A O     
658 O  O     . HOH G .  ? 0.3350 0.5083 0.5372 0.0934  0.0007  0.1786  181 HOH A O     
659 O  O     . HOH G .  ? 0.8897 0.4422 0.2597 0.3138  0.0768  -0.0018 182 HOH A O     
660 O  O     . HOH G .  ? 0.4710 0.5679 0.4421 0.2832  -0.0031 -0.0948 183 HOH A O     
661 O  O     . HOH G .  ? 0.3455 0.3068 0.2989 -0.0454 -0.0603 -0.0491 189 HOH A O     
662 O  O     . HOH G .  ? 0.4801 0.6188 0.5810 -0.1146 -0.1005 -0.0888 193 HOH A O     
663 O  O     . HOH G .  ? 0.4828 0.4598 0.3919 -0.1196 0.0350  0.0342  195 HOH A O     
664 O  O     . HOH G .  ? 0.2697 0.3509 0.7021 -0.0355 0.1021  -0.0903 196 HOH A O     
665 O  O     . HOH G .  ? 0.4957 0.3144 0.5948 0.1462  0.1093  0.0639  201 HOH A O     
666 O  O     . HOH G .  ? 0.5184 0.3797 0.4806 0.0633  0.0150  -0.1545 203 HOH A O     
667 O  O     . HOH G .  ? 0.4056 0.4897 0.6798 0.0299  0.1378  0.1143  205 HOH A O     
668 O  O     . HOH G .  ? 0.6601 0.6958 0.5584 0.1690  -0.0107 0.0572  206 HOH A O     
669 O  O     . HOH G .  ? 0.4744 0.7789 0.2913 0.0553  -0.0634 -0.0475 207 HOH A O     
670 O  O     . HOH G .  ? 0.4448 0.4730 0.5694 -0.0247 0.0169  0.0956  208 HOH A O     
671 O  O     . HOH G .  ? 0.6028 0.4319 0.5365 -0.0920 0.0450  0.1065  209 HOH A O     
672 O  O     . HOH G .  ? 0.7721 0.2870 0.4224 -0.1803 -0.0842 -0.0007 210 HOH A O     
673 O  O     . HOH G .  ? 0.8674 0.5694 0.4830 0.1077  -0.0168 0.1676  214 HOH A O     
674 O  O     . HOH G .  ? 0.7202 0.7795 0.6070 0.1262  -0.2837 0.0793  215 HOH A O     
675 O  O     . HOH G .  ? 0.7092 0.5654 0.7197 0.0964  0.0576  0.0125  216 HOH A O     
676 O  O     . HOH G .  ? 0.5351 0.4023 0.5336 -0.0431 -0.0212 -0.0665 217 HOH A O     
677 O  O     . HOH G .  ? 0.5403 0.5134 0.7015 -0.2172 -0.0204 -0.0146 218 HOH A O     
678 O  O     . HOH G .  ? 0.3149 0.6738 0.6719 -0.0026 0.1094  0.0163  223 HOH A O     
679 O  O     . HOH G .  ? 0.6546 0.6794 0.3535 -0.2602 0.1131  -0.0670 224 HOH A O     
680 O  O     . HOH G .  ? 0.6322 0.5525 0.6781 0.0185  0.0193  -0.0836 225 HOH A O     
681 O  O     . HOH G .  ? 0.5649 0.5768 0.6825 -0.0746 0.1158  -0.0156 226 HOH A O     
682 O  O     . HOH H .  ? 0.3202 0.3857 0.3077 -0.0148 -0.0343 -0.0224 75  HOH B O     
683 O  O     . HOH H .  ? 0.5159 0.3751 0.2869 0.0967  0.0010  0.0491  78  HOH B O     
684 O  O     . HOH H .  ? 0.5203 0.5190 0.4649 0.1687  0.0053  -0.0316 79  HOH B O     
685 O  O     . HOH H .  ? 0.5403 0.3858 0.4472 0.0585  -0.0335 -0.0407 80  HOH B O     
686 O  O     . HOH H .  ? 0.4059 0.4232 0.2302 0.0412  -0.0523 -0.0514 87  HOH B O     
687 O  O     . HOH H .  ? 0.3543 0.4776 0.2435 0.0111  0.0222  -0.0352 88  HOH B O     
688 O  O     . HOH H .  ? 0.3352 0.3427 0.3322 -0.0346 -0.0609 -0.0026 89  HOH B O     
689 O  O     . HOH H .  ? 0.2519 0.2972 0.4102 0.0147  0.0124  -0.0555 90  HOH B O     
690 O  O     . HOH H .  ? 0.2528 0.3718 0.5058 0.0150  0.0470  0.0001  95  HOH B O     
691 O  O     . HOH H .  ? 0.3617 0.3570 0.2826 0.0542  -0.0800 -0.0736 102 HOH B O     
692 O  O     . HOH H .  ? 0.2588 0.3964 0.2314 -0.0581 0.0010  -0.0594 103 HOH B O     
693 O  O     . HOH H .  ? 0.2493 0.4841 0.3988 0.0348  -0.0495 -0.1003 108 HOH B O     
694 O  O     . HOH H .  ? 0.2440 0.3471 0.3993 0.0244  0.0380  0.0946  109 HOH B O     
695 O  O     . HOH H .  ? 0.1889 0.3172 0.2653 0.0331  0.0059  0.0005  114 HOH B O     
696 O  O     . HOH H .  ? 0.3143 0.3198 0.2544 0.0440  -0.0374 -0.0047 117 HOH B O     
697 O  O     . HOH H .  ? 0.6765 0.5546 0.7793 0.1138  0.1366  0.0506  118 HOH B O     
698 O  O     . HOH H .  ? 0.3197 0.4305 0.2542 0.0856  -0.0588 0.0026  119 HOH B O     
699 O  O     . HOH H .  ? 0.2694 0.4616 0.3541 0.0323  0.0121  0.0193  120 HOH B O     
700 O  O     . HOH H .  ? 0.3129 0.3556 0.2791 0.1036  -0.0314 -0.0211 121 HOH B O     
701 O  O     . HOH H .  ? 0.5324 0.6056 0.4390 -0.0462 -0.0122 0.1056  125 HOH B O     
702 O  O     . HOH H .  ? 0.5359 0.5797 0.4233 0.2060  -0.0112 0.0104  126 HOH B O     
703 O  O     . HOH H .  ? 0.4348 0.3324 0.3122 0.0280  0.0524  0.0159  130 HOH B O     
704 O  O     . HOH H .  ? 0.3241 0.4212 0.6270 0.0236  -0.0998 0.0971  132 HOH B O     
705 O  O     . HOH H .  ? 0.4551 0.3902 0.3447 0.0182  -0.0848 0.0166  133 HOH B O     
706 O  O     . HOH H .  ? 0.4440 0.5022 0.5645 -0.0552 0.0256  -0.0027 134 HOH B O     
707 O  O     . HOH H .  ? 0.1913 0.2790 0.3098 0.0171  -0.0154 -0.0371 137 HOH B O     
708 O  O     . HOH H .  ? 0.2171 0.3032 0.2056 0.0010  -0.0238 -0.0079 138 HOH B O     
709 O  O     . HOH H .  ? 0.2224 0.2669 0.2315 -0.0049 0.0160  -0.0195 139 HOH B O     
710 O  O     . HOH H .  ? 0.3667 0.3410 0.4318 0.0301  0.0200  0.0367  143 HOH B O     
711 O  O     . HOH H .  ? 0.4004 0.3669 0.2874 -0.0223 -0.0281 -0.0701 146 HOH B O     
712 O  O     . HOH H .  ? 0.3374 0.3776 0.3867 -0.0642 -0.0517 0.0879  147 HOH B O     
713 O  O     . HOH H .  ? 0.3968 0.4498 0.4043 -0.0575 0.1603  -0.1583 150 HOH B O     
714 O  O     . HOH H .  ? 0.5088 0.5944 0.3056 0.0614  -0.0196 0.0294  151 HOH B O     
715 O  O     . HOH H .  ? 0.4905 0.5425 0.4803 0.0664  0.1169  0.0995  152 HOH B O     
716 O  O     . HOH H .  ? 0.4058 0.3255 0.3244 -0.0719 -0.0544 -0.0142 160 HOH B O     
717 O  O     . HOH H .  ? 0.4263 0.3632 0.4108 0.0512  0.0012  -0.0484 161 HOH B O     
718 O  O     . HOH H .  ? 0.6511 0.3159 0.4940 -0.0263 -0.0174 0.0781  162 HOH B O     
719 O  O     . HOH H .  ? 0.3893 0.4866 0.4074 0.1554  -0.1048 -0.0327 163 HOH B O     
720 O  O     . HOH H .  ? 0.7589 0.2743 0.4865 0.0463  -0.0243 0.0146  171 HOH B O     
721 O  O     . HOH H .  ? 0.4726 0.3912 0.3781 -0.0007 0.1207  -0.0197 174 HOH B O     
722 O  O     . HOH H .  ? 0.4894 0.6725 0.3814 0.1042  -0.0195 0.0123  175 HOH B O     
723 O  O     . HOH H .  ? 0.4798 0.6990 0.3829 -0.0240 -0.1045 0.1084  177 HOH B O     
724 O  O     . HOH H .  ? 0.5226 0.3983 0.3318 -0.0318 0.0546  -0.0424 180 HOH B O     
725 O  O     . HOH H .  ? 0.5370 0.4695 0.3969 -0.1639 -0.0790 -0.0514 184 HOH B O     
726 O  O     . HOH H .  ? 0.2655 0.6438 0.4733 0.0351  -0.0209 0.0196  185 HOH B O     
727 O  O     . HOH H .  ? 0.2948 0.7219 0.4839 -0.0386 -0.0545 0.0518  186 HOH B O     
728 O  O     . HOH H .  ? 0.4239 0.6259 0.3711 -0.0956 0.0032  0.0258  187 HOH B O     
729 O  O     . HOH H .  ? 0.5301 0.4630 0.3764 0.0426  -0.0674 -0.0004 188 HOH B O     
730 O  O     . HOH H .  ? 0.4353 0.3717 0.4158 -0.0701 0.0741  -0.0527 190 HOH B O     
731 O  O     . HOH H .  ? 0.7775 0.4912 0.2900 0.3025  0.0068  0.0551  191 HOH B O     
732 O  O     . HOH H .  ? 0.3435 0.5724 0.5250 -0.0770 -0.1141 -0.0941 192 HOH B O     
733 O  O     . HOH H .  ? 0.5673 0.4699 0.3564 -0.0168 0.0489  0.1401  194 HOH B O     
734 O  O     . HOH H .  ? 0.4017 0.5431 0.5976 -0.1878 -0.0373 0.0458  197 HOH B O     
735 O  O     . HOH H .  ? 0.6228 0.3805 0.5098 0.1359  0.1364  -0.0265 198 HOH B O     
736 O  O     . HOH H .  ? 0.4277 0.5819 0.3825 -0.0659 -0.0742 -0.0347 199 HOH B O     
737 O  O     . HOH H .  ? 0.4172 0.5653 0.4429 -0.0739 -0.1448 0.0746  200 HOH B O     
738 O  O     . HOH H .  ? 0.5377 0.8220 0.5332 -0.1154 0.0251  -0.1371 202 HOH B O     
739 O  O     . HOH H .  ? 0.4600 0.6551 0.4792 -0.0097 0.0053  -0.0212 204 HOH B O     
740 O  O     . HOH H .  ? 0.6197 0.7253 0.3385 -0.2024 0.0448  -0.0128 211 HOH B O     
741 O  O     . HOH H .  ? 0.3640 0.6754 0.5869 0.0941  0.0043  -0.0134 212 HOH B O     
742 O  O     . HOH H .  ? 0.5977 0.5739 0.3326 0.0492  0.0353  -0.0441 213 HOH B O     
743 O  O     . HOH H .  ? 0.7399 0.6432 0.4628 -0.0277 -0.0872 0.1508  219 HOH B O     
744 O  O     . HOH H .  ? 0.6816 0.5605 0.3208 -0.0793 -0.0601 0.0628  220 HOH B O     
745 O  O     . HOH H .  ? 0.7298 0.5822 0.5651 0.2300  -0.0400 0.1232  221 HOH B O     
746 O  O     . HOH H .  ? 0.7936 0.7845 1.0016 0.0918  0.0724  0.0117  222 HOH B O     
747 O  O     . HOH H .  ? 0.6148 0.6477 0.2878 0.1283  -0.0228 0.0943  227 HOH B O     
748 O  O     . HOH H .  ? 0.6274 0.6883 0.4508 0.1053  0.0054  0.0713  228 HOH B O     
749 O  O     . HOH H .  ? 0.7449 0.8535 0.3326 0.0100  -0.2287 -0.0311 229 HOH B O     
# 
